data_7XE4
#
_entry.id   7XE4
#
_cell.length_a   1.00
_cell.length_b   1.00
_cell.length_c   1.00
_cell.angle_alpha   90.00
_cell.angle_beta   90.00
_cell.angle_gamma   90.00
#
_symmetry.space_group_name_H-M   'P 1'
#
loop_
_entity.id
_entity.type
_entity.pdbx_description
1 polymer '1,3-beta-glucan synthase component FKS1'
2 branched 2-acetamido-2-deoxy-beta-D-glucopyranose-(1-4)-2-acetamido-2-deoxy-beta-D-glucopyranose
3 non-polymer nonane
4 non-polymer DECANE
5 non-polymer TETRADECANE
6 non-polymer HEPTANE
7 non-polymer DODECANE
8 non-polymer '(11R,14S)-17-amino-14-hydroxy-8,14-dioxo-9,13,15-trioxa-14lambda~5~-phosphaheptadecan-11-yl decanoate'
#
_entity_poly.entity_id   1
_entity_poly.type   'polypeptide(L)'
_entity_poly.pdbx_seq_one_letter_code
;MNTDQQPYQGQTDYTQGPGNGQSQEQDYDQYGQPLYPSQADGYYDPNVAAGTEADMYGQQPPNESYDQDYTNGEYYGQPP
NMAAQDGENFSDFSSYGPPGTPGYDSYGGQYTASQMSYGEPNSSGTSTPIYGNYDPNAIAMALPNEPYPAWTADSQSPVS
IEQIEDIFIDLTNRLGFQRDSMRNMFDHFMVLLDSRSSRMSPDQALLSLHADYIGGDTANYKKWYFAAQLDMDDEIGFRN
MSLGKLSRKARKAKKKNKKAMEEANPEDTEETLNKIEGDNSLEAADFRWKAKMNQLSPLERVRHIALYLLCWGEANQVRF
TAECLCFIYKCALDYLDSPLCQQRQEPMPEGDFLNRVITPIYHFIRNQVYEIVDGRFVKRERDHNKIVGYDDLNQLFWYP
EGIAKIVLEDGTKLIELPLEERYLRLGDVVWDDVFFKTYKETRTWLHLVTNFNRIWVMHISIFWMYFAYNSPTFYTHNYQ
QLVDNQPLAAYKWASCALGGTVASLIQIVATLCEWSFVPRKWAGAQHLSRRFWFLCIIFGINLGPIIFVFAYDKDTVYST
AAHVVAAVMFFVAVATIIFFSIMPLGGLFTSYMKKSTRRYVASQTFTAAFAPLHGLDRWMSYLVWVTVFAAKYSESYYFL
VLSLRDPIRILSTTAMRCTGEYWWGAVLCKVQPKIVLGLVIATDFILFFLDTYLWYIIVNTIFSVGKSFYLGISILTPWR
NIFTRLPKRIYSKILATTDMEIKYKPKVLISQVWNAIIISMYREHLLAIDHVQKLLYHQVPSEIEGKRTLRAPTFFVSQD
DNNFETEFFPRDSEAERRISFFAQSLSTPIPEPLPVDNMPTFTVLTPHYAERILLSLREIIREDDQFSRVTLLEYLKQLH
PVEWECFVKDTKILAEETAAYEGNENEAEKEDALKSQIDDLPFYCIGFKSAAPEYTLRTRIWASLRSQTLYRTISGFMNY
SRAIKLLYRVENPEIVQMFGGNAEGLERELEKMARRKFKFLVSMQRLAKFKPHELENAEFLLRAYPDLQIAYLDEEPPLT
EGEEPRIYSALIDGHCEILDNGRRRPKFRVQLSGNPILGDGKSDNQNHALIFYRGEYIQLIDANQDNYLEECLKIRSVLA
EFEELNVEQVNPYAPGLRYEEQTTNHPVAIVGAREYIFSENSGVLGDVAAGKEQTFGTLFARTLSQIGGKLHYGHPDFIN
ATFMTTRGGVSKAQKGLHLNEDIYAGMNAMLRGGRIKHCEYYQCGKGRDLGFGTILNFTTKIGAGMGEQMLSREYYYLGT
QLPVDRFLTFYYAHPGFHLNNLFIQLSLQMFMLTLVNLSSLAHESIMCIYDRNKPKTDVLVPIGCYNFQPAVDWVRRYTL
SIFIVFWIAFVPIVVQELIERGLWKATQRFFCHLLSLSPMFEVFAGQIYSSALLSDLAIGGARYISTGRGFATSRIPFSI
LYSRFAGSAIYMGARSMLMLLFGTVAHWQAPLLWFWASLSSLIFAPFVFNPHQFAWEDFFLDYRDYIRWLSRGNNQYHRN
SWIGYVRMSRARITGFKRKLVGDESEKAAGDASRAHRTNLIMAEIIPCAIYAAGCFIAFTFINAQTGVKTTDDDRVNSVL
RIIICTLAPIAVNLGVLFFCMGMSCCSGPLFGMCCKKTGSVMAGIAHGVAVIVHIAFFIVMWVLESFNFVRMLIGVVTCI
QCQRLIFHCMTALMLTREFKNDHANTAFWTGKWYGKGMGYMAWTQPSRELTAKVIELSEFAADFVLGHVILICQLPLIII
PKIDKFHSIMLFWLKPSRQIRPPIYSLKQTRLRKRMVKKYCSLYFLVLAIFAGCIIGPAVASAKIHKHIGDSLDGVVHNL
FQPINTTNNDTGSQMSTYQSHYYTHTPSLKTWSTIK
;
_entity_poly.pdbx_strand_id   F
#
# COMPACT_ATOMS: atom_id res chain seq x y z
N GLU A 146 -46.38 16.37 -9.43
CA GLU A 146 -46.97 15.12 -9.89
C GLU A 146 -45.87 14.06 -9.98
N PRO A 147 -46.24 12.78 -9.97
CA PRO A 147 -45.22 11.73 -9.84
C PRO A 147 -44.40 11.50 -11.11
N TYR A 148 -43.62 10.42 -11.08
CA TYR A 148 -42.49 10.16 -11.95
C TYR A 148 -42.85 10.40 -13.42
N PRO A 149 -42.35 11.46 -14.03
CA PRO A 149 -42.84 11.85 -15.36
C PRO A 149 -42.09 11.24 -16.52
N ALA A 150 -41.84 9.93 -16.49
CA ALA A 150 -41.38 9.24 -17.69
C ALA A 150 -42.00 7.87 -17.88
N TRP A 151 -42.53 7.25 -16.84
CA TRP A 151 -43.27 6.00 -16.94
C TRP A 151 -44.77 6.23 -16.97
N THR A 152 -45.27 7.17 -16.18
CA THR A 152 -46.69 7.50 -16.15
C THR A 152 -47.09 8.49 -17.23
N ALA A 153 -46.23 9.46 -17.56
CA ALA A 153 -46.58 10.49 -18.52
C ALA A 153 -46.48 10.02 -19.97
N ASP A 154 -46.21 8.74 -20.19
CA ASP A 154 -46.20 8.17 -21.52
C ASP A 154 -47.48 7.37 -21.73
N SER A 155 -47.68 6.88 -22.96
CA SER A 155 -48.91 6.21 -23.34
C SER A 155 -48.63 4.80 -23.86
N GLN A 156 -47.39 4.32 -23.66
CA GLN A 156 -47.06 2.97 -24.09
C GLN A 156 -46.37 2.19 -22.98
N SER A 157 -46.77 2.45 -21.74
CA SER A 157 -46.22 1.72 -20.61
C SER A 157 -46.91 0.36 -20.50
N PRO A 158 -46.15 -0.73 -20.50
CA PRO A 158 -46.79 -2.07 -20.44
C PRO A 158 -47.69 -2.26 -19.23
N VAL A 159 -47.37 -1.66 -18.10
CA VAL A 159 -48.20 -1.81 -16.90
C VAL A 159 -48.55 -0.44 -16.35
N SER A 160 -49.36 -0.42 -15.29
CA SER A 160 -49.81 0.81 -14.67
C SER A 160 -49.32 0.84 -13.22
N ILE A 161 -49.04 2.04 -12.73
CA ILE A 161 -48.47 2.23 -11.40
C ILE A 161 -49.37 1.61 -10.34
N GLU A 162 -50.67 1.47 -10.64
CA GLU A 162 -51.57 0.82 -9.70
C GLU A 162 -51.30 -0.68 -9.61
N GLN A 163 -50.99 -1.31 -10.74
CA GLN A 163 -50.72 -2.74 -10.74
C GLN A 163 -49.45 -3.05 -9.95
N ILE A 164 -48.45 -2.19 -10.03
CA ILE A 164 -47.20 -2.41 -9.29
C ILE A 164 -47.47 -2.39 -7.79
N GLU A 165 -48.25 -1.40 -7.34
CA GLU A 165 -48.63 -1.36 -5.93
C GLU A 165 -49.43 -2.60 -5.54
N ASP A 166 -50.32 -3.06 -6.43
CA ASP A 166 -51.07 -4.27 -6.12
C ASP A 166 -50.13 -5.45 -5.89
N ILE A 167 -49.14 -5.60 -6.77
CA ILE A 167 -48.20 -6.71 -6.66
C ILE A 167 -47.41 -6.61 -5.36
N PHE A 168 -46.91 -5.41 -5.05
CA PHE A 168 -46.12 -5.24 -3.83
C PHE A 168 -46.94 -5.52 -2.59
N ILE A 169 -48.19 -5.04 -2.55
CA ILE A 169 -49.04 -5.26 -1.39
C ILE A 169 -49.29 -6.74 -1.19
N ASP A 170 -49.64 -7.45 -2.27
CA ASP A 170 -49.89 -8.88 -2.14
C ASP A 170 -48.65 -9.63 -1.66
N LEU A 171 -47.49 -9.29 -2.25
CA LEU A 171 -46.27 -10.01 -1.94
C LEU A 171 -45.84 -9.78 -0.50
N THR A 172 -46.00 -8.55 0.00
CA THR A 172 -45.80 -8.28 1.42
C THR A 172 -46.79 -9.06 2.26
N ASN A 173 -48.03 -9.14 1.80
CA ASN A 173 -49.08 -9.76 2.59
C ASN A 173 -48.82 -11.24 2.82
N ARG A 174 -48.29 -11.93 1.83
CA ARG A 174 -48.19 -13.38 1.93
C ARG A 174 -46.81 -13.86 2.38
N LEU A 175 -45.88 -12.96 2.70
CA LEU A 175 -44.61 -13.42 3.24
C LEU A 175 -44.21 -12.71 4.53
N GLY A 176 -45.03 -11.76 4.98
CA GLY A 176 -44.78 -11.13 6.26
C GLY A 176 -43.65 -10.12 6.30
N PHE A 177 -43.32 -9.51 5.17
CA PHE A 177 -42.29 -8.48 5.16
C PHE A 177 -42.71 -7.30 6.02
N GLN A 178 -41.73 -6.63 6.59
CA GLN A 178 -41.99 -5.45 7.39
C GLN A 178 -42.64 -4.37 6.52
N ARG A 179 -43.61 -3.67 7.10
CA ARG A 179 -44.50 -2.83 6.32
C ARG A 179 -43.81 -1.64 5.66
N ASP A 180 -42.95 -0.92 6.37
CA ASP A 180 -42.36 0.32 5.87
C ASP A 180 -41.28 0.08 4.83
N SER A 181 -40.50 -1.00 4.99
CA SER A 181 -39.52 -1.35 3.97
C SER A 181 -40.18 -1.63 2.64
N MET A 182 -41.45 -2.04 2.65
CA MET A 182 -42.19 -2.21 1.41
C MET A 182 -42.33 -0.89 0.67
N ARG A 183 -42.73 0.17 1.37
CA ARG A 183 -42.82 1.48 0.75
C ARG A 183 -41.46 1.91 0.22
N ASN A 184 -40.42 1.68 1.03
CA ASN A 184 -39.07 2.07 0.62
C ASN A 184 -38.68 1.40 -0.69
N MET A 185 -38.83 0.08 -0.75
CA MET A 185 -38.41 -0.65 -1.94
C MET A 185 -39.27 -0.27 -3.15
N PHE A 186 -40.55 0.00 -2.91
CA PHE A 186 -41.41 0.43 -4.02
C PHE A 186 -40.92 1.72 -4.63
N ASP A 187 -40.59 2.70 -3.78
CA ASP A 187 -40.08 3.97 -4.28
C ASP A 187 -38.77 3.76 -5.03
N HIS A 188 -37.89 2.92 -4.48
CA HIS A 188 -36.61 2.67 -5.13
C HIS A 188 -36.81 2.08 -6.52
N PHE A 189 -37.67 1.06 -6.63
CA PHE A 189 -37.91 0.42 -7.91
C PHE A 189 -38.48 1.39 -8.92
N MET A 190 -39.45 2.20 -8.51
CA MET A 190 -40.09 3.11 -9.45
C MET A 190 -39.13 4.19 -9.93
N VAL A 191 -38.27 4.69 -9.02
CA VAL A 191 -37.28 5.67 -9.45
C VAL A 191 -36.30 5.04 -10.42
N LEU A 192 -35.96 3.76 -10.20
CA LEU A 192 -35.07 3.08 -11.12
C LEU A 192 -35.68 2.97 -12.50
N LEU A 193 -36.96 2.62 -12.58
CA LEU A 193 -37.64 2.57 -13.87
C LEU A 193 -37.69 3.94 -14.54
N ASP A 194 -38.03 4.97 -13.77
CA ASP A 194 -38.06 6.33 -14.31
C ASP A 194 -36.72 6.70 -14.92
N SER A 195 -35.63 6.47 -14.19
CA SER A 195 -34.31 6.82 -14.71
C SER A 195 -33.98 6.01 -15.96
N ARG A 196 -34.27 4.72 -15.97
CA ARG A 196 -33.88 3.89 -17.09
C ARG A 196 -34.73 4.12 -18.33
N SER A 197 -35.91 4.71 -18.20
CA SER A 197 -36.83 4.86 -19.32
C SER A 197 -36.81 6.26 -19.92
N SER A 198 -35.81 7.08 -19.62
CA SER A 198 -35.69 8.40 -20.18
C SER A 198 -34.80 8.45 -21.41
N ARG A 199 -34.20 7.33 -21.80
CA ARG A 199 -33.37 7.30 -23.00
C ARG A 199 -33.68 6.07 -23.86
N MET A 200 -34.84 5.47 -23.70
CA MET A 200 -35.24 4.30 -24.48
C MET A 200 -36.75 4.15 -24.35
N SER A 201 -37.31 3.24 -25.14
CA SER A 201 -38.72 2.95 -25.03
C SER A 201 -39.03 2.27 -23.70
N PRO A 202 -40.16 2.60 -23.08
CA PRO A 202 -40.50 1.97 -21.80
C PRO A 202 -40.66 0.47 -21.89
N ASP A 203 -40.89 -0.07 -23.08
CA ASP A 203 -40.94 -1.52 -23.25
C ASP A 203 -39.60 -2.19 -23.02
N GLN A 204 -38.49 -1.45 -23.16
CA GLN A 204 -37.16 -2.00 -23.06
C GLN A 204 -36.52 -1.75 -21.70
N ALA A 205 -36.95 -0.73 -20.97
CA ALA A 205 -36.39 -0.48 -19.65
C ALA A 205 -36.65 -1.66 -18.72
N LEU A 206 -37.89 -2.15 -18.70
CA LEU A 206 -38.23 -3.28 -17.84
C LEU A 206 -37.45 -4.52 -18.25
N LEU A 207 -37.31 -4.75 -19.55
CA LEU A 207 -36.56 -5.90 -20.03
C LEU A 207 -35.11 -5.81 -19.58
N SER A 208 -34.51 -4.64 -19.70
CA SER A 208 -33.10 -4.49 -19.31
C SER A 208 -32.91 -4.68 -17.81
N LEU A 209 -33.84 -4.15 -17.01
CA LEU A 209 -33.75 -4.37 -15.57
C LEU A 209 -33.87 -5.85 -15.21
N HIS A 210 -34.83 -6.54 -15.81
CA HIS A 210 -34.96 -7.96 -15.52
C HIS A 210 -33.69 -8.71 -15.92
N ALA A 211 -33.14 -8.39 -17.09
CA ALA A 211 -31.93 -9.06 -17.54
C ALA A 211 -30.75 -8.78 -16.61
N ASP A 212 -30.62 -7.54 -16.16
CA ASP A 212 -29.48 -7.18 -15.33
C ASP A 212 -29.59 -7.71 -13.92
N TYR A 213 -30.79 -7.85 -13.39
CA TYR A 213 -30.91 -8.34 -12.02
C TYR A 213 -30.97 -9.87 -11.97
N ILE A 214 -31.93 -10.48 -12.66
CA ILE A 214 -32.05 -11.93 -12.61
C ILE A 214 -32.37 -12.51 -13.99
N GLY A 215 -31.36 -13.04 -14.67
CA GLY A 215 -31.64 -13.78 -15.88
C GLY A 215 -30.68 -13.55 -17.04
N GLY A 216 -30.05 -12.38 -17.09
CA GLY A 216 -29.09 -12.10 -18.13
C GLY A 216 -27.75 -12.75 -17.84
N ASP A 217 -26.85 -12.62 -18.81
CA ASP A 217 -25.50 -13.12 -18.65
C ASP A 217 -24.68 -12.31 -17.66
N THR A 218 -25.20 -11.17 -17.23
CA THR A 218 -24.54 -10.32 -16.24
C THR A 218 -25.08 -10.57 -14.83
N ALA A 219 -26.29 -11.08 -14.70
CA ALA A 219 -26.90 -11.25 -13.39
C ALA A 219 -26.12 -12.25 -12.55
N ASN A 220 -26.08 -11.99 -11.24
CA ASN A 220 -25.40 -12.89 -10.31
C ASN A 220 -26.23 -14.14 -10.05
N TYR A 221 -27.56 -13.99 -10.04
CA TYR A 221 -28.42 -15.12 -9.73
C TYR A 221 -28.25 -16.24 -10.74
N LYS A 222 -28.05 -15.90 -12.01
CA LYS A 222 -27.79 -16.92 -13.01
C LYS A 222 -26.50 -17.66 -12.71
N LYS A 223 -25.45 -16.93 -12.35
CA LYS A 223 -24.18 -17.56 -12.03
C LYS A 223 -24.33 -18.54 -10.90
N TRP A 224 -24.96 -18.12 -9.80
CA TRP A 224 -25.11 -19.02 -8.67
C TRP A 224 -25.99 -20.21 -9.02
N TYR A 225 -27.07 -19.97 -9.76
CA TYR A 225 -27.97 -21.05 -10.12
C TYR A 225 -27.23 -22.13 -10.90
N PHE A 226 -26.48 -21.72 -11.92
CA PHE A 226 -25.72 -22.72 -12.67
C PHE A 226 -24.69 -23.40 -11.77
N ALA A 227 -23.86 -22.63 -11.09
CA ALA A 227 -22.73 -23.22 -10.37
C ALA A 227 -23.15 -24.14 -9.22
N ALA A 228 -24.30 -23.91 -8.60
CA ALA A 228 -24.65 -24.70 -7.44
C ALA A 228 -25.85 -25.60 -7.68
N GLN A 229 -26.91 -25.06 -8.26
CA GLN A 229 -28.17 -25.77 -8.28
C GLN A 229 -28.13 -26.91 -9.29
N LEU A 230 -27.28 -26.79 -10.30
CA LEU A 230 -27.17 -27.85 -11.30
C LEU A 230 -25.71 -28.07 -11.70
N ASP A 231 -24.80 -27.94 -10.75
CA ASP A 231 -23.38 -28.24 -10.92
C ASP A 231 -22.73 -27.42 -12.03
N MET A 232 -22.15 -28.08 -13.03
CA MET A 232 -21.64 -27.38 -14.23
C MET A 232 -20.63 -26.28 -13.90
N ASP A 233 -19.81 -26.51 -12.89
CA ASP A 233 -18.78 -25.52 -12.60
C ASP A 233 -17.56 -25.70 -13.50
N ASP A 234 -17.24 -26.94 -13.85
CA ASP A 234 -16.07 -27.20 -14.68
C ASP A 234 -16.24 -26.64 -16.09
N GLU A 235 -17.46 -26.74 -16.64
CA GLU A 235 -17.69 -26.29 -18.00
C GLU A 235 -17.41 -24.79 -18.14
N ILE A 236 -17.77 -24.02 -17.12
CA ILE A 236 -17.52 -22.58 -17.15
C ILE A 236 -16.02 -22.32 -17.20
N GLY A 237 -15.25 -23.05 -16.41
CA GLY A 237 -13.81 -22.88 -16.45
C GLY A 237 -13.23 -23.25 -17.80
N PHE A 238 -13.73 -24.34 -18.38
CA PHE A 238 -13.25 -24.76 -19.70
C PHE A 238 -13.55 -23.69 -20.75
N ARG A 239 -14.75 -23.14 -20.73
CA ARG A 239 -15.08 -22.08 -21.67
C ARG A 239 -14.27 -20.82 -21.43
N ASN A 240 -13.99 -20.49 -20.16
CA ASN A 240 -13.17 -19.33 -19.87
C ASN A 240 -11.77 -19.49 -20.44
N MET A 241 -11.13 -20.64 -20.20
CA MET A 241 -9.80 -20.84 -20.75
C MET A 241 -9.84 -21.00 -22.26
N SER A 242 -10.99 -21.33 -22.84
CA SER A 242 -11.10 -21.37 -24.30
C SER A 242 -10.85 -20.00 -24.91
N LEU A 243 -11.09 -18.93 -24.17
CA LEU A 243 -10.84 -17.58 -24.65
C LEU A 243 -9.59 -17.00 -24.05
N ASP A 279 -28.04 -33.28 -24.95
CA ASP A 279 -28.45 -33.57 -23.57
C ASP A 279 -27.35 -33.21 -22.59
N ASN A 280 -27.76 -32.68 -21.43
CA ASN A 280 -26.83 -32.17 -20.43
C ASN A 280 -25.89 -31.15 -21.04
N SER A 281 -24.59 -31.34 -20.85
CA SER A 281 -23.58 -30.39 -21.30
C SER A 281 -23.93 -28.97 -20.88
N LEU A 282 -23.41 -27.98 -21.60
CA LEU A 282 -23.64 -26.58 -21.26
C LEU A 282 -24.55 -25.87 -22.23
N GLU A 283 -24.45 -26.18 -23.52
CA GLU A 283 -25.29 -25.53 -24.52
C GLU A 283 -26.76 -25.83 -24.28
N ALA A 284 -27.08 -27.08 -23.95
CA ALA A 284 -28.47 -27.47 -23.79
C ALA A 284 -29.13 -26.75 -22.62
N ALA A 285 -28.47 -26.78 -21.46
CA ALA A 285 -29.05 -26.12 -20.29
C ALA A 285 -29.14 -24.62 -20.48
N ASP A 286 -28.13 -24.02 -21.12
CA ASP A 286 -28.18 -22.60 -21.42
C ASP A 286 -29.36 -22.27 -22.33
N PHE A 287 -29.58 -23.10 -23.35
CA PHE A 287 -30.69 -22.87 -24.26
C PHE A 287 -32.03 -22.99 -23.54
N ARG A 288 -32.17 -24.01 -22.69
CA ARG A 288 -33.41 -24.17 -21.95
C ARG A 288 -33.67 -22.98 -21.04
N TRP A 289 -32.65 -22.54 -20.31
CA TRP A 289 -32.79 -21.38 -19.44
C TRP A 289 -33.16 -20.14 -20.24
N LYS A 290 -32.51 -19.93 -21.37
CA LYS A 290 -32.78 -18.73 -22.17
C LYS A 290 -34.19 -18.75 -22.73
N ALA A 291 -34.65 -19.90 -23.20
CA ALA A 291 -35.97 -20.01 -23.80
C ALA A 291 -37.09 -20.09 -22.79
N LYS A 292 -36.79 -20.37 -21.52
CA LYS A 292 -37.81 -20.38 -20.49
C LYS A 292 -38.14 -18.98 -19.98
N MET A 293 -37.26 -18.00 -20.23
CA MET A 293 -37.50 -16.64 -19.81
C MET A 293 -38.00 -15.75 -20.94
N ASN A 294 -37.88 -16.17 -22.19
CA ASN A 294 -38.29 -15.38 -23.34
C ASN A 294 -39.80 -15.28 -23.48
N GLN A 295 -40.56 -16.05 -22.71
CA GLN A 295 -42.00 -16.08 -22.84
C GLN A 295 -42.75 -15.65 -21.59
N LEU A 296 -42.11 -14.91 -20.69
CA LEU A 296 -42.80 -14.43 -19.50
C LEU A 296 -43.66 -13.22 -19.83
N SER A 297 -44.85 -13.17 -19.26
CA SER A 297 -45.70 -12.00 -19.41
C SER A 297 -45.13 -10.84 -18.61
N PRO A 298 -45.25 -9.61 -19.12
CA PRO A 298 -44.62 -8.47 -18.43
C PRO A 298 -45.11 -8.26 -17.01
N LEU A 299 -46.13 -9.00 -16.56
CA LEU A 299 -46.55 -8.88 -15.17
C LEU A 299 -45.82 -9.85 -14.27
N GLU A 300 -45.07 -10.79 -14.85
CA GLU A 300 -44.28 -11.72 -14.05
C GLU A 300 -42.91 -11.16 -13.71
N ARG A 301 -42.32 -10.41 -14.64
CA ARG A 301 -41.00 -9.83 -14.41
C ARG A 301 -41.04 -8.87 -13.23
N VAL A 302 -42.09 -8.08 -13.14
CA VAL A 302 -42.24 -7.16 -12.01
C VAL A 302 -42.32 -7.93 -10.70
N ARG A 303 -43.06 -9.05 -10.69
CA ARG A 303 -43.14 -9.86 -9.48
C ARG A 303 -41.78 -10.39 -9.07
N HIS A 304 -41.01 -10.91 -10.03
CA HIS A 304 -39.68 -11.42 -9.74
C HIS A 304 -38.80 -10.34 -9.13
N ILE A 305 -38.71 -9.19 -9.80
CA ILE A 305 -37.80 -8.14 -9.35
C ILE A 305 -38.25 -7.60 -8.01
N ALA A 306 -39.56 -7.48 -7.81
CA ALA A 306 -40.07 -6.98 -6.54
C ALA A 306 -39.70 -7.90 -5.39
N LEU A 307 -39.84 -9.20 -5.60
CA LEU A 307 -39.47 -10.14 -4.54
C LEU A 307 -37.99 -10.01 -4.20
N TYR A 308 -37.14 -9.95 -5.23
CA TYR A 308 -35.71 -9.85 -4.96
C TYR A 308 -35.38 -8.57 -4.21
N LEU A 309 -35.96 -7.44 -4.63
CA LEU A 309 -35.67 -6.18 -3.98
C LEU A 309 -36.13 -6.19 -2.52
N LEU A 310 -37.30 -6.76 -2.26
CA LEU A 310 -37.79 -6.82 -0.89
C LEU A 310 -36.84 -7.64 -0.01
N CYS A 311 -36.41 -8.78 -0.52
CA CYS A 311 -35.48 -9.62 0.25
C CYS A 311 -34.18 -8.88 0.51
N TRP A 312 -33.65 -8.18 -0.50
CA TRP A 312 -32.42 -7.43 -0.33
C TRP A 312 -32.58 -6.32 0.70
N GLY A 313 -33.73 -5.66 0.69
CA GLY A 313 -33.94 -4.56 1.61
C GLY A 313 -34.04 -5.02 3.05
N GLU A 314 -34.73 -6.13 3.29
CA GLU A 314 -34.96 -6.56 4.66
C GLU A 314 -33.68 -7.01 5.35
N ALA A 315 -32.81 -7.72 4.63
CA ALA A 315 -31.68 -8.41 5.25
C ALA A 315 -30.62 -7.44 5.74
N ASN A 316 -30.60 -7.15 7.03
CA ASN A 316 -29.56 -6.30 7.59
C ASN A 316 -28.22 -7.03 7.61
N GLN A 317 -27.16 -6.34 7.20
CA GLN A 317 -25.80 -6.76 7.48
C GLN A 317 -25.49 -8.13 6.88
N VAL A 318 -26.41 -8.67 6.09
CA VAL A 318 -26.19 -9.94 5.40
C VAL A 318 -25.89 -9.64 3.94
N ARG A 319 -26.09 -8.39 3.53
CA ARG A 319 -25.66 -7.97 2.20
C ARG A 319 -24.20 -8.29 1.91
N PHE A 320 -23.38 -8.45 2.94
CA PHE A 320 -21.98 -8.77 2.72
C PHE A 320 -21.83 -10.17 2.16
N THR A 321 -22.81 -11.04 2.39
CA THR A 321 -22.77 -12.42 1.92
C THR A 321 -23.81 -12.61 0.83
N ALA A 322 -23.36 -12.47 -0.42
CA ALA A 322 -24.27 -12.45 -1.55
C ALA A 322 -25.03 -13.76 -1.70
N GLU A 323 -24.32 -14.89 -1.66
CA GLU A 323 -24.93 -16.16 -2.03
C GLU A 323 -26.02 -16.57 -1.06
N CYS A 324 -25.95 -16.13 0.18
CA CYS A 324 -27.04 -16.39 1.11
C CYS A 324 -28.34 -15.80 0.58
N LEU A 325 -28.28 -14.56 0.09
CA LEU A 325 -29.48 -13.95 -0.47
C LEU A 325 -30.03 -14.79 -1.61
N CYS A 326 -29.16 -15.32 -2.46
CA CYS A 326 -29.62 -16.18 -3.54
C CYS A 326 -30.33 -17.41 -3.00
N PHE A 327 -29.79 -18.01 -1.95
CA PHE A 327 -30.40 -19.22 -1.40
C PHE A 327 -31.80 -18.93 -0.86
N ILE A 328 -31.92 -17.93 0.03
CA ILE A 328 -33.24 -17.60 0.56
C ILE A 328 -34.18 -17.17 -0.55
N TYR A 329 -33.67 -16.46 -1.56
CA TYR A 329 -34.54 -16.01 -2.63
C TYR A 329 -35.13 -17.19 -3.39
N LYS A 330 -34.30 -18.18 -3.72
CA LYS A 330 -34.82 -19.34 -4.44
C LYS A 330 -35.81 -20.11 -3.57
N CYS A 331 -35.49 -20.26 -2.28
CA CYS A 331 -36.40 -20.97 -1.40
C CYS A 331 -37.78 -20.30 -1.37
N ALA A 332 -37.79 -18.97 -1.21
CA ALA A 332 -39.04 -18.24 -1.16
C ALA A 332 -39.80 -18.33 -2.49
N LEU A 333 -39.07 -18.20 -3.60
CA LEU A 333 -39.72 -18.24 -4.90
C LEU A 333 -40.38 -19.60 -5.13
N ASP A 334 -39.70 -20.68 -4.76
CA ASP A 334 -40.31 -21.99 -4.89
C ASP A 334 -41.49 -22.16 -3.95
N TYR A 335 -41.41 -21.62 -2.74
CA TYR A 335 -42.54 -21.71 -1.84
C TYR A 335 -43.78 -21.00 -2.37
N LEU A 336 -43.63 -19.81 -2.93
CA LEU A 336 -44.79 -19.06 -3.40
C LEU A 336 -45.50 -19.69 -4.59
N ASP A 337 -44.82 -20.55 -5.34
CA ASP A 337 -45.42 -21.19 -6.51
C ASP A 337 -46.15 -22.48 -6.15
N SER A 338 -46.20 -22.83 -4.89
CA SER A 338 -46.79 -24.07 -4.45
C SER A 338 -48.30 -23.93 -4.34
N PRO A 339 -49.03 -25.03 -4.43
CA PRO A 339 -50.47 -25.01 -4.11
C PRO A 339 -50.77 -25.12 -2.61
N LEU A 340 -49.78 -24.91 -1.76
CA LEU A 340 -49.98 -24.92 -0.32
C LEU A 340 -50.17 -23.52 0.25
N CYS A 341 -49.42 -22.54 -0.23
CA CYS A 341 -49.57 -21.16 0.23
C CYS A 341 -50.69 -20.42 -0.46
N GLN A 342 -51.10 -20.86 -1.66
CA GLN A 342 -52.17 -20.18 -2.38
C GLN A 342 -53.55 -20.50 -1.83
N GLN A 343 -53.68 -21.55 -1.03
CA GLN A 343 -54.97 -21.92 -0.47
C GLN A 343 -55.11 -21.50 0.99
N ARG A 344 -54.00 -21.28 1.69
CA ARG A 344 -54.07 -20.84 3.08
C ARG A 344 -54.70 -19.46 3.16
N GLN A 345 -55.81 -19.36 3.87
CA GLN A 345 -56.59 -18.12 3.94
C GLN A 345 -56.18 -17.25 5.13
N GLU A 346 -54.88 -17.01 5.28
CA GLU A 346 -54.42 -16.25 6.42
C GLU A 346 -53.00 -15.74 6.18
N PRO A 347 -52.71 -14.47 6.44
CA PRO A 347 -51.35 -13.97 6.28
C PRO A 347 -50.56 -14.06 7.58
N MET A 348 -49.29 -14.46 7.47
CA MET A 348 -48.46 -14.52 8.67
C MET A 348 -48.21 -13.12 9.22
N PRO A 349 -48.06 -12.98 10.53
CA PRO A 349 -47.88 -11.65 11.12
C PRO A 349 -46.62 -10.98 10.62
N GLU A 350 -46.61 -9.65 10.70
CA GLU A 350 -45.46 -8.88 10.25
C GLU A 350 -44.21 -9.30 11.02
N GLY A 351 -43.06 -9.01 10.43
CA GLY A 351 -41.79 -9.38 11.04
C GLY A 351 -41.59 -10.86 11.17
N ASP A 352 -42.11 -11.64 10.22
CA ASP A 352 -41.91 -13.08 10.22
C ASP A 352 -40.77 -13.52 9.32
N PHE A 353 -40.32 -12.65 8.42
CA PHE A 353 -39.13 -12.91 7.63
C PHE A 353 -37.87 -12.39 8.28
N LEU A 354 -38.00 -11.60 9.35
CA LEU A 354 -36.83 -11.09 10.06
C LEU A 354 -36.58 -11.79 11.38
N ASN A 355 -37.62 -12.29 12.04
CA ASN A 355 -37.49 -12.92 13.35
C ASN A 355 -37.42 -14.44 13.23
N ARG A 356 -37.37 -14.97 12.02
CA ARG A 356 -37.47 -16.42 11.88
C ARG A 356 -36.38 -16.99 10.99
N VAL A 357 -35.89 -16.21 10.02
CA VAL A 357 -34.92 -16.76 9.08
C VAL A 357 -33.68 -15.89 9.02
N ILE A 358 -33.79 -14.62 9.38
CA ILE A 358 -32.67 -13.71 9.30
C ILE A 358 -31.91 -13.56 10.62
N THR A 359 -32.62 -13.44 11.74
CA THR A 359 -32.01 -13.19 13.03
C THR A 359 -31.01 -14.29 13.45
N PRO A 360 -31.33 -15.58 13.32
CA PRO A 360 -30.35 -16.60 13.75
C PRO A 360 -28.99 -16.47 13.08
N ILE A 361 -28.96 -16.14 11.78
CA ILE A 361 -27.68 -15.96 11.11
C ILE A 361 -26.90 -14.83 11.75
N TYR A 362 -27.57 -13.70 12.04
CA TYR A 362 -26.92 -12.60 12.73
C TYR A 362 -26.41 -13.00 14.11
N HIS A 363 -27.22 -13.74 14.88
CA HIS A 363 -26.75 -14.24 16.17
C HIS A 363 -25.53 -15.12 16.04
N PHE A 364 -25.40 -15.86 14.95
CA PHE A 364 -24.18 -16.62 14.73
C PHE A 364 -22.97 -15.73 14.46
N ILE A 365 -23.13 -14.66 13.69
CA ILE A 365 -21.97 -13.84 13.37
C ILE A 365 -21.47 -13.09 14.59
N ARG A 366 -22.38 -12.49 15.37
CA ARG A 366 -22.02 -11.72 16.55
C ARG A 366 -21.54 -12.61 17.68
N ASN A 367 -21.68 -13.92 17.55
CA ASN A 367 -21.22 -14.84 18.58
C ASN A 367 -19.81 -15.34 18.35
N GLN A 368 -19.18 -14.97 17.24
CA GLN A 368 -17.79 -15.28 16.99
C GLN A 368 -16.84 -14.24 17.58
N VAL A 369 -17.35 -13.05 17.87
CA VAL A 369 -16.65 -12.07 18.69
C VAL A 369 -17.64 -11.66 19.77
N TYR A 370 -17.27 -10.69 20.60
CA TYR A 370 -18.18 -10.13 21.58
C TYR A 370 -18.83 -11.21 22.43
N GLU A 371 -18.01 -11.92 23.20
CA GLU A 371 -18.54 -12.84 24.19
C GLU A 371 -19.29 -12.08 25.26
N ILE A 372 -20.43 -12.62 25.66
CA ILE A 372 -21.27 -11.96 26.67
C ILE A 372 -20.65 -12.14 28.05
N VAL A 373 -20.56 -11.04 28.79
CA VAL A 373 -20.13 -11.05 30.18
C VAL A 373 -21.32 -10.67 31.03
N ASP A 374 -21.12 -10.59 32.34
CA ASP A 374 -22.22 -10.44 33.29
C ASP A 374 -22.85 -9.07 33.13
N GLY A 375 -23.67 -8.95 32.10
CA GLY A 375 -24.41 -7.72 31.84
C GLY A 375 -24.28 -7.19 30.44
N ARG A 376 -23.11 -7.37 29.81
CA ARG A 376 -22.84 -6.76 28.51
C ARG A 376 -21.95 -7.64 27.65
N PHE A 377 -21.40 -7.06 26.58
CA PHE A 377 -20.50 -7.74 25.66
C PHE A 377 -19.11 -7.11 25.70
N VAL A 378 -18.10 -7.95 25.53
CA VAL A 378 -16.72 -7.51 25.51
C VAL A 378 -16.03 -8.21 24.33
N LYS A 379 -14.99 -7.57 23.80
CA LYS A 379 -14.33 -8.11 22.62
C LYS A 379 -13.62 -9.41 22.96
N ARG A 380 -14.26 -10.53 22.65
CA ARG A 380 -13.65 -11.84 22.87
C ARG A 380 -12.32 -11.95 22.13
N GLU A 381 -11.22 -12.08 22.87
CA GLU A 381 -9.89 -12.12 22.27
C GLU A 381 -9.51 -13.57 22.02
N ARG A 382 -9.81 -14.03 20.82
CA ARG A 382 -9.33 -15.32 20.34
C ARG A 382 -8.22 -15.12 19.34
N ASP A 383 -7.55 -16.22 18.99
CA ASP A 383 -6.52 -16.15 17.97
C ASP A 383 -7.15 -15.82 16.62
N HIS A 384 -6.38 -15.18 15.76
CA HIS A 384 -6.87 -14.63 14.50
C HIS A 384 -7.23 -15.71 13.49
N ASN A 385 -7.15 -16.99 13.86
CA ASN A 385 -7.28 -18.08 12.91
C ASN A 385 -8.28 -19.11 13.40
N LYS A 386 -9.20 -18.71 14.29
CA LYS A 386 -10.31 -19.57 14.67
C LYS A 386 -11.62 -18.80 14.67
N ILE A 387 -11.77 -17.85 13.75
CA ILE A 387 -12.88 -16.91 13.75
C ILE A 387 -13.45 -16.87 12.33
N VAL A 388 -14.64 -17.43 12.16
CA VAL A 388 -15.23 -17.51 10.83
C VAL A 388 -15.79 -16.15 10.44
N GLY A 389 -15.40 -15.68 9.25
CA GLY A 389 -15.84 -14.39 8.76
C GLY A 389 -16.81 -14.52 7.59
N TYR A 390 -17.16 -13.38 7.00
CA TYR A 390 -18.13 -13.34 5.91
C TYR A 390 -17.65 -14.18 4.73
N ASP A 391 -16.40 -14.02 4.35
CA ASP A 391 -15.87 -14.72 3.19
C ASP A 391 -15.93 -16.23 3.40
N ASP A 392 -15.74 -16.66 4.65
CA ASP A 392 -15.89 -18.07 4.99
C ASP A 392 -17.33 -18.45 5.29
N LEU A 393 -18.20 -17.46 5.49
CA LEU A 393 -19.59 -17.71 5.79
C LEU A 393 -20.41 -18.00 4.54
N ASN A 394 -20.23 -17.23 3.48
CA ASN A 394 -21.01 -17.43 2.27
C ASN A 394 -20.41 -18.50 1.37
N GLN A 395 -19.11 -18.76 1.49
CA GLN A 395 -18.41 -19.64 0.57
C GLN A 395 -18.88 -21.08 0.68
N LEU A 396 -19.63 -21.42 1.71
CA LEU A 396 -20.30 -22.70 1.82
C LEU A 396 -21.28 -22.95 0.67
N PHE A 397 -21.91 -21.90 0.16
CA PHE A 397 -23.00 -22.02 -0.78
C PHE A 397 -22.55 -22.13 -2.22
N TRP A 398 -21.24 -22.16 -2.47
CA TRP A 398 -20.76 -22.26 -3.83
C TRP A 398 -20.89 -23.68 -4.38
N TYR A 399 -20.76 -24.68 -3.53
CA TYR A 399 -20.69 -26.00 -4.13
C TYR A 399 -21.91 -26.84 -3.75
N PRO A 400 -22.33 -27.75 -4.64
CA PRO A 400 -23.46 -28.63 -4.31
C PRO A 400 -23.24 -29.47 -3.08
N GLU A 401 -22.02 -29.92 -2.82
CA GLU A 401 -21.76 -30.68 -1.60
C GLU A 401 -21.66 -29.78 -0.38
N GLY A 402 -21.48 -28.48 -0.56
CA GLY A 402 -21.54 -27.58 0.56
C GLY A 402 -22.94 -27.30 1.07
N ILE A 403 -23.94 -27.39 0.19
CA ILE A 403 -25.33 -27.29 0.61
C ILE A 403 -25.80 -28.55 1.34
N ALA A 404 -25.37 -29.72 0.90
CA ALA A 404 -25.84 -30.99 1.43
C ALA A 404 -25.41 -31.23 2.87
N LYS A 405 -24.72 -30.28 3.50
CA LYS A 405 -24.26 -30.42 4.88
C LYS A 405 -25.16 -29.69 5.88
N ILE A 406 -26.31 -29.21 5.43
CA ILE A 406 -27.20 -28.45 6.30
C ILE A 406 -28.08 -29.41 7.10
N VAL A 407 -27.60 -29.77 8.29
CA VAL A 407 -28.37 -30.64 9.17
C VAL A 407 -29.49 -29.84 9.83
N LEU A 408 -30.67 -30.43 9.90
CA LEU A 408 -31.79 -29.78 10.55
C LEU A 408 -31.70 -30.01 12.06
N GLU A 409 -32.71 -29.55 12.80
CA GLU A 409 -32.66 -29.64 14.25
C GLU A 409 -32.80 -31.08 14.74
N ASP A 410 -33.77 -31.82 14.18
CA ASP A 410 -33.98 -33.20 14.61
C ASP A 410 -32.77 -34.07 14.29
N GLY A 411 -32.18 -33.85 13.12
CA GLY A 411 -31.05 -34.62 12.67
C GLY A 411 -31.08 -34.92 11.19
N THR A 412 -32.26 -34.79 10.60
CA THR A 412 -32.41 -35.02 9.17
C THR A 412 -31.77 -33.90 8.37
N LYS A 413 -31.42 -34.20 7.12
CA LYS A 413 -30.87 -33.18 6.25
C LYS A 413 -32.00 -32.38 5.60
N LEU A 414 -31.74 -31.08 5.42
CA LEU A 414 -32.75 -30.21 4.82
C LEU A 414 -33.08 -30.63 3.39
N ILE A 415 -32.05 -30.98 2.61
CA ILE A 415 -32.25 -31.36 1.22
C ILE A 415 -33.16 -32.57 1.09
N GLU A 416 -33.22 -33.40 2.14
CA GLU A 416 -34.08 -34.58 2.10
C GLU A 416 -35.53 -34.21 1.86
N LEU A 417 -35.95 -33.03 2.30
CA LEU A 417 -37.35 -32.63 2.16
C LEU A 417 -37.65 -32.23 0.73
N PRO A 418 -38.92 -32.25 0.33
CA PRO A 418 -39.29 -31.73 -1.00
C PRO A 418 -39.07 -30.22 -1.08
N LEU A 419 -39.20 -29.67 -2.29
CA LEU A 419 -38.88 -28.27 -2.53
C LEU A 419 -39.86 -27.30 -1.88
N GLU A 420 -41.16 -27.59 -1.95
CA GLU A 420 -42.16 -26.60 -1.53
C GLU A 420 -42.08 -26.31 -0.04
N GLU A 421 -41.95 -27.35 0.78
CA GLU A 421 -41.91 -27.18 2.23
C GLU A 421 -40.49 -27.01 2.74
N ARG A 422 -39.57 -26.59 1.86
CA ARG A 422 -38.19 -26.36 2.24
C ARG A 422 -37.97 -25.00 2.88
N TYR A 423 -38.96 -24.10 2.77
CA TYR A 423 -38.84 -22.76 3.33
C TYR A 423 -39.39 -22.63 4.73
N LEU A 424 -40.49 -23.31 5.06
CA LEU A 424 -41.15 -23.09 6.33
C LEU A 424 -40.26 -23.49 7.51
N ARG A 425 -39.56 -24.61 7.40
CA ARG A 425 -38.75 -25.10 8.50
C ARG A 425 -37.31 -24.62 8.40
N LEU A 426 -37.09 -23.51 7.70
CA LEU A 426 -35.76 -22.93 7.59
C LEU A 426 -35.32 -22.24 8.87
N GLY A 427 -36.22 -22.04 9.82
CA GLY A 427 -35.88 -21.48 11.10
C GLY A 427 -35.46 -22.47 12.15
N ASP A 428 -35.41 -23.76 11.83
CA ASP A 428 -35.03 -24.79 12.77
C ASP A 428 -33.59 -25.24 12.62
N VAL A 429 -32.95 -24.93 11.49
CA VAL A 429 -31.57 -25.30 11.29
C VAL A 429 -30.70 -24.61 12.33
N VAL A 430 -29.67 -25.32 12.80
CA VAL A 430 -28.73 -24.79 13.77
C VAL A 430 -27.46 -24.40 13.02
N TRP A 431 -27.23 -23.09 12.91
CA TRP A 431 -26.09 -22.56 12.15
C TRP A 431 -24.85 -22.50 13.05
N ASP A 432 -24.58 -23.62 13.72
CA ASP A 432 -23.37 -23.66 14.52
C ASP A 432 -22.60 -24.95 14.33
N ASP A 433 -23.25 -25.93 13.71
CA ASP A 433 -22.64 -27.22 13.41
C ASP A 433 -22.32 -27.34 11.92
N VAL A 434 -22.40 -26.22 11.20
CA VAL A 434 -22.48 -26.30 9.74
C VAL A 434 -21.49 -25.37 9.06
N PHE A 435 -20.64 -24.68 9.82
CA PHE A 435 -19.72 -23.73 9.20
C PHE A 435 -18.29 -24.03 9.61
N PHE A 436 -17.40 -24.11 8.62
CA PHE A 436 -15.97 -24.29 8.87
C PHE A 436 -15.16 -23.10 8.35
N LYS A 437 -13.83 -23.17 8.42
CA LYS A 437 -12.97 -22.00 8.31
C LYS A 437 -12.37 -21.79 6.93
N THR A 438 -11.92 -22.86 6.27
CA THR A 438 -11.59 -23.01 4.85
C THR A 438 -10.43 -22.16 4.35
N TYR A 439 -9.82 -21.29 5.16
CA TYR A 439 -8.57 -20.72 4.67
C TYR A 439 -7.36 -20.90 5.59
N LYS A 440 -7.49 -20.52 6.87
CA LYS A 440 -6.47 -20.77 7.89
C LYS A 440 -5.03 -20.39 7.50
N GLU A 441 -4.75 -19.10 7.40
CA GLU A 441 -3.42 -18.63 7.03
C GLU A 441 -2.37 -19.07 8.05
N THR A 442 -1.10 -18.77 7.75
CA THR A 442 0.06 -19.28 8.48
C THR A 442 1.20 -18.29 8.50
N ARG A 443 2.42 -18.78 8.77
CA ARG A 443 3.59 -17.93 8.90
C ARG A 443 3.87 -17.16 7.61
N THR A 444 4.29 -15.91 7.77
CA THR A 444 4.29 -14.95 6.65
C THR A 444 5.29 -15.28 5.55
N TRP A 445 6.49 -15.76 5.87
CA TRP A 445 7.46 -16.05 4.82
C TRP A 445 7.03 -17.22 3.96
N LEU A 446 6.00 -17.96 4.37
CA LEU A 446 5.65 -19.21 3.73
C LEU A 446 4.67 -19.03 2.58
N HIS A 447 3.94 -17.90 2.56
CA HIS A 447 3.05 -17.59 1.44
C HIS A 447 3.80 -17.15 0.20
N LEU A 448 4.83 -16.31 0.34
CA LEU A 448 5.55 -15.76 -0.79
C LEU A 448 6.18 -16.83 -1.66
N VAL A 449 6.15 -18.09 -1.24
CA VAL A 449 6.69 -19.16 -2.07
C VAL A 449 5.64 -19.79 -2.97
N THR A 450 4.38 -19.87 -2.52
CA THR A 450 3.33 -20.37 -3.38
C THR A 450 2.65 -19.30 -4.20
N ASN A 451 2.45 -18.10 -3.65
CA ASN A 451 1.80 -17.05 -4.42
C ASN A 451 2.63 -16.69 -5.64
N PHE A 452 3.83 -16.17 -5.43
CA PHE A 452 4.63 -15.62 -6.51
C PHE A 452 5.65 -16.64 -7.01
N ASN A 453 5.16 -17.80 -7.43
CA ASN A 453 6.08 -18.87 -7.81
C ASN A 453 6.65 -18.69 -9.21
N ARG A 454 6.11 -17.80 -10.02
CA ARG A 454 6.64 -17.55 -11.35
C ARG A 454 7.78 -16.55 -11.34
N ILE A 455 8.09 -15.84 -10.24
CA ILE A 455 9.17 -14.81 -10.24
C ILE A 455 10.47 -15.44 -9.75
N TRP A 456 10.36 -16.36 -8.81
CA TRP A 456 11.54 -17.06 -8.34
C TRP A 456 12.12 -17.95 -9.43
N VAL A 457 11.25 -18.57 -10.22
CA VAL A 457 11.69 -19.52 -11.24
C VAL A 457 12.48 -18.83 -12.34
N MET A 458 11.96 -17.73 -12.87
CA MET A 458 12.61 -17.10 -14.01
C MET A 458 13.86 -16.34 -13.60
N HIS A 459 14.09 -16.20 -12.30
CA HIS A 459 15.27 -15.51 -11.79
C HIS A 459 16.34 -16.48 -11.30
N ILE A 460 16.00 -17.40 -10.41
CA ILE A 460 16.98 -18.32 -9.83
C ILE A 460 17.54 -19.24 -10.90
N SER A 461 16.67 -19.83 -11.70
CA SER A 461 17.07 -20.83 -12.68
C SER A 461 18.05 -20.28 -13.69
N ILE A 462 17.72 -19.16 -14.31
CA ILE A 462 18.59 -18.56 -15.32
C ILE A 462 19.88 -18.10 -14.66
N PHE A 463 19.78 -17.52 -13.47
CA PHE A 463 20.97 -17.09 -12.73
C PHE A 463 21.93 -18.24 -12.56
N TRP A 464 21.40 -19.44 -12.32
CA TRP A 464 22.26 -20.61 -12.19
C TRP A 464 23.05 -20.84 -13.46
N MET A 465 22.36 -20.82 -14.61
CA MET A 465 22.96 -21.22 -15.89
C MET A 465 24.10 -20.31 -16.29
N TYR A 466 23.96 -19.01 -16.05
CA TYR A 466 25.00 -18.05 -16.38
C TYR A 466 26.33 -18.44 -15.75
N PHE A 467 26.32 -18.66 -14.44
CA PHE A 467 27.56 -19.02 -13.77
C PHE A 467 28.00 -20.44 -14.10
N ALA A 468 27.05 -21.35 -14.30
CA ALA A 468 27.42 -22.71 -14.64
C ALA A 468 28.20 -22.74 -15.95
N TYR A 469 27.85 -21.88 -16.90
CA TYR A 469 28.56 -21.85 -18.17
C TYR A 469 30.01 -21.42 -17.98
N ASN A 470 30.23 -20.19 -17.54
CA ASN A 470 31.59 -19.63 -17.49
C ASN A 470 32.18 -19.82 -16.09
N SER A 471 32.51 -21.07 -15.81
CA SER A 471 33.20 -21.42 -14.57
C SER A 471 33.90 -22.77 -14.76
N PRO A 472 34.91 -22.84 -15.64
CA PRO A 472 35.54 -24.13 -15.94
C PRO A 472 36.41 -24.68 -14.83
N THR A 473 36.65 -23.91 -13.76
CA THR A 473 37.41 -24.37 -12.61
C THR A 473 36.54 -25.15 -11.63
N PHE A 474 35.34 -25.53 -12.05
CA PHE A 474 34.46 -26.39 -11.27
C PHE A 474 34.07 -25.75 -9.94
N LEU A 488 36.07 -30.90 -19.91
CA LEU A 488 36.34 -31.00 -21.33
C LEU A 488 35.37 -30.11 -22.10
N ALA A 489 34.34 -30.71 -22.70
CA ALA A 489 33.33 -29.97 -23.42
C ALA A 489 31.92 -30.49 -23.23
N ALA A 490 31.77 -31.73 -22.75
CA ALA A 490 30.45 -32.25 -22.46
C ALA A 490 30.02 -31.97 -21.03
N TYR A 491 30.98 -31.89 -20.10
CA TYR A 491 30.64 -31.56 -18.72
C TYR A 491 30.02 -30.18 -18.63
N LYS A 492 30.50 -29.23 -19.41
CA LYS A 492 29.98 -27.87 -19.39
C LYS A 492 28.50 -27.84 -19.72
N TRP A 493 28.13 -28.46 -20.85
CA TRP A 493 26.73 -28.49 -21.25
C TRP A 493 25.89 -29.31 -20.26
N ALA A 494 26.47 -30.39 -19.73
CA ALA A 494 25.74 -31.18 -18.75
C ALA A 494 25.40 -30.36 -17.51
N SER A 495 26.35 -29.57 -17.03
CA SER A 495 26.10 -28.75 -15.85
C SER A 495 25.08 -27.67 -16.13
N CYS A 496 25.24 -26.95 -17.25
CA CYS A 496 24.27 -25.90 -17.53
C CYS A 496 22.89 -26.48 -17.76
N ALA A 497 22.80 -27.71 -18.24
CA ALA A 497 21.52 -28.40 -18.33
C ALA A 497 20.97 -28.76 -16.96
N LEU A 498 21.80 -29.29 -16.07
CA LEU A 498 21.37 -29.57 -14.71
C LEU A 498 20.85 -28.33 -14.04
N GLY A 499 21.31 -27.16 -14.48
CA GLY A 499 20.69 -25.92 -14.04
C GLY A 499 19.18 -25.91 -14.15
N GLY A 500 18.61 -26.65 -15.09
CA GLY A 500 17.18 -26.68 -15.28
C GLY A 500 16.40 -27.58 -14.36
N THR A 501 17.06 -28.31 -13.44
CA THR A 501 16.34 -29.15 -12.51
C THR A 501 15.89 -28.39 -11.26
N VAL A 502 16.36 -27.16 -11.08
CA VAL A 502 15.94 -26.36 -9.93
C VAL A 502 14.51 -25.84 -10.10
N ALA A 503 14.06 -25.63 -11.33
CA ALA A 503 12.71 -25.14 -11.56
C ALA A 503 11.67 -26.12 -11.04
N SER A 504 11.84 -27.40 -11.37
CA SER A 504 10.89 -28.40 -10.90
C SER A 504 10.95 -28.53 -9.38
N LEU A 505 12.13 -28.42 -8.79
CA LEU A 505 12.24 -28.45 -7.34
C LEU A 505 11.50 -27.29 -6.69
N ILE A 506 11.60 -26.09 -7.27
CA ILE A 506 10.82 -24.96 -6.78
C ILE A 506 9.33 -25.18 -6.91
N GLN A 507 8.87 -25.73 -8.03
CA GLN A 507 7.46 -26.05 -8.16
C GLN A 507 6.97 -27.06 -7.13
N ILE A 508 7.78 -28.09 -6.84
CA ILE A 508 7.37 -29.07 -5.85
C ILE A 508 7.25 -28.49 -4.45
N VAL A 509 8.20 -27.65 -4.03
CA VAL A 509 8.13 -27.07 -2.69
C VAL A 509 7.05 -26.01 -2.59
N ALA A 510 6.49 -25.55 -3.70
CA ALA A 510 5.30 -24.71 -3.68
C ALA A 510 4.03 -25.52 -3.59
N THR A 511 3.91 -26.57 -4.39
CA THR A 511 2.76 -27.46 -4.27
C THR A 511 2.66 -28.06 -2.88
N LEU A 512 3.77 -28.56 -2.34
CA LEU A 512 3.77 -29.15 -1.01
C LEU A 512 3.42 -28.14 0.07
N CYS A 513 3.93 -26.92 -0.03
CA CYS A 513 3.58 -25.86 0.90
C CYS A 513 2.11 -25.49 0.85
N GLU A 514 1.51 -25.44 -0.34
CA GLU A 514 0.10 -25.13 -0.48
C GLU A 514 -0.80 -26.11 0.25
N TRP A 515 -0.33 -27.34 0.48
CA TRP A 515 -1.17 -28.37 1.06
C TRP A 515 -1.62 -28.03 2.47
N SER A 516 -1.09 -26.95 3.05
CA SER A 516 -1.43 -26.54 4.41
C SER A 516 -2.27 -25.27 4.44
N PHE A 517 -3.09 -25.05 3.42
CA PHE A 517 -4.02 -23.93 3.42
C PHE A 517 -5.46 -24.37 3.43
N VAL A 518 -5.86 -25.18 2.46
CA VAL A 518 -7.25 -25.62 2.32
C VAL A 518 -7.54 -26.67 3.39
N PRO A 519 -8.79 -26.95 3.69
CA PRO A 519 -9.09 -28.05 4.62
C PRO A 519 -8.86 -29.40 3.97
N ARG A 520 -9.22 -30.47 4.67
CA ARG A 520 -8.82 -31.81 4.23
C ARG A 520 -9.81 -32.39 3.21
N LYS A 521 -11.07 -32.52 3.59
CA LYS A 521 -12.09 -33.15 2.75
C LYS A 521 -12.88 -32.14 1.94
N TRP A 522 -12.52 -30.86 2.01
CA TRP A 522 -13.28 -29.84 1.32
C TRP A 522 -13.02 -29.92 -0.18
N ALA A 523 -13.87 -29.24 -0.95
CA ALA A 523 -13.84 -29.37 -2.40
C ALA A 523 -12.50 -28.95 -2.97
N GLY A 524 -12.05 -29.66 -4.00
CA GLY A 524 -10.79 -29.39 -4.64
C GLY A 524 -9.59 -29.72 -3.78
N ALA A 525 -9.39 -31.01 -3.49
CA ALA A 525 -8.22 -31.41 -2.72
C ALA A 525 -7.46 -32.53 -3.42
N GLN A 526 -8.18 -33.38 -4.17
CA GLN A 526 -7.53 -34.48 -4.86
C GLN A 526 -6.62 -33.99 -5.97
N HIS A 527 -6.98 -32.86 -6.60
CA HIS A 527 -6.16 -32.27 -7.63
C HIS A 527 -4.75 -32.01 -7.14
N LEU A 528 -4.59 -31.68 -5.85
CA LEU A 528 -3.25 -31.45 -5.31
C LEU A 528 -2.41 -32.71 -5.40
N SER A 529 -2.98 -33.84 -5.01
CA SER A 529 -2.24 -35.10 -5.08
C SER A 529 -1.90 -35.45 -6.53
N ARG A 530 -2.87 -35.27 -7.44
CA ARG A 530 -2.58 -35.56 -8.84
C ARG A 530 -1.44 -34.69 -9.36
N ARG A 531 -1.47 -33.40 -9.04
CA ARG A 531 -0.43 -32.50 -9.51
C ARG A 531 0.92 -32.86 -8.90
N PHE A 532 0.93 -33.27 -7.64
CA PHE A 532 2.18 -33.70 -7.03
C PHE A 532 2.77 -34.90 -7.76
N TRP A 533 1.91 -35.86 -8.12
CA TRP A 533 2.36 -37.01 -8.89
C TRP A 533 2.98 -36.59 -10.23
N PHE A 534 2.28 -35.72 -10.95
CA PHE A 534 2.78 -35.27 -12.24
C PHE A 534 4.12 -34.56 -12.09
N LEU A 535 4.24 -33.70 -11.08
CA LEU A 535 5.48 -32.95 -10.91
C LEU A 535 6.63 -33.86 -10.53
N CYS A 536 6.36 -34.90 -9.73
CA CYS A 536 7.40 -35.87 -9.43
C CYS A 536 7.88 -36.55 -10.71
N ILE A 537 6.94 -36.91 -11.59
CA ILE A 537 7.33 -37.52 -12.85
C ILE A 537 8.20 -36.56 -13.66
N ILE A 538 7.82 -35.29 -13.71
CA ILE A 538 8.60 -34.30 -14.46
C ILE A 538 10.02 -34.20 -13.89
N PHE A 539 10.12 -34.13 -12.56
CA PHE A 539 11.43 -34.01 -11.92
C PHE A 539 12.30 -35.23 -12.22
N GLY A 540 11.70 -36.41 -12.21
CA GLY A 540 12.42 -37.61 -12.56
C GLY A 540 12.92 -37.60 -13.99
N ILE A 541 12.05 -37.22 -14.92
CA ILE A 541 12.47 -37.12 -16.32
C ILE A 541 13.64 -36.16 -16.44
N ASN A 542 13.59 -35.05 -15.72
CA ASN A 542 14.63 -34.05 -15.83
C ASN A 542 15.96 -34.57 -15.28
N LEU A 543 15.99 -34.94 -14.01
CA LEU A 543 17.22 -35.46 -13.40
C LEU A 543 17.27 -36.98 -13.43
N GLY A 544 16.95 -37.59 -14.57
CA GLY A 544 17.30 -38.97 -14.77
C GLY A 544 18.62 -39.20 -15.50
N PRO A 545 18.77 -38.64 -16.70
CA PRO A 545 19.94 -38.97 -17.51
C PRO A 545 21.20 -38.22 -17.14
N ILE A 546 21.08 -37.15 -16.35
CA ILE A 546 22.26 -36.37 -15.98
C ILE A 546 23.28 -37.25 -15.28
N ILE A 547 22.80 -38.17 -14.44
CA ILE A 547 23.69 -39.11 -13.79
C ILE A 547 24.40 -39.97 -14.82
N PHE A 548 23.68 -40.41 -15.85
CA PHE A 548 24.27 -41.27 -16.86
C PHE A 548 25.39 -40.59 -17.61
N VAL A 549 25.32 -39.27 -17.80
CA VAL A 549 26.33 -38.53 -18.52
C VAL A 549 27.37 -37.92 -17.58
N PHE A 550 27.09 -37.88 -16.28
CA PHE A 550 27.99 -37.21 -15.35
C PHE A 550 29.27 -37.98 -15.11
N ALA A 551 29.20 -39.29 -14.89
CA ALA A 551 30.39 -40.12 -14.95
C ALA A 551 30.04 -41.52 -15.42
N TYR A 552 30.03 -41.74 -16.73
CA TYR A 552 29.95 -43.07 -17.30
C TYR A 552 30.78 -43.08 -18.58
N ASP A 553 31.69 -42.12 -18.70
CA ASP A 553 32.40 -41.92 -19.98
C ASP A 553 33.89 -41.71 -19.81
N LYS A 554 34.53 -42.21 -18.75
CA LYS A 554 35.94 -41.90 -18.54
C LYS A 554 36.82 -42.70 -19.49
N ASP A 555 37.05 -42.14 -20.67
CA ASP A 555 37.90 -42.75 -21.70
C ASP A 555 37.51 -44.19 -21.98
N THR A 556 36.23 -44.38 -22.31
CA THR A 556 35.71 -45.67 -22.71
C THR A 556 34.99 -45.46 -24.05
N VAL A 557 34.43 -46.54 -24.60
CA VAL A 557 33.70 -46.39 -25.86
C VAL A 557 32.25 -46.06 -25.55
N TYR A 558 32.02 -44.79 -25.19
CA TYR A 558 30.68 -44.26 -24.99
C TYR A 558 30.61 -42.83 -25.52
N SER A 559 31.77 -42.23 -25.79
CA SER A 559 31.85 -40.81 -26.13
C SER A 559 31.00 -40.45 -27.34
N THR A 560 30.73 -41.41 -28.22
CA THR A 560 29.81 -41.18 -29.32
C THR A 560 28.42 -40.81 -28.81
N ALA A 561 28.09 -41.23 -27.59
CA ALA A 561 26.76 -41.05 -27.03
C ALA A 561 26.75 -40.11 -25.82
N ALA A 562 27.78 -39.30 -25.64
CA ALA A 562 27.80 -38.36 -24.53
C ALA A 562 27.35 -36.96 -24.96
N HIS A 563 27.91 -36.46 -26.05
CA HIS A 563 27.58 -35.12 -26.52
C HIS A 563 26.11 -35.01 -26.89
N VAL A 564 25.57 -36.05 -27.55
CA VAL A 564 24.19 -36.01 -27.99
C VAL A 564 23.24 -35.90 -26.80
N VAL A 565 23.45 -36.74 -25.77
CA VAL A 565 22.57 -36.67 -24.61
C VAL A 565 22.76 -35.37 -23.86
N ALA A 566 24.00 -34.86 -23.76
CA ALA A 566 24.20 -33.57 -23.12
C ALA A 566 23.38 -32.49 -23.81
N ALA A 567 23.48 -32.39 -25.14
CA ALA A 567 22.80 -31.34 -25.87
C ALA A 567 21.28 -31.49 -25.75
N VAL A 568 20.77 -32.70 -25.92
CA VAL A 568 19.33 -32.86 -25.90
C VAL A 568 18.78 -32.55 -24.51
N MET A 569 19.50 -32.90 -23.45
CA MET A 569 18.97 -32.61 -22.13
C MET A 569 19.14 -31.13 -21.77
N PHE A 570 20.12 -30.47 -22.38
CA PHE A 570 20.15 -29.01 -22.30
C PHE A 570 18.89 -28.41 -22.88
N PHE A 571 18.49 -28.88 -24.06
CA PHE A 571 17.28 -28.35 -24.69
C PHE A 571 16.05 -28.67 -23.86
N VAL A 572 16.01 -29.87 -23.28
CA VAL A 572 14.88 -30.24 -22.42
C VAL A 572 14.80 -29.32 -21.21
N ALA A 573 15.95 -29.00 -20.61
CA ALA A 573 15.96 -28.11 -19.46
C ALA A 573 15.43 -26.73 -19.85
N VAL A 574 15.88 -26.21 -21.00
CA VAL A 574 15.39 -24.91 -21.43
C VAL A 574 13.88 -24.95 -21.64
N ALA A 575 13.38 -26.02 -22.24
CA ALA A 575 11.95 -26.15 -22.46
C ALA A 575 11.19 -26.17 -21.14
N THR A 576 11.72 -26.88 -20.14
CA THR A 576 11.06 -26.94 -18.85
C THR A 576 11.00 -25.58 -18.19
N ILE A 577 12.11 -24.83 -18.26
CA ILE A 577 12.13 -23.49 -17.66
C ILE A 577 11.07 -22.62 -18.32
N ILE A 578 11.03 -22.61 -19.66
CA ILE A 578 10.07 -21.77 -20.36
C ILE A 578 8.65 -22.18 -20.02
N PHE A 579 8.38 -23.50 -19.95
CA PHE A 579 7.04 -23.96 -19.65
C PHE A 579 6.60 -23.55 -18.26
N PHE A 580 7.49 -23.62 -17.27
CA PHE A 580 7.09 -23.31 -15.90
C PHE A 580 7.08 -21.83 -15.59
N SER A 581 7.76 -21.00 -16.39
CA SER A 581 7.70 -19.56 -16.15
C SER A 581 6.33 -19.00 -16.53
N ILE A 582 5.61 -19.71 -17.39
CA ILE A 582 4.29 -19.34 -17.87
C ILE A 582 3.34 -20.43 -17.41
N MET A 583 2.06 -20.36 -17.82
CA MET A 583 1.10 -21.39 -17.46
C MET A 583 0.87 -21.45 -15.95
N PRO A 584 0.04 -20.55 -15.42
CA PRO A 584 -0.18 -20.44 -13.97
C PRO A 584 -0.28 -21.74 -13.21
N LEU A 585 0.21 -21.73 -11.97
CA LEU A 585 0.29 -22.94 -11.16
C LEU A 585 -1.08 -23.55 -10.89
N GLY A 586 -2.12 -22.72 -10.91
CA GLY A 586 -3.42 -23.21 -10.53
C GLY A 586 -4.22 -23.82 -11.67
N GLY A 587 -3.61 -23.95 -12.83
CA GLY A 587 -4.36 -24.40 -13.99
C GLY A 587 -3.65 -25.40 -14.88
N LEU A 588 -2.39 -25.71 -14.60
CA LEU A 588 -1.67 -26.60 -15.49
C LEU A 588 -2.01 -28.05 -15.17
N PHE A 589 -1.82 -28.92 -16.16
CA PHE A 589 -2.20 -30.33 -16.10
C PHE A 589 -3.69 -30.47 -15.78
N THR A 590 -4.51 -29.66 -16.46
CA THR A 590 -5.95 -29.74 -16.30
C THR A 590 -6.65 -30.38 -17.50
N SER A 591 -6.01 -30.41 -18.66
CA SER A 591 -6.57 -31.11 -19.82
C SER A 591 -6.41 -32.61 -19.72
N TYR A 592 -5.32 -33.09 -19.10
CA TYR A 592 -5.03 -34.51 -19.00
C TYR A 592 -5.74 -35.16 -17.82
N MET A 593 -6.76 -34.52 -17.28
CA MET A 593 -7.49 -35.06 -16.14
C MET A 593 -8.81 -35.68 -16.60
N LYS A 594 -9.30 -36.62 -15.80
CA LYS A 594 -10.60 -37.24 -16.07
C LYS A 594 -11.71 -36.39 -15.47
N LYS A 595 -12.92 -36.93 -15.44
CA LYS A 595 -14.06 -36.22 -14.87
C LYS A 595 -13.92 -36.00 -13.37
N SER A 596 -13.60 -37.06 -12.62
CA SER A 596 -13.35 -37.01 -11.17
C SER A 596 -14.52 -36.28 -10.51
N THR A 597 -14.27 -35.45 -9.51
CA THR A 597 -15.30 -34.60 -8.93
C THR A 597 -14.98 -33.13 -9.08
N ARG A 598 -13.75 -32.71 -8.76
CA ARG A 598 -13.32 -31.33 -8.94
C ARG A 598 -12.02 -31.33 -9.71
N ARG A 599 -11.99 -30.61 -10.82
CA ARG A 599 -10.77 -30.48 -11.60
C ARG A 599 -10.01 -29.20 -11.27
N TYR A 600 -10.54 -28.36 -10.38
CA TYR A 600 -9.88 -27.13 -9.98
C TYR A 600 -9.93 -26.99 -8.47
N VAL A 601 -8.97 -26.24 -7.92
CA VAL A 601 -8.87 -26.09 -6.47
C VAL A 601 -9.75 -24.98 -5.93
N ALA A 602 -10.08 -23.98 -6.75
CA ALA A 602 -10.95 -22.90 -6.32
C ALA A 602 -12.02 -22.69 -7.38
N SER A 603 -13.20 -22.24 -6.95
CA SER A 603 -14.31 -22.09 -7.87
C SER A 603 -13.95 -21.18 -9.02
N GLN A 604 -14.20 -21.65 -10.23
CA GLN A 604 -13.77 -20.93 -11.43
C GLN A 604 -14.84 -20.00 -11.98
N THR A 605 -16.00 -19.93 -11.34
CA THR A 605 -17.06 -19.01 -11.77
C THR A 605 -17.19 -17.84 -10.81
N PHE A 606 -16.34 -17.78 -9.79
CA PHE A 606 -16.47 -16.73 -8.79
C PHE A 606 -15.13 -16.11 -8.44
N THR A 607 -14.04 -16.75 -8.84
CA THR A 607 -12.70 -16.27 -8.54
C THR A 607 -11.76 -16.39 -9.74
N ALA A 608 -12.27 -16.75 -10.91
CA ALA A 608 -11.40 -16.82 -12.08
C ALA A 608 -12.06 -16.29 -13.34
N ALA A 609 -12.86 -15.24 -13.24
CA ALA A 609 -13.53 -14.64 -14.39
C ALA A 609 -12.90 -13.27 -14.65
N PHE A 610 -11.93 -13.24 -15.56
CA PHE A 610 -11.17 -12.04 -15.82
C PHE A 610 -11.60 -11.40 -17.14
N ALA A 611 -11.36 -10.10 -17.24
CA ALA A 611 -11.62 -9.38 -18.48
C ALA A 611 -10.52 -9.67 -19.49
N PRO A 612 -10.88 -10.11 -20.70
CA PRO A 612 -9.86 -10.56 -21.64
C PRO A 612 -8.94 -9.46 -22.15
N LEU A 613 -9.37 -8.20 -22.08
CA LEU A 613 -8.54 -7.06 -22.47
C LEU A 613 -8.07 -7.21 -23.92
N HIS A 614 -9.04 -7.15 -24.82
CA HIS A 614 -8.75 -7.20 -26.25
C HIS A 614 -8.66 -5.78 -26.78
N GLY A 615 -8.38 -5.64 -28.08
CA GLY A 615 -8.20 -4.32 -28.67
C GLY A 615 -6.77 -4.06 -29.06
N LEU A 616 -6.26 -2.87 -28.74
CA LEU A 616 -4.88 -2.51 -29.03
C LEU A 616 -3.96 -2.67 -27.83
N ASP A 617 -4.46 -2.40 -26.61
CA ASP A 617 -3.63 -2.47 -25.43
C ASP A 617 -3.00 -3.84 -25.21
N ARG A 618 -3.62 -4.89 -25.77
CA ARG A 618 -3.06 -6.23 -25.67
C ARG A 618 -1.65 -6.26 -26.25
N TRP A 619 -1.50 -5.78 -27.49
CA TRP A 619 -0.19 -5.79 -28.12
C TRP A 619 0.79 -4.89 -27.39
N MET A 620 0.29 -3.78 -26.83
CA MET A 620 1.18 -2.88 -26.09
C MET A 620 1.74 -3.56 -24.85
N SER A 621 0.90 -4.28 -24.11
CA SER A 621 1.39 -5.00 -22.94
C SER A 621 2.38 -6.08 -23.34
N TYR A 622 2.07 -6.82 -24.41
CA TYR A 622 3.03 -7.80 -24.93
C TYR A 622 4.37 -7.15 -25.19
N LEU A 623 4.37 -6.04 -25.91
CA LEU A 623 5.62 -5.39 -26.30
C LEU A 623 6.39 -4.91 -25.08
N VAL A 624 5.70 -4.32 -24.11
CA VAL A 624 6.38 -3.79 -22.92
C VAL A 624 7.08 -4.91 -22.19
N TRP A 625 6.35 -5.99 -21.91
CA TRP A 625 6.95 -7.05 -21.10
C TRP A 625 7.88 -7.93 -21.92
N VAL A 626 7.92 -7.78 -23.24
CA VAL A 626 9.01 -8.40 -23.98
C VAL A 626 10.26 -7.56 -23.95
N THR A 627 10.18 -6.25 -24.13
CA THR A 627 11.37 -5.42 -24.08
C THR A 627 12.03 -5.40 -22.71
N VAL A 628 11.26 -5.38 -21.62
CA VAL A 628 11.89 -5.31 -20.31
C VAL A 628 12.81 -6.50 -20.09
N PHE A 629 12.30 -7.71 -20.29
CA PHE A 629 13.05 -8.92 -20.02
C PHE A 629 14.02 -9.28 -21.15
N ALA A 630 13.94 -8.61 -22.28
CA ALA A 630 14.94 -8.81 -23.32
C ALA A 630 16.08 -7.81 -23.23
N ALA A 631 15.89 -6.72 -22.48
CA ALA A 631 16.98 -5.83 -22.17
C ALA A 631 17.71 -6.24 -20.89
N LYS A 632 16.97 -6.68 -19.88
CA LYS A 632 17.62 -7.01 -18.61
C LYS A 632 18.51 -8.24 -18.75
N TYR A 633 18.00 -9.30 -19.36
CA TYR A 633 18.81 -10.50 -19.55
C TYR A 633 20.00 -10.24 -20.44
N SER A 634 19.93 -9.23 -21.29
CA SER A 634 21.04 -8.91 -22.17
C SER A 634 22.11 -8.09 -21.49
N GLU A 635 21.74 -7.13 -20.66
CA GLU A 635 22.75 -6.29 -20.02
C GLU A 635 23.27 -6.88 -18.71
N SER A 636 22.51 -7.74 -18.05
CA SER A 636 22.98 -8.37 -16.82
C SER A 636 23.83 -9.60 -17.10
N TYR A 637 24.35 -9.72 -18.32
CA TYR A 637 25.32 -10.75 -18.66
C TYR A 637 26.65 -10.14 -19.06
N TYR A 638 26.68 -8.85 -19.39
CA TYR A 638 27.89 -8.17 -19.79
C TYR A 638 28.48 -7.31 -18.69
N PHE A 639 27.72 -6.93 -17.66
CA PHE A 639 28.22 -6.09 -16.59
C PHE A 639 28.31 -6.83 -15.27
N LEU A 640 27.68 -8.00 -15.15
CA LEU A 640 27.63 -8.65 -13.85
C LEU A 640 28.10 -10.09 -13.84
N VAL A 641 28.28 -10.74 -14.99
CA VAL A 641 28.76 -12.12 -14.96
C VAL A 641 30.00 -12.24 -15.84
N LEU A 642 30.12 -11.37 -16.83
CA LEU A 642 31.31 -11.42 -17.67
C LEU A 642 32.47 -10.67 -17.05
N SER A 643 32.22 -9.61 -16.29
CA SER A 643 33.27 -8.89 -15.60
C SER A 643 33.69 -9.56 -14.30
N LEU A 644 32.94 -10.58 -13.87
CA LEU A 644 33.29 -11.36 -12.69
C LEU A 644 33.97 -12.67 -13.06
N ARG A 645 34.30 -12.85 -14.33
CA ARG A 645 34.94 -14.05 -14.83
C ARG A 645 36.40 -14.17 -14.39
N ASP A 646 37.11 -13.06 -14.26
CA ASP A 646 38.53 -13.10 -13.93
C ASP A 646 38.80 -13.46 -12.47
N PRO A 647 38.16 -12.80 -11.48
CA PRO A 647 38.44 -13.18 -10.09
C PRO A 647 38.07 -14.62 -9.76
N ILE A 648 37.16 -15.23 -10.50
CA ILE A 648 36.80 -16.62 -10.23
C ILE A 648 37.99 -17.53 -10.43
N ARG A 649 38.75 -17.32 -11.51
CA ARG A 649 39.93 -18.16 -11.75
C ARG A 649 40.97 -17.97 -10.66
N ILE A 650 41.16 -16.74 -10.19
CA ILE A 650 42.23 -16.47 -9.22
C ILE A 650 41.84 -17.01 -7.85
N LEU A 651 40.74 -16.54 -7.29
CA LEU A 651 40.38 -16.85 -5.90
C LEU A 651 39.97 -18.29 -5.69
N SER A 652 40.03 -19.14 -6.72
CA SER A 652 39.61 -20.53 -6.58
C SER A 652 40.79 -21.49 -6.64
N THR A 653 41.99 -20.99 -6.93
CA THR A 653 43.14 -21.87 -7.05
C THR A 653 44.23 -21.49 -6.07
N THR A 654 44.31 -20.21 -5.72
CA THR A 654 45.34 -19.73 -4.81
C THR A 654 45.21 -20.39 -3.45
N ALA A 655 46.32 -20.88 -2.92
CA ALA A 655 46.35 -21.59 -1.64
C ALA A 655 47.21 -20.82 -0.66
N MET A 656 46.65 -20.57 0.53
CA MET A 656 47.37 -19.82 1.54
C MET A 656 48.42 -20.68 2.23
N ARG A 657 49.47 -20.04 2.74
CA ARG A 657 50.48 -20.69 3.54
C ARG A 657 50.67 -19.88 4.82
N CYS A 658 50.43 -20.52 5.96
CA CYS A 658 50.43 -19.83 7.26
C CYS A 658 50.38 -20.88 8.36
N THR A 659 50.95 -20.52 9.52
CA THR A 659 51.04 -21.44 10.65
C THR A 659 49.66 -21.87 11.14
N GLY A 660 48.85 -20.91 11.60
CA GLY A 660 47.50 -21.24 12.01
C GLY A 660 47.24 -21.10 13.49
N GLU A 661 46.55 -22.07 14.07
CA GLU A 661 46.18 -22.00 15.48
C GLU A 661 46.45 -23.32 16.17
N TYR A 662 46.14 -23.41 17.47
CA TYR A 662 46.61 -24.53 18.28
C TYR A 662 45.55 -25.62 18.41
N TRP A 663 44.31 -25.33 18.01
CA TRP A 663 43.24 -26.30 18.16
C TRP A 663 42.96 -27.09 16.89
N TRP A 664 43.25 -26.55 15.72
CA TRP A 664 43.07 -27.32 14.49
C TRP A 664 44.26 -27.18 13.55
N GLY A 665 45.18 -26.28 13.85
CA GLY A 665 46.37 -26.11 13.05
C GLY A 665 46.14 -25.12 11.93
N ALA A 666 46.30 -25.59 10.68
CA ALA A 666 46.18 -24.71 9.53
C ALA A 666 45.26 -25.30 8.47
N VAL A 667 44.11 -25.83 8.89
CA VAL A 667 43.15 -26.39 7.96
C VAL A 667 42.04 -25.40 7.60
N LEU A 668 41.70 -24.47 8.49
CA LEU A 668 40.68 -23.47 8.20
C LEU A 668 41.23 -22.21 7.56
N CYS A 669 42.37 -21.75 8.06
CA CYS A 669 43.01 -20.56 7.50
C CYS A 669 43.68 -20.86 6.16
N LYS A 670 43.90 -22.14 5.87
CA LYS A 670 44.54 -22.49 4.61
C LYS A 670 43.70 -22.09 3.41
N VAL A 671 42.38 -22.15 3.52
CA VAL A 671 41.52 -21.69 2.43
C VAL A 671 40.66 -20.54 2.90
N GLN A 672 41.22 -19.34 2.84
CA GLN A 672 40.49 -18.10 3.00
C GLN A 672 39.85 -17.64 1.69
N PRO A 673 40.59 -17.64 0.56
CA PRO A 673 40.00 -17.06 -0.66
C PRO A 673 38.71 -17.71 -1.10
N LYS A 674 38.52 -18.99 -0.85
CA LYS A 674 37.28 -19.65 -1.27
C LYS A 674 36.08 -19.06 -0.54
N ILE A 675 36.24 -18.75 0.74
CA ILE A 675 35.16 -18.12 1.48
C ILE A 675 34.85 -16.75 0.92
N VAL A 676 35.88 -16.00 0.53
CA VAL A 676 35.66 -14.69 -0.07
C VAL A 676 34.90 -14.84 -1.39
N LEU A 677 35.27 -15.83 -2.20
CA LEU A 677 34.56 -16.05 -3.45
C LEU A 677 33.09 -16.38 -3.21
N GLY A 678 32.82 -17.25 -2.23
CA GLY A 678 31.45 -17.58 -1.91
C GLY A 678 30.65 -16.38 -1.48
N LEU A 679 31.23 -15.54 -0.61
CA LEU A 679 30.53 -14.35 -0.17
C LEU A 679 30.31 -13.37 -1.31
N VAL A 680 31.28 -13.23 -2.22
CA VAL A 680 31.11 -12.34 -3.36
C VAL A 680 29.97 -12.81 -4.24
N ILE A 681 29.89 -14.11 -4.52
CA ILE A 681 28.78 -14.62 -5.32
C ILE A 681 27.45 -14.41 -4.62
N ALA A 682 27.40 -14.68 -3.32
CA ALA A 682 26.14 -14.53 -2.60
C ALA A 682 25.66 -13.09 -2.59
N THR A 683 26.56 -12.13 -2.36
CA THR A 683 26.14 -10.74 -2.31
C THR A 683 25.87 -10.16 -3.69
N ASP A 684 26.28 -10.86 -4.74
CA ASP A 684 25.95 -10.46 -6.10
C ASP A 684 24.66 -11.06 -6.59
N PHE A 685 24.27 -12.22 -6.05
CA PHE A 685 23.00 -12.84 -6.39
C PHE A 685 21.80 -11.95 -6.06
N ILE A 686 21.90 -11.09 -5.05
CA ILE A 686 20.81 -10.19 -4.69
C ILE A 686 20.58 -9.09 -5.71
N LEU A 687 21.64 -8.48 -6.23
CA LEU A 687 21.53 -7.39 -7.19
C LEU A 687 20.76 -7.78 -8.45
N PHE A 688 20.77 -9.07 -8.79
CA PHE A 688 19.99 -9.62 -9.90
C PHE A 688 18.50 -9.40 -9.71
N PHE A 689 18.05 -9.17 -8.49
CA PHE A 689 16.63 -8.90 -8.23
C PHE A 689 16.31 -7.42 -8.30
N LEU A 690 17.26 -6.54 -8.00
CA LEU A 690 17.03 -5.11 -8.11
C LEU A 690 17.08 -4.66 -9.56
N ASP A 691 17.85 -5.36 -10.38
CA ASP A 691 18.02 -4.98 -11.78
C ASP A 691 16.67 -4.88 -12.50
N THR A 692 15.79 -5.85 -12.26
CA THR A 692 14.52 -5.89 -12.98
C THR A 692 13.68 -4.66 -12.67
N TYR A 693 13.48 -4.37 -11.39
CA TYR A 693 12.69 -3.20 -11.04
C TYR A 693 13.36 -1.93 -11.53
N LEU A 694 14.69 -1.93 -11.64
CA LEU A 694 15.33 -0.75 -12.22
C LEU A 694 14.91 -0.55 -13.67
N TRP A 695 14.98 -1.61 -14.49
CA TRP A 695 14.61 -1.45 -15.89
C TRP A 695 13.13 -1.19 -16.10
N TYR A 696 12.28 -1.68 -15.19
CA TYR A 696 10.85 -1.50 -15.36
C TYR A 696 10.42 -0.05 -15.25
N ILE A 697 11.10 0.75 -14.43
CA ILE A 697 10.84 2.19 -14.40
C ILE A 697 11.27 2.88 -15.69
N ILE A 698 12.44 2.54 -16.23
CA ILE A 698 12.93 3.19 -17.44
C ILE A 698 12.03 2.92 -18.63
N VAL A 699 11.69 1.67 -18.90
CA VAL A 699 11.01 1.38 -20.16
C VAL A 699 9.58 1.92 -20.16
N ASN A 700 8.89 1.96 -19.00
CA ASN A 700 7.56 2.58 -18.85
C ASN A 700 7.51 4.05 -19.25
N THR A 701 8.44 4.85 -18.75
CA THR A 701 8.39 6.29 -19.04
C THR A 701 8.70 6.56 -20.50
N ILE A 702 9.59 5.76 -21.10
CA ILE A 702 9.89 5.92 -22.51
C ILE A 702 8.63 5.64 -23.32
N PHE A 703 7.93 4.54 -22.97
CA PHE A 703 6.74 4.21 -23.73
C PHE A 703 5.63 5.23 -23.53
N SER A 704 5.60 5.87 -22.37
CA SER A 704 4.64 6.94 -22.12
C SER A 704 4.93 8.20 -22.90
N VAL A 705 6.19 8.65 -22.90
CA VAL A 705 6.55 9.85 -23.66
C VAL A 705 6.33 9.61 -25.15
N GLY A 706 6.75 8.45 -25.66
CA GLY A 706 6.57 8.17 -27.07
C GLY A 706 5.13 8.06 -27.49
N LYS A 707 4.26 7.71 -26.55
CA LYS A 707 2.84 7.57 -26.84
C LYS A 707 2.08 8.88 -26.68
N SER A 708 2.65 9.78 -25.89
CA SER A 708 2.04 11.08 -25.65
C SER A 708 2.63 12.15 -26.56
N PHE A 709 3.47 11.71 -27.50
CA PHE A 709 4.12 12.60 -28.45
C PHE A 709 3.89 12.13 -29.88
N TYR A 710 3.75 10.82 -30.04
CA TYR A 710 3.51 10.23 -31.34
C TYR A 710 2.11 10.57 -31.83
N LEU A 711 1.12 10.22 -31.02
CA LEU A 711 -0.27 10.49 -31.36
C LEU A 711 -0.44 11.98 -31.60
N GLY A 712 0.66 12.72 -31.47
CA GLY A 712 0.66 14.16 -31.68
C GLY A 712 -0.24 14.94 -30.73
N ILE A 713 -0.30 14.54 -29.46
CA ILE A 713 -1.09 15.22 -28.46
C ILE A 713 -0.17 16.10 -27.62
N SER A 714 -0.47 17.39 -27.56
CA SER A 714 0.27 18.36 -26.74
C SER A 714 1.76 18.34 -27.07
N ILE A 715 2.07 18.74 -28.31
CA ILE A 715 3.45 18.79 -28.78
C ILE A 715 4.25 19.80 -27.96
N LEU A 716 5.19 19.30 -27.16
CA LEU A 716 6.02 20.11 -26.28
C LEU A 716 5.12 21.03 -25.45
N THR A 717 4.96 22.27 -25.89
CA THR A 717 4.13 23.24 -25.17
C THR A 717 3.75 24.37 -26.12
N PRO A 718 2.60 24.26 -26.77
CA PRO A 718 2.07 25.39 -27.55
C PRO A 718 1.21 26.30 -26.69
N TRP A 719 1.81 26.88 -25.65
CA TRP A 719 1.06 27.54 -24.59
C TRP A 719 0.21 28.71 -25.08
N ARG A 720 0.73 29.50 -26.01
CA ARG A 720 -0.01 30.69 -26.43
C ARG A 720 -1.04 30.26 -27.47
N ASN A 721 -1.81 29.21 -27.15
CA ASN A 721 -2.94 28.79 -27.96
C ASN A 721 -4.17 28.38 -27.15
N ILE A 722 -4.02 27.98 -25.88
CA ILE A 722 -5.14 27.46 -25.13
C ILE A 722 -6.20 28.53 -24.95
N PHE A 723 -5.78 29.71 -24.48
CA PHE A 723 -6.73 30.79 -24.29
C PHE A 723 -7.18 31.37 -25.62
N THR A 724 -6.31 31.30 -26.64
CA THR A 724 -6.66 31.88 -27.94
C THR A 724 -7.88 31.20 -28.54
N ARG A 725 -7.95 29.88 -28.44
CA ARG A 725 -9.13 29.13 -28.87
C ARG A 725 -9.70 28.36 -27.69
N LEU A 726 -10.40 29.08 -26.82
CA LEU A 726 -11.31 28.50 -25.84
C LEU A 726 -12.72 28.31 -26.39
N PRO A 727 -13.33 29.32 -27.03
CA PRO A 727 -14.78 29.25 -27.28
C PRO A 727 -15.20 28.05 -28.10
N LYS A 728 -14.36 27.61 -29.05
CA LYS A 728 -14.73 26.44 -29.82
C LYS A 728 -14.66 25.17 -28.98
N ARG A 729 -13.86 25.18 -27.93
CA ARG A 729 -13.83 24.05 -27.01
C ARG A 729 -15.11 23.96 -26.19
N ILE A 730 -15.54 25.07 -25.59
CA ILE A 730 -16.75 25.05 -24.77
C ILE A 730 -17.99 24.72 -25.57
N TYR A 731 -18.13 25.27 -26.78
CA TYR A 731 -19.34 25.10 -27.56
C TYR A 731 -19.56 23.67 -28.04
N SER A 732 -18.56 22.80 -27.95
CA SER A 732 -18.67 21.47 -28.52
C SER A 732 -18.16 20.40 -27.56
N LYS A 733 -17.95 20.76 -26.29
CA LYS A 733 -17.51 19.78 -25.32
C LYS A 733 -18.26 19.88 -24.01
N ILE A 734 -19.01 20.97 -23.82
CA ILE A 734 -19.71 21.17 -22.55
C ILE A 734 -21.18 21.50 -22.86
N LEU A 735 -21.47 21.73 -24.13
CA LEU A 735 -22.84 21.97 -24.57
C LEU A 735 -23.25 20.91 -25.57
N ALA A 736 -24.47 20.41 -25.44
CA ALA A 736 -25.00 19.37 -26.31
C ALA A 736 -25.92 20.01 -27.34
N THR A 737 -25.32 20.49 -28.42
CA THR A 737 -26.05 21.15 -29.49
C THR A 737 -26.16 20.32 -30.76
N THR A 738 -25.26 19.35 -30.96
CA THR A 738 -25.24 18.57 -32.19
C THR A 738 -26.57 17.86 -32.40
N ASP A 739 -27.26 17.51 -31.32
CA ASP A 739 -28.56 16.87 -31.38
C ASP A 739 -29.62 17.74 -30.73
N MET A 740 -29.46 19.07 -30.85
CA MET A 740 -30.41 20.02 -30.31
C MET A 740 -31.05 20.86 -31.41
N GLU A 741 -30.41 20.98 -32.57
CA GLU A 741 -30.95 21.63 -33.77
C GLU A 741 -31.21 23.11 -33.44
N ILE A 742 -32.02 23.76 -34.28
CA ILE A 742 -32.33 25.19 -34.18
C ILE A 742 -31.02 25.94 -33.97
N LYS A 743 -30.02 25.65 -34.81
CA LYS A 743 -28.73 26.30 -34.72
C LYS A 743 -28.85 27.79 -34.99
N TYR A 744 -28.50 28.61 -34.00
CA TYR A 744 -28.49 30.05 -34.21
C TYR A 744 -27.55 30.68 -33.19
N LYS A 745 -26.81 31.69 -33.62
CA LYS A 745 -25.97 32.50 -32.76
C LYS A 745 -25.05 31.64 -31.92
N PRO A 746 -23.97 31.10 -32.49
CA PRO A 746 -23.09 30.20 -31.75
C PRO A 746 -22.20 30.89 -30.73
N LYS A 747 -22.46 32.17 -30.42
CA LYS A 747 -21.66 32.90 -29.46
C LYS A 747 -22.49 33.55 -28.36
N VAL A 748 -23.81 33.67 -28.52
CA VAL A 748 -24.62 34.10 -27.39
C VAL A 748 -24.70 33.01 -26.33
N LEU A 749 -24.56 31.74 -26.71
CA LEU A 749 -24.61 30.65 -25.75
C LEU A 749 -23.37 30.64 -24.87
N ILE A 750 -22.19 30.80 -25.46
CA ILE A 750 -20.96 30.80 -24.68
C ILE A 750 -20.98 31.93 -23.66
N SER A 751 -21.59 33.06 -24.03
CA SER A 751 -21.65 34.19 -23.11
C SER A 751 -22.41 33.84 -21.85
N GLN A 752 -23.52 33.11 -21.98
CA GLN A 752 -24.31 32.78 -20.81
C GLN A 752 -23.54 31.91 -19.84
N VAL A 753 -22.53 31.20 -20.33
CA VAL A 753 -21.73 30.33 -19.46
C VAL A 753 -20.54 31.09 -18.88
N TRP A 754 -19.78 31.76 -19.74
CA TRP A 754 -18.50 32.33 -19.31
C TRP A 754 -18.68 33.37 -18.20
N ASN A 755 -19.85 34.02 -18.15
CA ASN A 755 -20.08 34.97 -17.07
C ASN A 755 -20.39 34.26 -15.76
N ALA A 756 -21.12 33.13 -15.83
CA ALA A 756 -21.51 32.43 -14.61
C ALA A 756 -20.31 31.89 -13.87
N ILE A 757 -19.35 31.33 -14.60
CA ILE A 757 -18.17 30.75 -13.98
C ILE A 757 -17.33 31.83 -13.32
N ILE A 758 -17.24 33.01 -13.94
CA ILE A 758 -16.42 34.08 -13.39
C ILE A 758 -17.10 34.71 -12.18
N ILE A 759 -18.38 35.02 -12.30
CA ILE A 759 -19.08 35.69 -11.20
C ILE A 759 -19.00 34.85 -9.93
N SER A 760 -19.12 33.53 -10.07
CA SER A 760 -19.02 32.66 -8.90
C SER A 760 -17.67 32.82 -8.21
N MET A 761 -16.60 32.95 -8.98
CA MET A 761 -15.28 33.19 -8.38
C MET A 761 -15.29 34.49 -7.58
N TYR A 762 -15.87 35.55 -8.14
CA TYR A 762 -15.92 36.82 -7.46
C TYR A 762 -16.78 36.77 -6.20
N ARG A 763 -17.89 36.03 -6.22
CA ARG A 763 -18.76 35.95 -5.06
C ARG A 763 -18.11 35.25 -3.88
N GLU A 764 -16.98 34.57 -4.10
CA GLU A 764 -16.23 33.91 -3.04
C GLU A 764 -15.10 34.79 -2.52
N HIS A 765 -15.06 36.06 -2.94
CA HIS A 765 -14.04 37.02 -2.56
C HIS A 765 -12.66 36.58 -3.05
N LEU A 766 -12.55 36.47 -4.37
CA LEU A 766 -11.26 36.17 -4.99
C LEU A 766 -10.80 37.21 -5.98
N LEU A 767 -11.69 38.02 -6.53
CA LEU A 767 -11.32 38.96 -7.57
C LEU A 767 -11.84 40.35 -7.20
N ALA A 768 -11.07 41.36 -7.56
CA ALA A 768 -11.43 42.73 -7.25
C ALA A 768 -12.52 43.24 -8.20
N ILE A 769 -13.25 44.25 -7.76
CA ILE A 769 -14.40 44.72 -8.51
C ILE A 769 -13.99 45.31 -9.86
N ASP A 770 -12.85 45.99 -9.92
CA ASP A 770 -12.28 46.44 -11.18
C ASP A 770 -11.52 45.33 -11.89
N HIS A 771 -11.26 44.23 -11.19
CA HIS A 771 -10.46 43.14 -11.71
C HIS A 771 -11.28 42.15 -12.51
N VAL A 772 -12.60 42.31 -12.56
CA VAL A 772 -13.47 41.40 -13.30
C VAL A 772 -14.05 42.03 -14.56
N GLN A 773 -14.28 43.35 -14.57
CA GLN A 773 -14.92 43.98 -15.72
C GLN A 773 -14.14 43.75 -17.00
N LYS A 774 -12.81 43.65 -16.88
CA LYS A 774 -11.99 43.33 -18.04
C LYS A 774 -11.85 41.83 -18.26
N LEU A 775 -12.61 41.02 -17.53
CA LEU A 775 -12.53 39.57 -17.63
C LEU A 775 -13.92 38.97 -17.82
N LEU A 776 -14.70 39.54 -18.75
CA LEU A 776 -16.10 39.16 -18.89
C LEU A 776 -16.61 39.64 -20.24
N TYR A 777 -17.58 38.92 -20.79
CA TYR A 777 -18.19 39.39 -22.04
C TYR A 777 -19.06 40.61 -21.81
N HIS A 778 -18.52 41.78 -22.13
CA HIS A 778 -19.33 42.99 -22.12
C HIS A 778 -20.13 43.09 -23.41
N GLN A 779 -21.35 43.62 -23.30
CA GLN A 779 -22.20 43.84 -24.44
C GLN A 779 -22.33 45.33 -24.69
N VAL A 780 -22.07 45.75 -25.93
CA VAL A 780 -22.14 47.16 -26.29
C VAL A 780 -23.25 47.36 -27.31
N PRO A 781 -24.07 48.40 -27.18
CA PRO A 781 -25.15 48.61 -28.15
C PRO A 781 -24.59 49.04 -29.50
N SER A 782 -25.20 48.51 -30.56
CA SER A 782 -24.82 48.94 -31.91
C SER A 782 -25.20 50.40 -32.10
N GLU A 783 -24.18 51.26 -32.19
CA GLU A 783 -24.39 52.68 -32.38
C GLU A 783 -25.03 53.01 -33.73
N ILE A 784 -25.02 52.05 -34.67
CA ILE A 784 -25.63 52.29 -35.98
C ILE A 784 -27.15 52.33 -35.87
N GLU A 785 -27.73 51.31 -35.23
CA GLU A 785 -29.17 51.20 -35.13
C GLU A 785 -29.68 51.47 -33.72
N GLY A 786 -29.06 50.85 -32.72
CA GLY A 786 -29.51 51.01 -31.35
C GLY A 786 -29.58 49.70 -30.60
N LYS A 787 -29.56 48.57 -31.32
CA LYS A 787 -29.62 47.27 -30.68
C LYS A 787 -28.27 46.92 -30.06
N ARG A 788 -28.26 45.89 -29.23
CA ARG A 788 -27.06 45.51 -28.50
C ARG A 788 -26.23 44.52 -29.31
N THR A 789 -24.92 44.52 -29.04
CA THR A 789 -23.97 43.62 -29.65
C THR A 789 -23.07 43.02 -28.58
N LEU A 790 -22.29 42.01 -28.96
CA LEU A 790 -21.47 41.25 -28.03
C LEU A 790 -20.00 41.49 -28.31
N ARG A 791 -19.25 41.89 -27.29
CA ARG A 791 -17.81 42.04 -27.39
C ARG A 791 -17.10 40.86 -26.75
N ALA A 792 -15.78 40.94 -26.64
CA ALA A 792 -14.99 39.90 -25.99
C ALA A 792 -13.81 40.53 -25.25
N PRO A 793 -13.40 39.97 -24.11
CA PRO A 793 -12.31 40.58 -23.35
C PRO A 793 -11.00 40.60 -24.14
N THR A 794 -10.25 41.68 -23.95
CA THR A 794 -8.93 41.79 -24.57
C THR A 794 -7.98 40.69 -24.09
N PHE A 795 -8.10 40.27 -22.83
CA PHE A 795 -7.39 39.12 -22.32
C PHE A 795 -7.64 37.86 -23.14
N PHE A 796 -8.82 37.75 -23.73
CA PHE A 796 -9.29 36.48 -24.27
C PHE A 796 -8.99 36.38 -25.76
N VAL A 797 -8.30 37.38 -26.32
CA VAL A 797 -7.87 37.36 -27.72
C VAL A 797 -6.35 37.40 -27.79
N SER A 798 -5.72 38.19 -26.93
CA SER A 798 -4.26 38.30 -26.90
C SER A 798 -3.67 37.49 -25.74
N THR A 806 -1.75 42.82 -17.89
CA THR A 806 -2.37 43.81 -17.01
C THR A 806 -3.03 43.16 -15.79
N GLU A 807 -2.24 42.36 -15.08
CA GLU A 807 -2.60 41.73 -13.81
C GLU A 807 -4.01 41.12 -13.82
N PHE A 808 -4.22 40.13 -14.68
CA PHE A 808 -5.50 39.45 -14.70
C PHE A 808 -5.71 38.64 -13.42
N PHE A 809 -4.64 38.11 -12.86
CA PHE A 809 -4.73 37.34 -11.63
C PHE A 809 -3.75 37.88 -10.59
N PRO A 810 -4.21 38.21 -9.38
CA PRO A 810 -3.31 38.85 -8.41
C PRO A 810 -2.23 37.90 -7.90
N ARG A 811 -0.97 38.29 -8.07
CA ARG A 811 0.20 37.57 -7.56
C ARG A 811 0.04 36.06 -7.67
N ASP A 812 -0.33 35.64 -8.88
CA ASP A 812 -0.66 34.25 -9.22
C ASP A 812 -1.42 33.54 -8.11
N SER A 813 -2.52 34.14 -7.66
CA SER A 813 -3.37 33.55 -6.63
C SER A 813 -4.02 32.28 -7.17
N GLU A 814 -4.72 31.55 -6.30
CA GLU A 814 -5.28 30.27 -6.72
C GLU A 814 -6.33 30.45 -7.81
N ALA A 815 -6.94 31.63 -7.90
CA ALA A 815 -7.92 31.89 -8.95
C ALA A 815 -7.31 31.67 -10.33
N GLU A 816 -6.03 31.97 -10.49
CA GLU A 816 -5.33 31.59 -11.71
C GLU A 816 -5.23 30.09 -11.89
N ARG A 817 -4.92 29.35 -10.81
CA ARG A 817 -4.76 27.91 -10.93
C ARG A 817 -6.04 27.24 -11.41
N ARG A 818 -7.19 27.66 -10.87
CA ARG A 818 -8.45 27.03 -11.25
C ARG A 818 -8.75 27.26 -12.72
N ILE A 819 -8.64 28.50 -13.20
CA ILE A 819 -8.90 28.77 -14.61
C ILE A 819 -7.88 28.08 -15.48
N SER A 820 -6.61 28.12 -15.08
CA SER A 820 -5.55 27.55 -15.90
C SER A 820 -5.77 26.06 -16.14
N PHE A 821 -6.04 25.31 -15.07
CA PHE A 821 -6.23 23.88 -15.22
C PHE A 821 -7.50 23.58 -16.03
N PHE A 822 -8.55 24.35 -15.78
CA PHE A 822 -9.78 24.18 -16.55
C PHE A 822 -9.53 24.40 -18.04
N ALA A 823 -8.66 25.35 -18.37
CA ALA A 823 -8.38 25.64 -19.77
C ALA A 823 -7.67 24.47 -20.45
N GLN A 824 -6.72 23.84 -19.79
CA GLN A 824 -5.96 22.76 -20.39
C GLN A 824 -6.77 21.48 -20.55
N SER A 825 -7.69 21.21 -19.64
CA SER A 825 -8.41 19.94 -19.62
C SER A 825 -9.36 19.77 -20.80
N LEU A 826 -9.59 20.80 -21.59
CA LEU A 826 -10.50 20.73 -22.72
C LEU A 826 -9.79 20.33 -24.01
N SER A 827 -8.50 20.05 -23.95
CA SER A 827 -7.76 19.53 -25.09
C SER A 827 -7.89 18.03 -25.22
N THR A 828 -8.11 17.34 -24.12
CA THR A 828 -8.30 15.89 -24.14
C THR A 828 -9.58 15.57 -24.90
N PRO A 829 -9.62 14.46 -25.66
CA PRO A 829 -10.83 14.15 -26.43
C PRO A 829 -11.99 13.67 -25.57
N ILE A 830 -12.72 14.61 -25.00
CA ILE A 830 -13.87 14.30 -24.16
C ILE A 830 -15.00 13.76 -25.04
N PRO A 831 -15.70 12.71 -24.63
CA PRO A 831 -16.88 12.27 -25.39
C PRO A 831 -18.00 13.30 -25.32
N GLU A 832 -18.80 13.35 -26.38
CA GLU A 832 -19.84 14.34 -26.49
C GLU A 832 -21.01 13.99 -25.57
N PRO A 833 -21.61 14.97 -24.89
CA PRO A 833 -22.61 14.66 -23.88
C PRO A 833 -24.02 14.60 -24.43
N LEU A 834 -24.96 14.26 -23.54
CA LEU A 834 -26.36 14.13 -23.86
C LEU A 834 -27.14 15.35 -23.37
N PRO A 835 -28.37 15.54 -23.82
CA PRO A 835 -29.20 16.62 -23.25
C PRO A 835 -29.42 16.41 -21.76
N VAL A 836 -29.57 17.53 -21.05
CA VAL A 836 -29.71 17.52 -19.59
C VAL A 836 -31.06 16.97 -19.20
N ASP A 837 -31.89 16.64 -20.19
CA ASP A 837 -33.16 15.98 -19.96
C ASP A 837 -33.06 14.46 -19.99
N ASN A 838 -31.97 13.90 -20.48
CA ASN A 838 -31.85 12.46 -20.63
C ASN A 838 -30.63 11.88 -19.94
N MET A 839 -30.34 12.31 -18.72
CA MET A 839 -29.24 11.68 -18.02
C MET A 839 -29.76 10.83 -16.87
N PRO A 840 -29.02 9.81 -16.46
CA PRO A 840 -29.42 9.03 -15.29
C PRO A 840 -29.30 9.83 -14.02
N THR A 841 -29.96 9.35 -12.97
CA THR A 841 -29.95 9.99 -11.67
C THR A 841 -28.89 9.32 -10.81
N PHE A 842 -28.07 10.13 -10.15
CA PHE A 842 -27.03 9.61 -9.28
C PHE A 842 -27.17 10.17 -7.87
N THR A 843 -26.26 9.78 -7.00
CA THR A 843 -26.35 10.13 -5.58
C THR A 843 -24.96 10.20 -4.99
N VAL A 844 -24.88 10.77 -3.79
CA VAL A 844 -23.60 11.00 -3.11
C VAL A 844 -23.73 10.51 -1.67
N LEU A 845 -22.76 9.71 -1.23
CA LEU A 845 -22.70 9.21 0.14
C LEU A 845 -21.56 9.86 0.90
N THR A 846 -21.80 10.14 2.18
CA THR A 846 -20.77 10.70 3.05
C THR A 846 -20.90 10.14 4.45
N PRO A 847 -19.90 9.44 4.96
CA PRO A 847 -19.94 8.99 6.35
C PRO A 847 -19.34 10.03 7.29
N HIS A 848 -19.89 10.15 8.49
CA HIS A 848 -19.48 11.19 9.45
C HIS A 848 -19.61 10.64 10.87
N TYR A 849 -18.48 10.33 11.50
CA TYR A 849 -18.50 9.86 12.87
C TYR A 849 -18.58 11.01 13.87
N ALA A 850 -17.56 11.86 13.88
CA ALA A 850 -17.45 12.96 14.83
C ALA A 850 -16.56 14.02 14.22
N GLU A 851 -17.17 15.04 13.65
CA GLU A 851 -16.46 16.15 13.03
C GLU A 851 -17.05 17.46 13.55
N ARG A 852 -16.62 18.56 12.94
CA ARG A 852 -17.13 19.88 13.31
C ARG A 852 -18.05 20.38 12.21
N ILE A 853 -19.32 20.58 12.54
CA ILE A 853 -20.23 21.18 11.58
C ILE A 853 -19.92 22.66 11.36
N LEU A 854 -19.55 23.38 12.42
CA LEU A 854 -19.14 24.77 12.32
C LEU A 854 -18.09 25.00 13.39
N LEU A 855 -17.28 26.04 13.20
CA LEU A 855 -16.23 26.35 14.15
C LEU A 855 -16.75 27.01 15.42
N SER A 856 -18.06 27.01 15.63
CA SER A 856 -18.69 27.65 16.79
C SER A 856 -18.28 29.11 16.87
N LEU A 857 -18.27 29.69 18.07
CA LEU A 857 -17.81 31.06 18.25
C LEU A 857 -16.72 31.17 19.29
N ARG A 858 -16.86 30.41 20.38
CA ARG A 858 -15.89 30.49 21.47
C ARG A 858 -14.52 29.97 21.04
N GLU A 859 -14.49 29.15 20.00
CA GLU A 859 -13.25 28.51 19.55
C GLU A 859 -12.66 29.31 18.38
N ILE A 860 -12.85 30.62 18.46
CA ILE A 860 -12.38 31.52 17.41
C ILE A 860 -11.40 32.53 18.01
N ILE A 861 -11.48 32.73 19.31
CA ILE A 861 -10.62 33.69 19.99
C ILE A 861 -9.77 32.98 21.04
N ARG A 862 -10.44 32.42 22.05
CA ARG A 862 -9.81 31.59 23.09
C ARG A 862 -8.71 32.42 23.75
N GLU A 863 -7.64 31.83 24.27
CA GLU A 863 -6.53 32.57 24.86
C GLU A 863 -5.42 32.71 23.84
N ASP A 864 -4.69 33.81 23.92
CA ASP A 864 -3.76 34.14 22.84
C ASP A 864 -2.45 33.37 22.97
N ASP A 865 -1.66 33.66 24.00
CA ASP A 865 -0.32 33.09 24.13
C ASP A 865 -0.34 31.91 25.10
N GLN A 866 -1.21 30.95 24.79
CA GLN A 866 -1.22 29.67 25.47
C GLN A 866 -1.01 28.49 24.54
N PHE A 867 -1.10 28.70 23.22
CA PHE A 867 -0.81 27.67 22.24
C PHE A 867 -0.28 28.42 21.01
N SER A 868 -0.25 27.76 19.86
CA SER A 868 0.34 28.32 18.64
C SER A 868 -0.16 29.73 18.34
N ARG A 869 0.77 30.69 18.34
CA ARG A 869 0.51 32.08 17.98
C ARG A 869 -0.63 32.70 18.79
N VAL A 870 -1.65 33.19 18.09
CA VAL A 870 -2.69 34.02 18.68
C VAL A 870 -4.05 33.55 18.15
N THR A 871 -5.09 34.33 18.45
CA THR A 871 -6.46 33.98 18.07
C THR A 871 -6.56 33.49 16.63
N LEU A 872 -7.52 32.59 16.40
CA LEU A 872 -7.60 31.88 15.13
C LEU A 872 -7.82 32.83 13.96
N LEU A 873 -8.70 33.83 14.15
CA LEU A 873 -8.98 34.78 13.07
C LEU A 873 -7.70 35.37 12.50
N GLU A 874 -6.82 35.87 13.37
CA GLU A 874 -5.63 36.56 12.90
C GLU A 874 -4.70 35.59 12.19
N TYR A 875 -4.66 34.33 12.63
CA TYR A 875 -3.92 33.33 11.88
C TYR A 875 -4.53 33.11 10.51
N LEU A 876 -5.85 32.96 10.44
CA LEU A 876 -6.51 32.82 9.15
C LEU A 876 -6.41 34.10 8.33
N LYS A 877 -6.51 35.25 8.99
CA LYS A 877 -6.47 36.53 8.28
C LYS A 877 -5.13 36.74 7.58
N GLN A 878 -4.03 36.33 8.21
CA GLN A 878 -2.73 36.55 7.61
C GLN A 878 -2.50 35.63 6.42
N LEU A 879 -3.02 34.41 6.46
CA LEU A 879 -2.78 33.46 5.37
C LEU A 879 -3.44 33.90 4.08
N HIS A 880 -4.55 34.63 4.15
CA HIS A 880 -5.33 35.03 2.98
C HIS A 880 -5.54 36.54 3.03
N PRO A 881 -4.46 37.32 2.94
CA PRO A 881 -4.61 38.77 3.11
C PRO A 881 -4.95 39.49 1.82
N VAL A 882 -5.83 38.93 1.00
CA VAL A 882 -6.42 39.66 -0.10
C VAL A 882 -7.92 39.40 -0.07
N GLU A 883 -8.31 38.36 0.65
CA GLU A 883 -9.72 38.02 0.83
C GLU A 883 -10.39 38.82 1.94
N TRP A 884 -9.77 38.86 3.12
CA TRP A 884 -10.31 39.66 4.21
C TRP A 884 -10.47 41.11 3.79
N GLU A 885 -9.56 41.61 2.96
CA GLU A 885 -9.68 42.96 2.41
C GLU A 885 -10.95 43.09 1.60
N CYS A 886 -11.15 42.17 0.64
CA CYS A 886 -12.40 42.17 -0.12
C CYS A 886 -13.57 41.82 0.77
N PHE A 887 -13.35 41.00 1.80
CA PHE A 887 -14.45 40.59 2.66
C PHE A 887 -15.03 41.78 3.42
N VAL A 888 -14.17 42.53 4.11
CA VAL A 888 -14.66 43.65 4.92
C VAL A 888 -15.32 44.69 4.05
N LYS A 889 -14.78 44.91 2.85
CA LYS A 889 -15.45 45.77 1.87
C LYS A 889 -16.84 45.23 1.54
N ASP A 890 -16.94 43.93 1.33
CA ASP A 890 -18.23 43.31 1.04
C ASP A 890 -19.17 43.45 2.24
N THR A 891 -18.62 43.42 3.46
CA THR A 891 -19.43 43.69 4.63
C THR A 891 -19.99 45.11 4.62
N LYS A 892 -19.16 46.08 4.22
CA LYS A 892 -19.61 47.47 4.22
C LYS A 892 -20.78 47.68 3.28
N ILE A 893 -20.72 47.10 2.08
CA ILE A 893 -21.82 47.22 1.13
C ILE A 893 -23.08 46.57 1.70
N LEU A 894 -22.94 45.38 2.29
CA LEU A 894 -24.08 44.72 2.91
C LEU A 894 -24.62 45.54 4.08
N ALA A 895 -23.74 46.13 4.88
CA ALA A 895 -24.14 47.01 5.96
C ALA A 895 -24.53 48.40 5.49
N GLU A 896 -24.32 48.72 4.22
CA GLU A 896 -24.65 50.03 3.68
C GLU A 896 -26.17 50.19 3.56
N ALA A 932 -24.27 42.35 15.64
CA ALA A 932 -25.47 41.54 15.39
C ALA A 932 -25.07 40.09 15.08
N PRO A 933 -25.97 39.15 15.41
CA PRO A 933 -25.65 37.73 15.17
C PRO A 933 -25.30 37.41 13.73
N GLU A 934 -25.92 38.10 12.77
CA GLU A 934 -25.64 37.83 11.37
C GLU A 934 -24.16 38.08 11.05
N TYR A 935 -23.61 39.17 11.55
CA TYR A 935 -22.19 39.44 11.37
C TYR A 935 -21.34 38.34 11.98
N THR A 936 -21.73 37.87 13.17
CA THR A 936 -21.05 36.72 13.76
C THR A 936 -21.19 35.50 12.85
N LEU A 937 -22.39 35.28 12.31
CA LEU A 937 -22.59 34.20 11.36
C LEU A 937 -21.69 34.36 10.15
N ARG A 938 -21.67 35.56 9.56
CA ARG A 938 -20.84 35.78 8.38
C ARG A 938 -19.38 35.49 8.68
N THR A 939 -18.90 35.92 9.85
CA THR A 939 -17.56 35.55 10.27
C THR A 939 -17.46 34.05 10.50
N ARG A 940 -18.48 33.45 11.12
CA ARG A 940 -18.51 32.01 11.31
C ARG A 940 -18.36 31.30 9.96
N ILE A 941 -19.20 31.66 8.99
CA ILE A 941 -19.13 31.03 7.68
C ILE A 941 -17.79 31.30 7.03
N TRP A 942 -17.33 32.56 7.10
CA TRP A 942 -16.08 32.93 6.44
C TRP A 942 -14.92 32.07 6.95
N ALA A 943 -14.83 31.90 8.26
CA ALA A 943 -13.84 30.96 8.79
C ALA A 943 -14.20 29.52 8.44
N SER A 944 -15.49 29.19 8.43
CA SER A 944 -15.89 27.82 8.18
C SER A 944 -15.46 27.35 6.79
N LEU A 945 -15.61 28.21 5.78
CA LEU A 945 -15.18 27.84 4.44
C LEU A 945 -13.68 27.59 4.40
N ARG A 946 -12.93 28.24 5.28
CA ARG A 946 -11.51 27.96 5.42
C ARG A 946 -11.33 26.88 6.48
N SER A 947 -10.08 26.66 6.89
CA SER A 947 -9.77 25.60 7.84
C SER A 947 -10.19 24.25 7.27
N GLN A 948 -10.73 23.37 8.12
CA GLN A 948 -11.07 22.00 7.72
C GLN A 948 -12.26 21.55 8.55
N THR A 949 -13.46 21.60 7.95
CA THR A 949 -14.68 21.24 8.64
C THR A 949 -15.60 20.46 7.70
N LEU A 950 -16.86 20.27 8.11
CA LEU A 950 -17.83 19.58 7.27
C LEU A 950 -18.68 20.52 6.43
N TYR A 951 -18.89 21.76 6.88
CA TYR A 951 -19.70 22.69 6.11
C TYR A 951 -19.10 23.00 4.74
N ARG A 952 -17.77 22.95 4.61
CA ARG A 952 -17.17 23.28 3.33
C ARG A 952 -17.42 22.21 2.28
N THR A 953 -17.54 20.95 2.68
CA THR A 953 -17.79 19.90 1.70
C THR A 953 -19.22 19.97 1.18
N ILE A 954 -20.19 20.15 2.06
CA ILE A 954 -21.58 20.23 1.62
C ILE A 954 -21.77 21.39 0.66
N SER A 955 -21.27 22.57 1.04
CA SER A 955 -21.39 23.73 0.18
C SER A 955 -20.51 23.63 -1.06
N GLY A 956 -19.55 22.70 -1.07
CA GLY A 956 -18.72 22.54 -2.25
C GLY A 956 -19.30 21.56 -3.26
N PHE A 957 -20.10 20.60 -2.81
CA PHE A 957 -20.70 19.62 -3.69
C PHE A 957 -22.11 19.97 -4.10
N MET A 958 -22.77 20.89 -3.39
CA MET A 958 -24.09 21.35 -3.77
C MET A 958 -24.05 22.20 -5.03
N ASN A 959 -22.87 22.35 -5.64
CA ASN A 959 -22.77 22.98 -6.94
C ASN A 959 -23.26 22.07 -8.06
N TYR A 960 -23.36 20.76 -7.80
CA TYR A 960 -24.03 19.87 -8.73
C TYR A 960 -25.44 20.35 -9.02
N SER A 961 -26.09 20.92 -8.01
CA SER A 961 -27.46 21.39 -8.19
C SER A 961 -27.53 22.56 -9.16
N ARG A 962 -26.66 23.56 -9.00
CA ARG A 962 -26.70 24.70 -9.89
C ARG A 962 -26.24 24.32 -11.30
N ALA A 963 -25.17 23.53 -11.40
CA ALA A 963 -24.60 23.22 -12.71
C ALA A 963 -25.62 22.56 -13.61
N ILE A 964 -26.55 21.80 -13.03
CA ILE A 964 -27.62 21.23 -13.84
C ILE A 964 -28.59 22.32 -14.26
N LYS A 965 -29.01 23.16 -13.31
CA LYS A 965 -30.00 24.18 -13.60
C LYS A 965 -29.51 25.14 -14.67
N LEU A 966 -28.26 25.60 -14.54
CA LEU A 966 -27.72 26.54 -15.51
C LEU A 966 -27.68 25.92 -16.91
N LEU A 967 -27.26 24.66 -17.00
CA LEU A 967 -27.22 24.01 -18.30
C LEU A 967 -28.60 23.64 -18.81
N TYR A 968 -29.60 23.64 -17.94
CA TYR A 968 -30.96 23.35 -18.40
C TYR A 968 -31.54 24.53 -19.16
N ARG A 969 -31.37 25.75 -18.64
CA ARG A 969 -31.95 26.91 -19.33
C ARG A 969 -31.19 27.23 -20.61
N VAL A 970 -29.86 27.07 -20.59
CA VAL A 970 -29.06 27.43 -21.75
C VAL A 970 -29.42 26.55 -22.94
N GLU A 971 -29.59 25.24 -22.70
CA GLU A 971 -29.75 24.30 -23.80
C GLU A 971 -31.00 24.60 -24.62
N ASN A 972 -32.12 24.84 -23.96
CA ASN A 972 -33.36 25.12 -24.66
C ASN A 972 -33.95 26.46 -24.25
N PRO A 973 -33.58 27.56 -24.93
CA PRO A 973 -34.10 28.88 -24.56
C PRO A 973 -35.55 29.13 -24.96
N GLU A 974 -36.20 28.20 -25.65
CA GLU A 974 -37.63 28.33 -25.89
C GLU A 974 -38.45 28.01 -24.66
N ILE A 975 -37.85 27.37 -23.65
CA ILE A 975 -38.59 27.04 -22.45
C ILE A 975 -38.78 28.24 -21.54
N VAL A 976 -37.98 29.30 -21.70
CA VAL A 976 -38.16 30.51 -20.92
C VAL A 976 -39.13 31.48 -21.59
N GLN A 977 -39.24 31.45 -22.91
CA GLN A 977 -40.21 32.26 -23.61
C GLN A 977 -41.65 31.86 -23.32
N MET A 978 -41.87 30.60 -22.92
CA MET A 978 -43.22 30.12 -22.65
C MET A 978 -43.89 30.93 -21.55
N PHE A 979 -43.15 31.23 -20.48
CA PHE A 979 -43.67 32.05 -19.38
C PHE A 979 -42.65 33.11 -19.01
N GLY A 980 -42.13 33.79 -20.03
CA GLY A 980 -41.31 34.97 -19.79
C GLY A 980 -42.13 36.03 -19.07
N GLY A 981 -41.62 36.50 -17.93
CA GLY A 981 -42.36 37.37 -17.04
C GLY A 981 -42.72 36.73 -15.72
N ASN A 982 -42.71 35.40 -15.65
CA ASN A 982 -42.88 34.67 -14.39
C ASN A 982 -41.49 34.33 -13.86
N ALA A 983 -40.89 35.27 -13.14
CA ALA A 983 -39.60 35.00 -12.52
C ALA A 983 -39.71 33.88 -11.49
N GLU A 984 -40.78 33.87 -10.71
CA GLU A 984 -41.00 32.82 -9.72
C GLU A 984 -41.39 31.51 -10.41
N GLY A 985 -42.18 31.60 -11.48
CA GLY A 985 -42.57 30.40 -12.19
C GLY A 985 -41.41 29.73 -12.88
N LEU A 986 -40.49 30.54 -13.43
CA LEU A 986 -39.31 29.98 -14.08
C LEU A 986 -38.46 29.20 -13.08
N GLU A 987 -38.11 29.82 -11.96
CA GLU A 987 -37.20 29.20 -11.02
C GLU A 987 -37.83 27.97 -10.39
N ARG A 988 -39.15 27.97 -10.23
CA ARG A 988 -39.84 26.83 -9.65
C ARG A 988 -39.65 25.58 -10.50
N GLU A 989 -39.86 25.71 -11.81
CA GLU A 989 -39.72 24.56 -12.69
C GLU A 989 -38.28 24.05 -12.70
N LEU A 990 -37.31 24.98 -12.69
CA LEU A 990 -35.91 24.57 -12.71
C LEU A 990 -35.57 23.71 -11.50
N GLU A 991 -36.12 24.08 -10.33
CA GLU A 991 -35.87 23.28 -9.13
C GLU A 991 -36.47 21.89 -9.26
N LYS A 992 -37.65 21.79 -9.87
CA LYS A 992 -38.32 20.49 -9.96
C LYS A 992 -37.47 19.50 -10.74
N MET A 993 -36.76 19.98 -11.76
CA MET A 993 -35.86 19.09 -12.49
C MET A 993 -34.67 18.66 -11.65
N ALA A 994 -34.00 19.61 -11.00
CA ALA A 994 -32.77 19.29 -10.28
C ALA A 994 -33.01 18.46 -9.03
N ARG A 995 -34.25 18.34 -8.56
CA ARG A 995 -34.56 17.49 -7.42
C ARG A 995 -34.86 16.07 -7.83
N ARG A 996 -34.81 15.77 -9.13
CA ARG A 996 -35.07 14.41 -9.58
C ARG A 996 -33.91 13.85 -10.39
N LYS A 997 -32.83 14.61 -10.59
CA LYS A 997 -31.64 14.07 -11.21
C LYS A 997 -30.42 14.15 -10.29
N PHE A 998 -30.60 14.40 -8.99
CA PHE A 998 -29.47 14.54 -8.08
C PHE A 998 -29.97 14.41 -6.66
N LYS A 999 -29.36 13.51 -5.88
CA LYS A 999 -29.72 13.31 -4.49
C LYS A 999 -28.45 13.36 -3.63
N PHE A 1000 -28.57 13.92 -2.43
CA PHE A 1000 -27.47 14.02 -1.49
C PHE A 1000 -27.87 13.30 -0.21
N LEU A 1001 -26.94 12.56 0.39
CA LEU A 1001 -27.25 11.77 1.58
C LEU A 1001 -25.99 11.56 2.39
N VAL A 1002 -26.01 12.01 3.65
CA VAL A 1002 -24.92 11.80 4.59
C VAL A 1002 -25.39 10.78 5.63
N SER A 1003 -24.45 10.06 6.20
CA SER A 1003 -24.77 9.02 7.19
C SER A 1003 -24.24 9.48 8.55
N MET A 1004 -25.06 10.22 9.27
CA MET A 1004 -24.70 10.76 10.57
C MET A 1004 -24.99 9.71 11.64
N GLN A 1005 -23.96 8.98 12.03
CA GLN A 1005 -24.11 8.02 13.11
C GLN A 1005 -24.29 8.75 14.44
N ARG A 1006 -24.78 8.01 15.43
CA ARG A 1006 -24.88 8.46 16.82
C ARG A 1006 -25.56 9.82 16.95
N LEU A 1007 -26.44 10.13 16.00
CA LEU A 1007 -27.19 11.37 16.04
C LEU A 1007 -28.17 11.43 17.20
N ALA A 1008 -28.53 10.28 17.77
CA ALA A 1008 -29.45 10.27 18.90
C ALA A 1008 -28.83 10.74 20.19
N LYS A 1009 -27.52 10.99 20.19
CA LYS A 1009 -26.78 11.30 21.42
C LYS A 1009 -25.81 12.47 21.24
N PHE A 1010 -26.12 13.39 20.33
CA PHE A 1010 -25.31 14.60 20.22
C PHE A 1010 -25.48 15.49 21.44
N LYS A 1011 -24.43 16.23 21.75
CA LYS A 1011 -24.50 17.24 22.79
C LYS A 1011 -25.40 18.39 22.34
N PRO A 1012 -26.13 19.01 23.29
CA PRO A 1012 -27.10 20.04 22.88
C PRO A 1012 -26.47 21.22 22.17
N HIS A 1013 -25.18 21.48 22.37
CA HIS A 1013 -24.53 22.55 21.63
C HIS A 1013 -24.25 22.15 20.19
N GLU A 1014 -24.18 20.86 19.90
CA GLU A 1014 -23.88 20.36 18.57
C GLU A 1014 -25.13 19.99 17.79
N LEU A 1015 -26.26 19.79 18.47
CA LEU A 1015 -27.50 19.49 17.77
C LEU A 1015 -28.02 20.71 17.02
N GLU A 1016 -27.74 21.90 17.53
CA GLU A 1016 -28.15 23.12 16.84
C GLU A 1016 -27.51 23.21 15.46
N ASN A 1017 -26.25 22.81 15.36
CA ASN A 1017 -25.56 22.83 14.08
C ASN A 1017 -26.24 21.92 13.06
N ALA A 1018 -26.64 20.73 13.50
CA ALA A 1018 -27.27 19.78 12.60
C ALA A 1018 -28.54 20.35 11.98
N GLU A 1019 -29.40 20.94 12.81
CA GLU A 1019 -30.63 21.52 12.31
C GLU A 1019 -30.35 22.67 11.35
N PHE A 1020 -29.26 23.39 11.58
CA PHE A 1020 -28.96 24.55 10.74
C PHE A 1020 -28.76 24.15 9.28
N LEU A 1021 -28.12 23.00 9.06
CA LEU A 1021 -27.89 22.54 7.69
C LEU A 1021 -29.20 22.30 6.96
N LEU A 1022 -30.19 21.72 7.66
CA LEU A 1022 -31.48 21.47 7.04
C LEU A 1022 -32.11 22.77 6.57
N ARG A 1023 -31.95 23.85 7.35
CA ARG A 1023 -32.52 25.12 6.95
C ARG A 1023 -31.76 25.72 5.77
N ALA A 1024 -30.46 25.45 5.68
CA ALA A 1024 -29.64 26.00 4.61
C ALA A 1024 -29.97 25.38 3.26
N TYR A 1025 -29.78 24.06 3.15
CA TYR A 1025 -30.12 23.35 1.92
C TYR A 1025 -31.26 22.40 2.20
N PRO A 1026 -32.50 22.74 1.84
CA PRO A 1026 -33.62 21.85 2.17
C PRO A 1026 -33.52 20.48 1.52
N ASP A 1027 -32.94 20.39 0.33
CA ASP A 1027 -32.86 19.12 -0.39
C ASP A 1027 -31.62 18.37 0.08
N LEU A 1028 -31.72 17.84 1.30
CA LEU A 1028 -30.62 17.09 1.89
C LEU A 1028 -31.20 16.00 2.76
N GLN A 1029 -30.53 14.86 2.82
CA GLN A 1029 -31.07 13.69 3.52
C GLN A 1029 -30.04 13.13 4.49
N ILE A 1030 -30.51 12.85 5.70
CA ILE A 1030 -29.65 12.37 6.79
C ILE A 1030 -30.21 11.06 7.30
N ALA A 1031 -29.34 10.07 7.51
CA ALA A 1031 -29.73 8.75 7.98
C ALA A 1031 -28.97 8.43 9.26
N TYR A 1032 -29.70 7.98 10.28
CA TYR A 1032 -29.14 7.81 11.61
C TYR A 1032 -29.82 6.63 12.30
N LEU A 1033 -29.09 6.00 13.22
CA LEU A 1033 -29.63 4.88 13.97
C LEU A 1033 -30.58 5.40 15.06
N ASP A 1034 -31.22 4.47 15.75
CA ASP A 1034 -32.23 4.83 16.75
C ASP A 1034 -32.35 3.69 17.74
N GLU A 1035 -33.10 3.92 18.81
CA GLU A 1035 -33.27 2.90 19.84
C GLU A 1035 -34.69 2.95 20.36
N GLU A 1036 -35.00 1.98 21.23
CA GLU A 1036 -36.32 1.86 21.84
C GLU A 1036 -36.21 0.92 23.02
N PRO A 1037 -36.87 1.22 24.13
CA PRO A 1037 -36.81 0.33 25.30
C PRO A 1037 -37.31 -1.07 24.95
N PRO A 1038 -36.76 -2.10 25.58
CA PRO A 1038 -37.12 -3.47 25.22
C PRO A 1038 -38.59 -3.75 25.51
N LEU A 1039 -39.15 -4.69 24.74
CA LEU A 1039 -40.57 -4.99 24.85
C LEU A 1039 -40.92 -5.46 26.25
N THR A 1040 -40.10 -6.34 26.82
CA THR A 1040 -40.23 -6.74 28.21
C THR A 1040 -38.89 -6.58 28.90
N GLU A 1041 -38.92 -6.52 30.23
CA GLU A 1041 -37.71 -6.24 31.01
C GLU A 1041 -36.69 -7.36 30.88
N GLY A 1042 -35.46 -7.02 30.51
CA GLY A 1042 -34.37 -7.98 30.55
C GLY A 1042 -33.83 -8.41 29.21
N GLU A 1043 -34.39 -7.89 28.12
CA GLU A 1043 -33.96 -8.27 26.78
C GLU A 1043 -33.23 -7.10 26.12
N GLU A 1044 -32.56 -7.38 25.02
CA GLU A 1044 -31.85 -6.36 24.27
C GLU A 1044 -32.85 -5.35 23.70
N PRO A 1045 -32.51 -4.07 23.70
CA PRO A 1045 -33.40 -3.07 23.11
C PRO A 1045 -33.37 -3.12 21.59
N ARG A 1046 -34.55 -3.09 20.97
CA ARG A 1046 -34.63 -3.05 19.52
C ARG A 1046 -34.12 -1.70 19.01
N ILE A 1047 -33.51 -1.73 17.82
CA ILE A 1047 -32.91 -0.52 17.24
C ILE A 1047 -33.39 -0.39 15.80
N TYR A 1048 -33.70 0.83 15.38
CA TYR A 1048 -34.20 1.09 14.04
C TYR A 1048 -33.18 1.90 13.25
N SER A 1049 -33.53 2.30 12.03
CA SER A 1049 -32.65 3.16 11.24
C SER A 1049 -33.55 4.00 10.32
N ALA A 1050 -33.71 5.26 10.67
CA ALA A 1050 -34.63 6.17 10.01
C ALA A 1050 -33.89 7.33 9.36
N LEU A 1051 -34.52 7.93 8.36
CA LEU A 1051 -33.96 9.12 7.71
C LEU A 1051 -34.94 10.27 7.81
N ILE A 1052 -34.39 11.48 7.81
CA ILE A 1052 -35.17 12.70 7.89
C ILE A 1052 -34.79 13.59 6.72
N ASP A 1053 -35.81 14.16 6.06
CA ASP A 1053 -35.59 15.02 4.91
C ASP A 1053 -35.51 16.47 5.38
N GLY A 1054 -35.52 17.40 4.44
CA GLY A 1054 -35.52 18.81 4.78
C GLY A 1054 -36.91 19.41 4.80
N HIS A 1055 -37.89 18.64 4.33
CA HIS A 1055 -39.27 19.11 4.30
C HIS A 1055 -40.16 18.42 5.33
N CYS A 1056 -39.62 17.52 6.14
CA CYS A 1056 -40.41 16.86 7.16
C CYS A 1056 -40.87 17.86 8.20
N GLU A 1057 -42.12 17.74 8.64
CA GLU A 1057 -42.65 18.66 9.63
C GLU A 1057 -41.96 18.45 10.97
N ILE A 1058 -41.83 19.54 11.73
CA ILE A 1058 -41.17 19.51 13.02
C ILE A 1058 -42.18 19.04 14.06
N LEU A 1059 -41.70 18.49 15.17
CA LEU A 1059 -42.56 18.02 16.25
C LEU A 1059 -42.23 18.79 17.52
N ASP A 1060 -43.02 18.53 18.56
CA ASP A 1060 -42.87 19.25 19.82
C ASP A 1060 -41.48 19.05 20.41
N ASN A 1061 -40.91 17.86 20.24
CA ASN A 1061 -39.59 17.58 20.80
C ASN A 1061 -38.53 18.49 20.20
N GLY A 1062 -38.61 18.73 18.89
CA GLY A 1062 -37.61 19.52 18.21
C GLY A 1062 -37.06 18.78 17.00
N ARG A 1063 -37.06 17.45 17.06
CA ARG A 1063 -36.58 16.65 15.95
C ARG A 1063 -37.71 16.40 14.96
N ARG A 1064 -37.36 16.33 13.68
CA ARG A 1064 -38.37 16.16 12.65
C ARG A 1064 -38.85 14.72 12.58
N ARG A 1065 -40.08 14.56 12.11
CA ARG A 1065 -40.65 13.23 11.95
C ARG A 1065 -40.05 12.56 10.71
N PRO A 1066 -39.50 11.37 10.85
CA PRO A 1066 -38.82 10.73 9.71
C PRO A 1066 -39.79 10.23 8.65
N LYS A 1067 -39.24 10.05 7.45
CA LYS A 1067 -40.01 9.54 6.32
C LYS A 1067 -40.15 8.02 6.37
N PHE A 1068 -39.07 7.31 6.65
CA PHE A 1068 -39.07 5.86 6.74
C PHE A 1068 -38.47 5.45 8.07
N ARG A 1069 -38.77 4.23 8.50
CA ARG A 1069 -38.25 3.75 9.78
C ARG A 1069 -38.22 2.21 9.72
N VAL A 1070 -37.02 1.68 9.52
CA VAL A 1070 -36.83 0.25 9.30
C VAL A 1070 -36.25 -0.38 10.56
N GLN A 1071 -36.57 -1.64 10.81
CA GLN A 1071 -36.13 -2.33 12.02
C GLN A 1071 -34.98 -3.28 11.71
N LEU A 1072 -33.89 -3.13 12.45
CA LEU A 1072 -32.75 -4.03 12.36
C LEU A 1072 -32.95 -5.22 13.29
N SER A 1073 -31.90 -6.02 13.50
CA SER A 1073 -32.01 -7.22 14.32
C SER A 1073 -30.91 -7.27 15.36
N GLY A 1074 -30.33 -6.11 15.68
CA GLY A 1074 -29.25 -6.04 16.63
C GLY A 1074 -28.26 -4.97 16.25
N ASN A 1075 -27.30 -4.69 17.12
CA ASN A 1075 -26.36 -3.62 16.86
C ASN A 1075 -25.58 -3.90 15.58
N PRO A 1076 -25.61 -3.02 14.59
CA PRO A 1076 -24.88 -3.31 13.35
C PRO A 1076 -23.41 -2.99 13.44
N ILE A 1077 -23.03 -2.01 14.26
CA ILE A 1077 -21.63 -1.64 14.36
C ILE A 1077 -20.86 -2.77 15.04
N LEU A 1078 -20.07 -3.49 14.25
CA LEU A 1078 -19.23 -4.55 14.78
C LEU A 1078 -17.77 -4.42 14.39
N GLY A 1079 -17.43 -3.69 13.33
CA GLY A 1079 -16.06 -3.60 12.87
C GLY A 1079 -15.33 -2.41 13.46
N ASP A 1080 -14.13 -2.18 12.92
CA ASP A 1080 -13.24 -1.14 13.44
C ASP A 1080 -13.43 0.19 12.70
N GLY A 1081 -13.27 0.18 11.38
CA GLY A 1081 -13.34 1.40 10.61
C GLY A 1081 -14.77 1.84 10.33
N LYS A 1082 -14.89 2.84 9.46
CA LYS A 1082 -16.19 3.33 9.03
C LYS A 1082 -16.57 2.68 7.70
N SER A 1083 -16.83 1.39 7.78
CA SER A 1083 -17.36 0.61 6.67
C SER A 1083 -18.73 0.02 6.95
N ASP A 1084 -19.01 -0.32 8.20
CA ASP A 1084 -20.37 -0.69 8.59
C ASP A 1084 -21.27 0.52 8.76
N ASN A 1085 -20.67 1.71 8.86
CA ASN A 1085 -21.47 2.94 8.84
C ASN A 1085 -22.12 3.15 7.49
N GLN A 1086 -21.40 2.88 6.40
CA GLN A 1086 -21.97 3.00 5.07
C GLN A 1086 -23.13 2.02 4.86
N ASN A 1087 -22.97 0.79 5.35
CA ASN A 1087 -23.93 -0.26 5.02
C ASN A 1087 -25.33 0.01 5.53
N HIS A 1088 -25.49 0.48 6.77
CA HIS A 1088 -26.84 0.61 7.31
C HIS A 1088 -27.64 1.70 6.62
N ALA A 1089 -26.97 2.58 5.87
CA ALA A 1089 -27.62 3.71 5.22
C ALA A 1089 -27.53 3.57 3.72
N LEU A 1090 -27.19 2.38 3.22
CA LEU A 1090 -27.15 2.14 1.80
C LEU A 1090 -28.52 1.83 1.22
N ILE A 1091 -29.51 1.58 2.07
CA ILE A 1091 -30.84 1.24 1.58
C ILE A 1091 -31.45 2.41 0.84
N PHE A 1092 -31.18 3.63 1.29
CA PHE A 1092 -31.76 4.82 0.70
C PHE A 1092 -30.75 5.41 -0.27
N TYR A 1093 -30.61 4.83 -1.46
CA TYR A 1093 -29.56 5.30 -2.35
C TYR A 1093 -30.13 5.58 -3.75
N ARG A 1094 -31.42 5.92 -3.83
CA ARG A 1094 -32.14 6.02 -5.08
C ARG A 1094 -31.29 6.61 -6.20
N GLY A 1095 -31.19 5.91 -7.32
CA GLY A 1095 -30.33 6.38 -8.39
C GLY A 1095 -29.89 5.23 -9.25
N GLU A 1096 -28.85 5.49 -10.04
CA GLU A 1096 -28.31 4.46 -10.92
C GLU A 1096 -26.81 4.33 -10.73
N TYR A 1097 -26.15 5.43 -10.39
CA TYR A 1097 -24.71 5.48 -10.12
C TYR A 1097 -24.48 6.16 -8.78
N ILE A 1098 -23.37 5.85 -8.15
CA ILE A 1098 -23.03 6.39 -6.84
C ILE A 1098 -21.64 7.02 -6.91
N GLN A 1099 -21.51 8.18 -6.30
CA GLN A 1099 -20.20 8.78 -6.04
C GLN A 1099 -20.03 8.83 -4.54
N LEU A 1100 -19.02 8.14 -4.02
CA LEU A 1100 -18.82 8.04 -2.59
C LEU A 1100 -17.57 8.82 -2.21
N ILE A 1101 -17.69 9.67 -1.20
CA ILE A 1101 -16.64 10.60 -0.81
C ILE A 1101 -16.45 10.53 0.70
N ASP A 1102 -15.32 11.03 1.15
CA ASP A 1102 -15.07 11.23 2.57
C ASP A 1102 -15.47 12.66 2.94
N ALA A 1103 -15.19 13.09 4.16
CA ALA A 1103 -15.68 14.38 4.64
C ALA A 1103 -14.69 15.52 4.39
N ASN A 1104 -13.79 15.36 3.41
CA ASN A 1104 -12.85 16.42 3.05
C ASN A 1104 -12.65 16.41 1.53
N GLN A 1105 -13.46 17.21 0.84
CA GLN A 1105 -13.40 17.31 -0.61
C GLN A 1105 -13.79 18.73 -1.00
N ASP A 1106 -13.44 19.15 -2.22
CA ASP A 1106 -13.77 20.50 -2.63
C ASP A 1106 -14.75 20.59 -3.80
N ASN A 1107 -14.38 20.01 -4.94
CA ASN A 1107 -15.25 19.94 -6.12
C ASN A 1107 -15.77 21.32 -6.53
N TYR A 1108 -14.86 22.14 -7.03
CA TYR A 1108 -15.20 23.46 -7.52
C TYR A 1108 -16.23 23.38 -8.64
N LEU A 1109 -16.82 24.53 -8.97
CA LEU A 1109 -17.93 24.53 -9.93
C LEU A 1109 -17.45 24.28 -11.35
N GLU A 1110 -16.32 24.86 -11.74
CA GLU A 1110 -15.84 24.71 -13.12
C GLU A 1110 -15.50 23.26 -13.43
N GLU A 1111 -15.19 22.46 -12.41
CA GLU A 1111 -14.96 21.03 -12.57
C GLU A 1111 -16.22 20.24 -12.28
N CYS A 1112 -17.34 20.96 -12.19
CA CYS A 1112 -18.64 20.37 -11.91
C CYS A 1112 -19.61 20.49 -13.07
N LEU A 1113 -19.30 21.30 -14.08
CA LEU A 1113 -20.20 21.42 -15.23
C LEU A 1113 -20.21 20.14 -16.05
N LYS A 1114 -19.04 19.56 -16.30
CA LYS A 1114 -18.93 18.41 -17.20
C LYS A 1114 -19.14 17.12 -16.42
N ILE A 1115 -20.31 17.02 -15.80
CA ILE A 1115 -20.68 15.81 -15.07
C ILE A 1115 -21.32 14.75 -15.97
N ARG A 1116 -22.02 15.15 -17.02
CA ARG A 1116 -22.65 14.16 -17.87
C ARG A 1116 -21.73 13.67 -18.98
N SER A 1117 -20.46 14.07 -18.96
CA SER A 1117 -19.48 13.46 -19.84
C SER A 1117 -18.68 12.39 -19.12
N VAL A 1118 -18.25 12.64 -17.89
CA VAL A 1118 -17.62 11.60 -17.08
C VAL A 1118 -18.58 10.46 -16.80
N LEU A 1119 -19.87 10.75 -16.60
CA LEU A 1119 -20.87 9.74 -16.35
C LEU A 1119 -21.12 8.85 -17.55
N ALA A 1120 -20.59 9.22 -18.72
CA ALA A 1120 -20.72 8.42 -19.93
C ALA A 1120 -19.55 7.48 -20.14
N GLU A 1121 -18.63 7.42 -19.19
CA GLU A 1121 -17.56 6.42 -19.27
C GLU A 1121 -18.13 5.01 -19.19
N PHE A 1122 -19.14 4.82 -18.34
CA PHE A 1122 -19.90 3.58 -18.36
C PHE A 1122 -20.58 3.48 -19.71
N GLU A 1123 -20.14 2.54 -20.54
CA GLU A 1123 -20.70 2.51 -21.89
C GLU A 1123 -22.12 1.97 -21.83
N GLU A 1124 -23.06 2.82 -21.37
CA GLU A 1124 -24.44 2.42 -21.22
C GLU A 1124 -25.36 3.54 -21.65
N LEU A 1125 -24.79 4.64 -22.14
CA LEU A 1125 -25.59 5.78 -22.57
C LEU A 1125 -25.87 5.77 -24.06
N ASN A 1126 -24.95 5.26 -24.86
CA ASN A 1126 -25.10 5.23 -26.31
C ASN A 1126 -24.97 3.78 -26.78
N VAL A 1127 -26.07 3.03 -26.74
CA VAL A 1127 -26.09 1.63 -27.12
C VAL A 1127 -27.44 1.32 -27.76
N GLU A 1128 -27.57 0.07 -28.21
CA GLU A 1128 -28.80 -0.45 -28.78
C GLU A 1128 -29.20 -1.72 -28.04
N GLN A 1129 -30.50 -1.88 -27.81
CA GLN A 1129 -30.98 -3.05 -27.09
C GLN A 1129 -31.21 -4.21 -28.05
N VAL A 1130 -30.97 -5.43 -27.56
CA VAL A 1130 -30.94 -6.58 -28.45
C VAL A 1130 -31.80 -7.73 -27.94
N ASN A 1131 -32.69 -7.46 -26.98
CA ASN A 1131 -33.56 -8.50 -26.45
C ASN A 1131 -32.74 -9.69 -25.98
N PRO A 1132 -32.11 -9.61 -24.81
CA PRO A 1132 -31.13 -10.65 -24.43
C PRO A 1132 -31.65 -12.06 -24.52
N TYR A 1133 -32.91 -12.30 -24.18
CA TYR A 1133 -33.52 -13.62 -24.36
C TYR A 1133 -33.99 -13.72 -25.81
N ALA A 1134 -33.17 -14.36 -26.64
CA ALA A 1134 -33.47 -14.51 -28.04
C ALA A 1134 -32.89 -15.83 -28.54
N PRO A 1135 -33.61 -16.58 -29.37
CA PRO A 1135 -33.06 -17.82 -29.94
C PRO A 1135 -31.81 -17.55 -30.76
N GLY A 1136 -30.86 -18.47 -30.72
CA GLY A 1136 -29.55 -18.23 -31.28
C GLY A 1136 -28.71 -17.39 -30.33
N LEU A 1137 -27.73 -16.70 -30.91
CA LEU A 1137 -26.90 -15.75 -30.18
C LEU A 1137 -26.27 -16.41 -28.94
N ARG A 1138 -25.44 -17.40 -29.19
CA ARG A 1138 -24.80 -18.11 -28.10
C ARG A 1138 -23.73 -17.24 -27.47
N TYR A 1139 -23.29 -17.65 -26.27
CA TYR A 1139 -22.37 -16.83 -25.49
C TYR A 1139 -20.97 -16.93 -26.10
N GLU A 1140 -20.81 -16.43 -27.32
CA GLU A 1140 -19.48 -16.32 -27.91
C GLU A 1140 -19.36 -14.99 -28.63
N GLU A 1141 -20.49 -14.42 -29.03
CA GLU A 1141 -20.54 -13.24 -29.89
C GLU A 1141 -21.51 -12.20 -29.35
N GLN A 1142 -21.75 -12.21 -28.05
CA GLN A 1142 -22.49 -11.13 -27.42
C GLN A 1142 -21.56 -9.94 -27.21
N THR A 1143 -22.09 -8.84 -26.69
CA THR A 1143 -21.29 -7.64 -26.48
C THR A 1143 -21.15 -7.28 -25.01
N THR A 1144 -22.26 -7.16 -24.28
CA THR A 1144 -22.21 -6.78 -22.88
C THR A 1144 -21.99 -8.02 -22.00
N ASN A 1145 -20.73 -8.41 -21.91
CA ASN A 1145 -20.34 -9.54 -21.09
C ASN A 1145 -19.58 -9.13 -19.83
N HIS A 1146 -18.80 -8.06 -19.91
CA HIS A 1146 -18.01 -7.58 -18.77
C HIS A 1146 -18.32 -6.11 -18.55
N PRO A 1147 -19.29 -5.79 -17.71
CA PRO A 1147 -19.63 -4.39 -17.45
C PRO A 1147 -18.51 -3.69 -16.70
N VAL A 1148 -18.56 -2.37 -16.73
CA VAL A 1148 -17.57 -1.54 -16.07
C VAL A 1148 -18.07 -1.20 -14.67
N ALA A 1149 -17.19 -1.35 -13.68
CA ALA A 1149 -17.62 -1.20 -12.29
C ALA A 1149 -17.11 0.07 -11.65
N ILE A 1150 -15.81 0.28 -11.64
CA ILE A 1150 -15.22 1.42 -10.95
C ILE A 1150 -14.70 2.41 -11.97
N VAL A 1151 -14.75 3.69 -11.63
CA VAL A 1151 -14.07 4.71 -12.42
C VAL A 1151 -13.29 5.63 -11.50
N GLY A 1152 -11.96 5.46 -11.48
CA GLY A 1152 -11.11 6.38 -10.77
C GLY A 1152 -10.94 7.68 -11.54
N ALA A 1153 -10.57 8.73 -10.83
CA ALA A 1153 -10.43 10.05 -11.42
C ALA A 1153 -8.97 10.48 -11.42
N ARG A 1154 -8.70 11.64 -12.02
CA ARG A 1154 -7.35 12.17 -12.08
C ARG A 1154 -6.83 12.55 -10.71
N GLU A 1155 -5.61 12.14 -10.39
CA GLU A 1155 -5.02 12.43 -9.09
C GLU A 1155 -3.60 12.98 -9.22
N TYR A 1156 -2.95 12.69 -10.35
CA TYR A 1156 -1.59 13.16 -10.59
C TYR A 1156 -1.58 14.59 -11.11
N ILE A 1157 -1.73 15.55 -10.20
CA ILE A 1157 -1.75 16.96 -10.57
C ILE A 1157 -0.38 17.43 -11.00
N PHE A 1158 -0.35 18.46 -11.85
CA PHE A 1158 0.91 19.01 -12.34
C PHE A 1158 1.09 20.45 -11.89
N VAL A 1168 20.69 26.78 -22.54
CA VAL A 1168 20.22 25.66 -21.74
C VAL A 1168 18.81 25.92 -21.24
N ALA A 1169 18.30 27.12 -21.49
CA ALA A 1169 16.97 27.50 -21.01
C ALA A 1169 15.89 26.67 -21.70
N ALA A 1170 15.93 26.61 -23.03
CA ALA A 1170 14.96 25.82 -23.77
C ALA A 1170 15.10 24.34 -23.47
N GLY A 1171 16.35 23.87 -23.33
CA GLY A 1171 16.56 22.48 -22.96
C GLY A 1171 16.08 22.16 -21.57
N LYS A 1172 16.21 23.12 -20.65
CA LYS A 1172 15.82 22.89 -19.26
C LYS A 1172 14.32 22.60 -19.15
N GLU A 1173 13.49 23.35 -19.88
CA GLU A 1173 12.07 23.09 -19.85
C GLU A 1173 11.74 21.73 -20.46
N GLN A 1174 12.42 21.38 -21.55
CA GLN A 1174 12.25 20.06 -22.14
C GLN A 1174 12.70 18.96 -21.17
N THR A 1175 13.88 19.13 -20.59
CA THR A 1175 14.38 18.13 -19.65
C THR A 1175 13.50 18.06 -18.41
N PHE A 1176 13.09 19.21 -17.87
CA PHE A 1176 12.20 19.20 -16.72
C PHE A 1176 10.84 18.62 -17.06
N GLY A 1177 10.43 18.72 -18.33
CA GLY A 1177 9.25 18.01 -18.76
C GLY A 1177 9.45 16.51 -18.75
N THR A 1178 10.66 16.05 -19.12
CA THR A 1178 10.95 14.63 -19.09
C THR A 1178 11.03 14.11 -17.65
N LEU A 1179 11.76 14.81 -16.80
CA LEU A 1179 11.85 14.42 -15.39
C LEU A 1179 10.48 14.45 -14.72
N PHE A 1180 9.57 15.25 -15.25
CA PHE A 1180 8.20 15.25 -14.75
C PHE A 1180 7.55 13.89 -14.93
N ALA A 1181 7.66 13.31 -16.13
CA ALA A 1181 6.98 12.06 -16.43
C ALA A 1181 7.50 10.92 -15.55
N ARG A 1182 8.83 10.86 -15.36
CA ARG A 1182 9.42 9.79 -14.56
C ARG A 1182 8.88 9.83 -13.14
N THR A 1183 8.79 11.02 -12.56
CA THR A 1183 8.08 11.18 -11.31
C THR A 1183 6.61 10.86 -11.47
N LEU A 1184 6.01 11.29 -12.59
CA LEU A 1184 4.58 11.18 -12.77
C LEU A 1184 4.14 9.73 -12.86
N SER A 1185 4.78 8.95 -13.73
CA SER A 1185 4.26 7.64 -14.08
C SER A 1185 4.60 6.59 -13.02
N GLN A 1186 5.47 6.93 -12.08
CA GLN A 1186 5.80 5.99 -11.02
C GLN A 1186 4.57 5.70 -10.16
N ILE A 1187 3.82 6.74 -9.80
CA ILE A 1187 2.61 6.55 -9.00
C ILE A 1187 1.36 6.46 -9.85
N GLY A 1188 1.48 6.51 -11.18
CA GLY A 1188 0.32 6.37 -12.05
C GLY A 1188 -0.41 5.07 -11.89
N GLY A 1189 0.25 4.03 -11.39
CA GLY A 1189 -0.40 2.77 -11.14
C GLY A 1189 -0.02 2.14 -9.83
N LYS A 1190 0.54 2.93 -8.91
CA LYS A 1190 0.93 2.43 -7.59
C LYS A 1190 -0.12 2.78 -6.56
N LEU A 1191 -0.51 4.05 -6.51
CA LEU A 1191 -1.60 4.48 -5.63
C LEU A 1191 -2.88 4.63 -6.44
N HIS A 1192 -2.87 4.12 -7.67
CA HIS A 1192 -4.07 4.17 -8.51
C HIS A 1192 -4.24 2.79 -9.14
N TYR A 1193 -4.88 1.88 -8.40
CA TYR A 1193 -5.33 0.63 -8.97
C TYR A 1193 -6.83 0.45 -8.76
N GLY A 1194 -7.27 0.64 -7.51
CA GLY A 1194 -8.67 0.45 -7.17
C GLY A 1194 -9.30 1.59 -6.41
N HIS A 1195 -8.60 2.72 -6.26
CA HIS A 1195 -9.13 3.91 -5.61
C HIS A 1195 -10.45 4.28 -6.26
N PRO A 1196 -11.58 4.10 -5.57
CA PRO A 1196 -12.88 4.25 -6.22
C PRO A 1196 -13.42 5.67 -6.07
N ASP A 1197 -14.02 6.18 -7.13
CA ASP A 1197 -14.75 7.45 -7.07
C ASP A 1197 -16.19 7.30 -7.52
N PHE A 1198 -16.43 6.65 -8.65
CA PHE A 1198 -17.77 6.40 -9.15
C PHE A 1198 -17.99 4.89 -9.21
N ILE A 1199 -19.17 4.45 -8.82
CA ILE A 1199 -19.48 3.02 -8.72
C ILE A 1199 -20.73 2.73 -9.52
N ASN A 1200 -20.69 1.70 -10.34
CA ASN A 1200 -21.86 1.21 -11.06
C ASN A 1200 -22.74 0.51 -10.05
N ALA A 1201 -23.79 1.20 -9.61
CA ALA A 1201 -24.58 0.74 -8.46
C ALA A 1201 -25.19 -0.62 -8.67
N THR A 1202 -25.80 -0.85 -9.84
CA THR A 1202 -26.50 -2.11 -10.06
C THR A 1202 -25.54 -3.29 -10.02
N PHE A 1203 -24.40 -3.17 -10.68
CA PHE A 1203 -23.41 -4.24 -10.73
C PHE A 1203 -22.75 -4.50 -9.38
N MET A 1204 -22.52 -3.46 -8.58
CA MET A 1204 -21.67 -3.56 -7.41
C MET A 1204 -22.44 -3.73 -6.11
N THR A 1205 -23.77 -3.79 -6.16
CA THR A 1205 -24.54 -3.96 -4.94
C THR A 1205 -25.27 -5.29 -4.88
N THR A 1206 -25.41 -6.00 -6.00
CA THR A 1206 -25.94 -7.36 -5.98
C THR A 1206 -24.92 -8.38 -5.52
N ARG A 1207 -23.64 -8.17 -5.83
CA ARG A 1207 -22.58 -9.10 -5.48
C ARG A 1207 -21.69 -8.46 -4.43
N GLY A 1208 -22.08 -8.60 -3.18
CA GLY A 1208 -21.30 -8.08 -2.07
C GLY A 1208 -21.81 -6.74 -1.58
N GLY A 1209 -20.90 -5.82 -1.31
CA GLY A 1209 -21.26 -4.48 -0.90
C GLY A 1209 -20.29 -3.47 -1.48
N VAL A 1210 -20.27 -2.26 -0.95
CA VAL A 1210 -19.34 -1.25 -1.44
C VAL A 1210 -17.98 -1.34 -0.75
N SER A 1211 -17.95 -1.81 0.50
CA SER A 1211 -16.71 -1.99 1.23
C SER A 1211 -16.97 -2.90 2.41
N LYS A 1212 -15.91 -3.57 2.87
CA LYS A 1212 -16.03 -4.53 3.96
C LYS A 1212 -14.94 -4.27 5.00
N ALA A 1213 -15.29 -4.56 6.26
CA ALA A 1213 -14.36 -4.37 7.37
C ALA A 1213 -14.63 -5.49 8.38
N GLN A 1214 -13.61 -6.29 8.67
CA GLN A 1214 -13.72 -7.43 9.56
C GLN A 1214 -12.44 -7.59 10.36
N LYS A 1215 -12.57 -8.18 11.55
CA LYS A 1215 -11.39 -8.51 12.34
C LYS A 1215 -10.50 -9.53 11.63
N GLY A 1216 -11.12 -10.53 11.02
CA GLY A 1216 -10.37 -11.56 10.33
C GLY A 1216 -9.64 -11.07 9.09
N LEU A 1217 -10.38 -10.68 8.06
CA LEU A 1217 -9.76 -10.18 6.84
C LEU A 1217 -9.16 -8.80 7.06
N HIS A 1218 -8.07 -8.52 6.36
CA HIS A 1218 -7.35 -7.26 6.51
C HIS A 1218 -6.64 -6.94 5.20
N LEU A 1219 -7.21 -6.05 4.40
CA LEU A 1219 -6.46 -5.61 3.22
C LEU A 1219 -6.08 -4.13 3.31
N ASN A 1220 -7.05 -3.24 3.15
CA ASN A 1220 -6.93 -1.86 3.58
C ASN A 1220 -8.31 -1.28 3.87
N GLU A 1221 -9.35 -2.09 3.69
CA GLU A 1221 -10.74 -1.64 3.68
C GLU A 1221 -11.01 -0.59 2.61
N ASP A 1222 -10.04 -0.35 1.72
CA ASP A 1222 -10.24 0.62 0.64
C ASP A 1222 -9.89 -0.02 -0.70
N ILE A 1223 -8.83 -0.83 -0.74
CA ILE A 1223 -8.45 -1.52 -1.95
C ILE A 1223 -9.19 -2.85 -2.11
N TYR A 1224 -9.81 -3.34 -1.04
CA TYR A 1224 -10.51 -4.62 -1.08
C TYR A 1224 -11.60 -4.61 -2.15
N ALA A 1225 -12.33 -3.51 -2.27
CA ALA A 1225 -13.39 -3.42 -3.27
C ALA A 1225 -12.80 -3.47 -4.68
N GLY A 1226 -11.63 -2.87 -4.88
CA GLY A 1226 -11.03 -2.87 -6.20
C GLY A 1226 -10.64 -4.25 -6.67
N MET A 1227 -10.01 -5.05 -5.79
CA MET A 1227 -9.57 -6.37 -6.19
C MET A 1227 -10.73 -7.34 -6.33
N ASN A 1228 -11.76 -7.19 -5.49
CA ASN A 1228 -12.88 -8.11 -5.54
C ASN A 1228 -13.64 -7.98 -6.86
N ALA A 1229 -13.80 -6.76 -7.34
CA ALA A 1229 -14.54 -6.56 -8.59
C ALA A 1229 -13.75 -7.04 -9.78
N MET A 1230 -12.42 -7.10 -9.68
CA MET A 1230 -11.61 -7.55 -10.80
C MET A 1230 -11.72 -9.05 -11.00
N LEU A 1231 -11.66 -9.82 -9.92
CA LEU A 1231 -11.68 -11.28 -10.00
C LEU A 1231 -13.09 -11.83 -9.96
N ARG A 1232 -14.07 -11.01 -10.34
CA ARG A 1232 -15.45 -11.47 -10.40
C ARG A 1232 -16.13 -11.19 -11.72
N GLY A 1233 -15.50 -10.44 -12.63
CA GLY A 1233 -16.07 -10.20 -13.93
C GLY A 1233 -15.99 -8.76 -14.39
N GLY A 1234 -15.94 -7.84 -13.44
CA GLY A 1234 -16.01 -6.43 -13.76
C GLY A 1234 -14.78 -5.93 -14.50
N ARG A 1235 -14.72 -4.61 -14.64
CA ARG A 1235 -13.64 -3.93 -15.33
C ARG A 1235 -13.46 -2.55 -14.72
N ILE A 1236 -12.23 -2.03 -14.80
CA ILE A 1236 -11.87 -0.76 -14.15
C ILE A 1236 -11.22 0.13 -15.19
N LYS A 1237 -11.70 1.36 -15.33
CA LYS A 1237 -11.12 2.35 -16.22
C LYS A 1237 -11.21 3.70 -15.54
N HIS A 1238 -10.31 4.62 -15.91
CA HIS A 1238 -10.21 5.91 -15.25
C HIS A 1238 -10.12 7.03 -16.26
N CYS A 1239 -10.88 8.10 -16.02
CA CYS A 1239 -10.83 9.30 -16.84
C CYS A 1239 -9.68 10.18 -16.40
N GLU A 1240 -9.40 11.22 -17.19
CA GLU A 1240 -8.25 12.07 -16.94
C GLU A 1240 -8.58 13.53 -17.17
N TYR A 1241 -9.86 13.90 -17.03
CA TYR A 1241 -10.25 15.30 -17.10
C TYR A 1241 -11.15 15.62 -15.91
N TYR A 1242 -10.79 15.10 -14.74
CA TYR A 1242 -11.57 15.33 -13.53
C TYR A 1242 -10.61 15.49 -12.36
N GLN A 1243 -11.12 16.04 -11.27
CA GLN A 1243 -10.33 16.31 -10.08
C GLN A 1243 -10.94 15.60 -8.89
N CYS A 1244 -10.30 14.50 -8.47
CA CYS A 1244 -10.74 13.79 -7.27
C CYS A 1244 -10.67 14.72 -6.07
N GLY A 1245 -9.55 15.42 -5.92
CA GLY A 1245 -9.44 16.44 -4.89
C GLY A 1245 -9.26 15.94 -3.48
N LYS A 1246 -8.73 14.74 -3.29
CA LYS A 1246 -8.56 14.18 -1.95
C LYS A 1246 -7.54 14.98 -1.15
N GLY A 1267 4.96 -6.43 4.99
CA GLY A 1267 3.56 -6.18 4.70
C GLY A 1267 2.61 -7.06 5.50
N GLU A 1268 1.42 -6.54 5.76
CA GLU A 1268 0.41 -7.24 6.53
C GLU A 1268 -0.74 -7.76 5.67
N GLN A 1269 -0.66 -7.56 4.36
CA GLN A 1269 -1.69 -8.01 3.45
C GLN A 1269 -1.20 -9.05 2.46
N MET A 1270 0.11 -9.31 2.41
CA MET A 1270 0.59 -10.45 1.64
C MET A 1270 0.15 -11.76 2.28
N LEU A 1271 -0.50 -11.67 3.43
CA LEU A 1271 -0.97 -12.81 4.22
C LEU A 1271 -2.44 -13.08 3.91
N SER A 1272 -2.98 -12.35 2.95
CA SER A 1272 -4.41 -12.29 2.73
C SER A 1272 -4.87 -13.43 1.83
N ARG A 1273 -6.10 -13.37 1.36
CA ARG A 1273 -6.69 -14.38 0.49
C ARG A 1273 -6.72 -13.98 -0.97
N GLU A 1274 -7.08 -12.75 -1.30
CA GLU A 1274 -7.16 -12.34 -2.69
C GLU A 1274 -5.80 -12.43 -3.39
N TYR A 1275 -4.71 -12.29 -2.64
CA TYR A 1275 -3.40 -12.51 -3.24
C TYR A 1275 -3.23 -13.95 -3.66
N TYR A 1276 -3.83 -14.89 -2.92
CA TYR A 1276 -3.73 -16.29 -3.30
C TYR A 1276 -4.46 -16.57 -4.61
N TYR A 1277 -5.68 -16.03 -4.76
CA TYR A 1277 -6.45 -16.25 -5.98
C TYR A 1277 -5.85 -15.52 -7.17
N LEU A 1278 -5.31 -14.32 -6.96
CA LEU A 1278 -4.79 -13.52 -8.06
C LEU A 1278 -3.47 -14.06 -8.58
N GLY A 1279 -2.56 -14.44 -7.70
CA GLY A 1279 -1.23 -14.85 -8.10
C GLY A 1279 -1.10 -16.27 -8.58
N THR A 1280 -2.19 -17.03 -8.60
CA THR A 1280 -2.13 -18.44 -8.94
C THR A 1280 -2.99 -18.75 -10.18
N GLN A 1281 -3.72 -17.76 -10.68
CA GLN A 1281 -4.63 -18.03 -11.77
C GLN A 1281 -4.52 -17.02 -12.91
N LEU A 1282 -3.97 -15.84 -12.63
CA LEU A 1282 -3.85 -14.79 -13.61
C LEU A 1282 -2.94 -15.21 -14.76
N PRO A 1283 -3.20 -14.73 -15.97
CA PRO A 1283 -2.25 -14.96 -17.06
C PRO A 1283 -0.96 -14.18 -16.82
N VAL A 1284 0.02 -14.31 -17.72
CA VAL A 1284 1.32 -13.73 -17.45
C VAL A 1284 1.34 -12.26 -17.89
N ASP A 1285 0.48 -11.92 -18.85
CA ASP A 1285 0.25 -10.52 -19.19
C ASP A 1285 -0.01 -9.69 -17.95
N ARG A 1286 -1.08 -10.02 -17.23
CA ARG A 1286 -1.56 -9.19 -16.14
C ARG A 1286 -0.80 -9.45 -14.85
N PHE A 1287 -0.24 -10.65 -14.68
CA PHE A 1287 0.45 -10.96 -13.45
C PHE A 1287 1.66 -10.07 -13.25
N LEU A 1288 2.53 -10.00 -14.25
CA LEU A 1288 3.74 -9.20 -14.14
C LEU A 1288 3.39 -7.74 -13.86
N THR A 1289 2.40 -7.22 -14.56
CA THR A 1289 1.94 -5.85 -14.30
C THR A 1289 1.41 -5.72 -12.88
N PHE A 1290 0.74 -6.76 -12.38
CA PHE A 1290 0.20 -6.70 -11.03
C PHE A 1290 1.30 -6.83 -9.99
N TYR A 1291 2.25 -7.73 -10.21
CA TYR A 1291 3.26 -7.98 -9.18
C TYR A 1291 4.14 -6.77 -8.94
N TYR A 1292 4.53 -6.06 -10.00
CA TYR A 1292 5.46 -4.95 -9.86
C TYR A 1292 4.78 -3.66 -9.46
N ALA A 1293 3.49 -3.70 -9.13
CA ALA A 1293 2.88 -2.49 -8.62
C ALA A 1293 2.72 -2.52 -7.12
N HIS A 1294 1.89 -3.42 -6.60
CA HIS A 1294 1.69 -3.44 -5.15
C HIS A 1294 2.71 -4.29 -4.38
N PRO A 1295 2.89 -5.58 -4.73
CA PRO A 1295 3.83 -6.38 -3.91
C PRO A 1295 5.28 -6.07 -4.19
N GLY A 1296 5.65 -5.91 -5.44
CA GLY A 1296 7.04 -5.73 -5.80
C GLY A 1296 7.66 -4.42 -5.38
N PHE A 1297 6.90 -3.56 -4.70
CA PHE A 1297 7.48 -2.33 -4.19
C PHE A 1297 7.95 -2.51 -2.74
N HIS A 1298 7.06 -2.94 -1.86
CA HIS A 1298 7.48 -3.25 -0.49
C HIS A 1298 8.56 -4.31 -0.46
N LEU A 1299 8.49 -5.29 -1.37
CA LEU A 1299 9.47 -6.35 -1.38
C LEU A 1299 10.75 -5.92 -2.06
N ASN A 1300 10.79 -4.70 -2.59
CA ASN A 1300 12.01 -4.12 -3.13
C ASN A 1300 12.80 -3.34 -2.08
N ASN A 1301 12.12 -2.67 -1.15
CA ASN A 1301 12.79 -1.97 -0.08
C ASN A 1301 13.44 -2.91 0.92
N LEU A 1302 13.12 -4.19 0.86
CA LEU A 1302 13.74 -5.17 1.73
C LEU A 1302 15.02 -5.75 1.14
N PHE A 1303 15.11 -5.90 -0.18
CA PHE A 1303 16.32 -6.42 -0.78
C PHE A 1303 17.46 -5.42 -0.72
N ILE A 1304 17.18 -4.14 -0.97
CA ILE A 1304 18.22 -3.13 -0.89
C ILE A 1304 18.76 -3.04 0.53
N GLN A 1305 17.87 -3.03 1.52
CA GLN A 1305 18.32 -3.01 2.91
C GLN A 1305 19.08 -4.28 3.25
N LEU A 1306 18.73 -5.40 2.61
CA LEU A 1306 19.43 -6.65 2.89
C LEU A 1306 20.71 -6.77 2.07
N SER A 1307 20.79 -6.08 0.94
CA SER A 1307 22.03 -6.08 0.17
C SER A 1307 23.15 -5.41 0.95
N LEU A 1308 22.84 -4.31 1.64
CA LEU A 1308 23.86 -3.56 2.36
C LEU A 1308 24.52 -4.42 3.42
N GLN A 1309 23.72 -5.13 4.22
CA GLN A 1309 24.28 -5.95 5.28
C GLN A 1309 25.17 -7.05 4.74
N MET A 1310 24.75 -7.70 3.65
CA MET A 1310 25.57 -8.73 3.04
C MET A 1310 26.86 -8.15 2.47
N PHE A 1311 26.88 -6.84 2.22
CA PHE A 1311 28.10 -6.22 1.73
C PHE A 1311 29.10 -5.96 2.84
N MET A 1312 28.63 -5.60 4.04
CA MET A 1312 29.56 -5.43 5.15
C MET A 1312 30.24 -6.72 5.52
N LEU A 1313 29.50 -7.83 5.51
CA LEU A 1313 30.10 -9.11 5.86
C LEU A 1313 31.24 -9.48 4.93
N THR A 1314 31.09 -9.18 3.64
CA THR A 1314 32.15 -9.54 2.69
C THR A 1314 33.24 -8.49 2.67
N LEU A 1315 32.95 -7.26 3.05
CA LEU A 1315 33.98 -6.23 3.10
C LEU A 1315 35.01 -6.55 4.17
N VAL A 1316 34.55 -7.01 5.33
CA VAL A 1316 35.45 -7.29 6.43
C VAL A 1316 36.47 -8.34 6.03
N ASN A 1317 35.99 -9.47 5.48
CA ASN A 1317 36.88 -10.55 5.11
C ASN A 1317 37.84 -10.13 4.00
N LEU A 1318 37.33 -9.40 3.01
CA LEU A 1318 38.16 -9.03 1.87
C LEU A 1318 39.33 -8.14 2.30
N SER A 1319 39.04 -7.14 3.13
CA SER A 1319 40.11 -6.25 3.60
C SER A 1319 41.05 -6.98 4.54
N SER A 1320 40.50 -7.84 5.41
CA SER A 1320 41.34 -8.65 6.28
C SER A 1320 42.36 -9.46 5.49
N LEU A 1321 41.89 -10.15 4.46
CA LEU A 1321 42.78 -10.88 3.57
C LEU A 1321 43.76 -9.94 2.87
N ALA A 1322 43.35 -8.72 2.58
CA ALA A 1322 44.22 -7.78 1.88
C ALA A 1322 45.29 -7.21 2.79
N HIS A 1323 45.16 -7.36 4.10
CA HIS A 1323 46.12 -6.86 5.08
C HIS A 1323 47.21 -7.89 5.35
N GLU A 1324 47.39 -8.85 4.44
CA GLU A 1324 48.29 -9.96 4.71
C GLU A 1324 49.13 -10.33 3.50
N SER A 1325 49.05 -9.57 2.43
CA SER A 1325 49.55 -10.01 1.13
C SER A 1325 50.51 -8.99 0.55
N ILE A 1326 51.02 -9.31 -0.64
CA ILE A 1326 52.08 -8.54 -1.29
C ILE A 1326 51.56 -7.92 -2.58
N MET A 1327 50.51 -8.52 -3.14
CA MET A 1327 49.65 -7.92 -4.16
C MET A 1327 50.22 -7.86 -5.58
N CYS A 1328 51.49 -8.19 -5.78
CA CYS A 1328 51.99 -8.48 -7.13
C CYS A 1328 51.63 -7.42 -8.17
N ILE A 1329 52.29 -6.26 -8.12
CA ILE A 1329 51.82 -5.02 -8.75
C ILE A 1329 51.16 -5.22 -10.10
N TYR A 1330 50.06 -4.52 -10.31
CA TYR A 1330 49.10 -4.80 -11.37
C TYR A 1330 48.78 -3.50 -12.11
N ASP A 1331 48.49 -3.63 -13.41
CA ASP A 1331 48.22 -2.49 -14.28
C ASP A 1331 46.84 -2.65 -14.93
N ARG A 1332 46.06 -1.58 -14.93
CA ARG A 1332 44.75 -1.59 -15.56
C ARG A 1332 44.84 -1.07 -17.00
N ASN A 1333 45.82 -1.59 -17.74
CA ASN A 1333 45.86 -1.35 -19.17
C ASN A 1333 45.74 -2.64 -19.96
N LYS A 1334 46.70 -3.55 -19.79
CA LYS A 1334 46.63 -4.90 -20.34
C LYS A 1334 47.69 -5.75 -19.66
N PRO A 1335 47.46 -6.19 -18.43
CA PRO A 1335 48.49 -6.91 -17.67
C PRO A 1335 48.59 -8.38 -18.05
N LYS A 1336 49.02 -8.64 -19.28
CA LYS A 1336 49.20 -9.99 -19.78
C LYS A 1336 50.66 -10.42 -19.82
N THR A 1337 51.53 -9.74 -19.07
CA THR A 1337 52.92 -10.15 -18.90
C THR A 1337 52.97 -11.04 -17.66
N ASP A 1338 52.70 -12.33 -17.87
CA ASP A 1338 52.53 -13.28 -16.76
C ASP A 1338 53.91 -13.59 -16.18
N VAL A 1339 54.44 -12.62 -15.42
CA VAL A 1339 55.75 -12.78 -14.82
C VAL A 1339 55.64 -12.69 -13.30
N LEU A 1340 54.66 -11.94 -12.82
CA LEU A 1340 54.42 -11.81 -11.37
C LEU A 1340 55.69 -11.31 -10.67
N VAL A 1341 56.07 -10.07 -10.95
CA VAL A 1341 57.42 -9.54 -10.68
C VAL A 1341 57.91 -9.75 -9.24
N PRO A 1342 57.08 -9.76 -8.19
CA PRO A 1342 57.64 -10.10 -6.88
C PRO A 1342 58.07 -11.55 -6.73
N ILE A 1343 57.71 -12.41 -7.69
CA ILE A 1343 58.22 -13.78 -7.81
C ILE A 1343 58.12 -14.54 -6.50
N GLY A 1344 56.99 -15.20 -6.28
CA GLY A 1344 56.75 -15.90 -5.05
C GLY A 1344 55.58 -15.26 -4.33
N CYS A 1345 54.87 -14.40 -5.06
CA CYS A 1345 53.77 -13.62 -4.52
C CYS A 1345 52.48 -14.09 -5.16
N TYR A 1346 51.38 -13.79 -4.49
CA TYR A 1346 50.02 -14.14 -4.94
C TYR A 1346 49.19 -12.87 -5.04
N ASN A 1347 48.67 -12.63 -6.25
CA ASN A 1347 48.04 -11.36 -6.56
C ASN A 1347 46.55 -11.40 -6.24
N PHE A 1348 46.03 -10.29 -5.72
CA PHE A 1348 44.61 -10.14 -5.42
C PHE A 1348 44.07 -8.81 -5.91
N GLN A 1349 44.80 -8.12 -6.78
CA GLN A 1349 44.36 -6.80 -7.24
C GLN A 1349 42.99 -6.83 -7.91
N PRO A 1350 42.68 -7.74 -8.83
CA PRO A 1350 41.34 -7.73 -9.41
C PRO A 1350 40.23 -7.92 -8.39
N ALA A 1351 40.47 -8.74 -7.37
CA ALA A 1351 39.44 -8.93 -6.34
C ALA A 1351 39.15 -7.64 -5.60
N VAL A 1352 40.18 -6.86 -5.26
CA VAL A 1352 39.98 -5.59 -4.58
C VAL A 1352 39.25 -4.58 -5.45
N ASP A 1353 39.54 -4.54 -6.74
CA ASP A 1353 38.86 -3.63 -7.65
C ASP A 1353 37.37 -3.92 -7.76
N TRP A 1354 36.92 -5.11 -7.37
CA TRP A 1354 35.50 -5.42 -7.39
C TRP A 1354 34.70 -4.52 -6.47
N VAL A 1355 35.31 -3.99 -5.41
CA VAL A 1355 34.59 -3.07 -4.54
C VAL A 1355 34.22 -1.80 -5.29
N ARG A 1356 35.08 -1.35 -6.19
CA ARG A 1356 34.79 -0.17 -7.00
C ARG A 1356 33.58 -0.35 -7.89
N ARG A 1357 33.44 -1.49 -8.55
CA ARG A 1357 32.34 -1.71 -9.48
C ARG A 1357 31.01 -1.95 -8.76
N TYR A 1358 31.04 -2.18 -7.45
CA TYR A 1358 29.80 -2.39 -6.72
C TYR A 1358 29.20 -1.09 -6.22
N THR A 1359 30.03 -0.24 -5.59
CA THR A 1359 29.52 1.02 -5.04
C THR A 1359 28.85 1.86 -6.12
N LEU A 1360 29.43 1.87 -7.32
CA LEU A 1360 28.82 2.60 -8.42
C LEU A 1360 27.44 2.04 -8.74
N SER A 1361 27.30 0.73 -8.77
CA SER A 1361 26.05 0.11 -9.19
C SER A 1361 25.02 0.06 -8.08
N ILE A 1362 25.38 0.47 -6.86
CA ILE A 1362 24.40 0.47 -5.77
C ILE A 1362 23.82 1.84 -5.51
N PHE A 1363 24.49 2.91 -5.90
CA PHE A 1363 23.86 4.21 -5.76
C PHE A 1363 23.03 4.61 -6.98
N ILE A 1364 23.30 4.02 -8.14
CA ILE A 1364 22.42 4.25 -9.28
C ILE A 1364 21.01 3.78 -8.97
N VAL A 1365 20.87 2.55 -8.45
CA VAL A 1365 19.56 2.07 -8.06
C VAL A 1365 19.01 2.90 -6.91
N PHE A 1366 19.87 3.40 -6.04
CA PHE A 1366 19.42 4.33 -5.02
C PHE A 1366 19.05 5.68 -5.60
N TRP A 1367 19.67 6.06 -6.72
CA TRP A 1367 19.40 7.35 -7.35
C TRP A 1367 18.05 7.35 -8.05
N ILE A 1368 17.88 6.45 -9.02
CA ILE A 1368 16.66 6.45 -9.84
C ILE A 1368 15.44 6.16 -8.99
N ALA A 1369 15.56 5.24 -8.03
CA ALA A 1369 14.38 4.84 -7.25
C ALA A 1369 13.95 5.90 -6.24
N PHE A 1370 14.76 6.92 -6.00
CA PHE A 1370 14.45 7.92 -4.98
C PHE A 1370 14.51 9.33 -5.55
N VAL A 1371 14.62 9.43 -6.87
CA VAL A 1371 14.36 10.70 -7.55
C VAL A 1371 12.86 10.94 -7.75
N PRO A 1372 12.02 9.95 -8.09
CA PRO A 1372 10.63 10.28 -8.42
C PRO A 1372 9.78 10.64 -7.22
N ILE A 1373 10.20 10.27 -6.01
CA ILE A 1373 9.49 10.68 -4.80
C ILE A 1373 9.96 12.04 -4.32
N VAL A 1374 10.90 12.67 -5.03
CA VAL A 1374 11.29 14.04 -4.71
C VAL A 1374 10.22 15.02 -5.16
N VAL A 1375 9.92 15.02 -6.46
CA VAL A 1375 8.97 15.99 -7.00
C VAL A 1375 7.56 15.75 -6.48
N GLN A 1376 7.15 14.49 -6.32
CA GLN A 1376 5.88 14.16 -5.69
C GLN A 1376 5.86 14.49 -4.21
N GLU A 1377 6.97 15.02 -3.68
CA GLU A 1377 6.99 15.54 -2.32
C GLU A 1377 7.54 16.97 -2.26
N LEU A 1378 8.21 17.45 -3.30
CA LEU A 1378 8.74 18.81 -3.30
C LEU A 1378 8.48 19.51 -4.62
N ILE A 1379 7.26 19.38 -5.13
CA ILE A 1379 6.86 20.08 -6.36
C ILE A 1379 6.78 21.59 -6.17
N GLU A 1380 6.64 22.06 -4.92
CA GLU A 1380 6.36 23.45 -4.58
C GLU A 1380 7.15 24.45 -5.42
N ARG A 1381 8.48 24.35 -5.39
CA ARG A 1381 9.34 25.25 -6.14
C ARG A 1381 10.54 24.47 -6.65
N GLY A 1382 11.55 25.20 -7.11
CA GLY A 1382 12.78 24.59 -7.57
C GLY A 1382 13.24 25.15 -8.91
N LEU A 1383 12.29 25.48 -9.79
CA LEU A 1383 12.66 26.06 -11.08
C LEU A 1383 13.33 27.41 -10.88
N TRP A 1384 12.74 28.27 -10.04
CA TRP A 1384 13.40 29.52 -9.67
C TRP A 1384 14.72 29.23 -8.95
N LYS A 1385 14.72 28.22 -8.08
CA LYS A 1385 15.93 27.85 -7.37
C LYS A 1385 16.95 27.19 -8.29
N ALA A 1386 16.50 26.44 -9.30
CA ALA A 1386 17.44 25.75 -10.18
C ALA A 1386 18.34 26.74 -10.92
N THR A 1387 17.79 27.89 -11.30
CA THR A 1387 18.60 28.89 -11.98
C THR A 1387 19.79 29.31 -11.14
N GLN A 1388 19.56 29.66 -9.87
CA GLN A 1388 20.67 30.02 -8.98
C GLN A 1388 21.48 28.79 -8.61
N ARG A 1389 20.83 27.65 -8.39
CA ARG A 1389 21.57 26.43 -8.11
C ARG A 1389 22.49 26.06 -9.26
N PHE A 1390 21.99 26.11 -10.50
CA PHE A 1390 22.86 25.99 -11.65
C PHE A 1390 23.88 27.11 -11.71
N PHE A 1391 23.47 28.35 -11.39
CA PHE A 1391 24.37 29.50 -11.42
C PHE A 1391 25.57 29.32 -10.52
N CYS A 1392 25.46 28.50 -9.47
CA CYS A 1392 26.56 28.27 -8.54
C CYS A 1392 27.45 27.11 -8.97
N HIS A 1393 27.17 26.48 -10.11
CA HIS A 1393 27.93 25.32 -10.55
C HIS A 1393 28.24 25.30 -12.04
N LEU A 1394 28.35 26.45 -12.70
CA LEU A 1394 28.93 26.47 -14.03
C LEU A 1394 30.43 26.19 -14.01
N LEU A 1395 31.08 26.31 -12.85
CA LEU A 1395 32.51 26.09 -12.71
C LEU A 1395 32.84 25.32 -11.43
N SER A 1396 31.83 24.70 -10.82
CA SER A 1396 32.03 24.00 -9.55
C SER A 1396 32.61 22.61 -9.76
N LEU A 1397 32.59 21.79 -8.71
CA LEU A 1397 33.28 20.51 -8.67
C LEU A 1397 32.68 19.47 -9.61
N SER A 1398 31.49 19.74 -10.16
CA SER A 1398 30.76 18.94 -11.16
C SER A 1398 30.66 17.47 -10.76
N PRO A 1399 31.41 16.46 -11.35
CA PRO A 1399 31.01 15.07 -11.12
C PRO A 1399 31.04 14.65 -9.67
N MET A 1400 32.04 15.11 -8.92
CA MET A 1400 32.11 14.82 -7.49
C MET A 1400 31.01 15.56 -6.74
N PHE A 1401 30.69 16.78 -7.18
CA PHE A 1401 29.61 17.52 -6.55
C PHE A 1401 28.29 16.79 -6.69
N GLU A 1402 28.03 16.20 -7.86
CA GLU A 1402 26.84 15.38 -8.04
C GLU A 1402 26.77 14.28 -6.99
N VAL A 1403 27.92 13.70 -6.66
CA VAL A 1403 27.97 12.68 -5.61
C VAL A 1403 27.48 13.24 -4.29
N PHE A 1404 27.98 14.41 -3.90
CA PHE A 1404 27.54 15.04 -2.66
C PHE A 1404 26.32 15.91 -2.85
N ALA A 1405 25.80 16.01 -4.07
CA ALA A 1405 24.46 16.53 -4.29
C ALA A 1405 23.41 15.43 -4.25
N GLY A 1406 23.81 14.17 -4.22
CA GLY A 1406 22.92 13.03 -4.19
C GLY A 1406 22.82 12.31 -2.86
N GLN A 1407 23.07 12.99 -1.74
CA GLN A 1407 23.12 12.36 -0.43
C GLN A 1407 22.26 13.10 0.59
N ILE A 1408 21.39 14.00 0.15
CA ILE A 1408 20.72 14.91 1.07
C ILE A 1408 19.25 14.54 1.20
N TYR A 1409 18.67 13.98 0.13
CA TYR A 1409 17.23 13.72 0.12
C TYR A 1409 16.85 12.69 1.18
N SER A 1410 17.74 11.73 1.43
CA SER A 1410 17.50 10.76 2.50
C SER A 1410 17.32 11.48 3.83
N SER A 1411 18.14 12.50 4.09
CA SER A 1411 17.95 13.33 5.27
C SER A 1411 16.64 14.09 5.19
N ALA A 1412 16.31 14.62 4.00
CA ALA A 1412 15.15 15.48 3.86
C ALA A 1412 13.85 14.72 4.08
N LEU A 1413 13.69 13.57 3.42
CA LEU A 1413 12.41 12.87 3.45
C LEU A 1413 12.12 12.29 4.82
N LEU A 1414 13.10 11.59 5.40
CA LEU A 1414 12.87 10.94 6.70
C LEU A 1414 12.54 11.96 7.77
N SER A 1415 13.05 13.18 7.63
CA SER A 1415 12.70 14.26 8.55
C SER A 1415 11.21 14.58 8.46
N ASP A 1416 10.68 14.64 7.23
CA ASP A 1416 9.26 14.91 7.06
C ASP A 1416 8.41 13.71 7.48
N LEU A 1417 8.96 12.50 7.38
CA LEU A 1417 8.21 11.31 7.79
C LEU A 1417 8.09 11.24 9.31
N ALA A 1418 9.05 11.84 10.03
CA ALA A 1418 9.04 11.83 11.49
C ALA A 1418 7.78 12.47 12.06
N ILE A 1436 11.74 19.50 21.19
CA ILE A 1436 11.48 18.13 21.62
C ILE A 1436 12.65 17.62 22.46
N PRO A 1437 12.36 17.08 23.63
CA PRO A 1437 13.44 16.59 24.50
C PRO A 1437 14.14 15.40 23.88
N PHE A 1438 15.40 15.21 24.30
CA PHE A 1438 16.25 14.18 23.70
C PHE A 1438 15.67 12.78 23.88
N SER A 1439 15.20 12.48 25.09
CA SER A 1439 14.83 11.10 25.39
C SER A 1439 13.64 10.61 24.58
N ILE A 1440 12.57 11.39 24.49
CA ILE A 1440 11.35 10.92 23.85
C ILE A 1440 11.49 10.74 22.35
N LEU A 1441 12.35 11.52 21.70
CA LEU A 1441 12.64 11.33 20.29
C LEU A 1441 13.53 10.13 20.03
N TYR A 1442 14.55 9.95 20.86
CA TYR A 1442 15.44 8.79 20.82
C TYR A 1442 14.70 7.47 20.98
N SER A 1443 13.80 7.37 21.96
CA SER A 1443 13.14 6.11 22.26
C SER A 1443 12.24 5.62 21.14
N ARG A 1444 11.68 6.54 20.34
CA ARG A 1444 10.83 6.15 19.23
C ARG A 1444 11.58 6.00 17.92
N PHE A 1445 12.79 6.56 17.82
CA PHE A 1445 13.59 6.48 16.61
C PHE A 1445 14.69 5.44 16.72
N ALA A 1446 14.60 4.56 17.71
CA ALA A 1446 15.60 3.53 17.95
C ALA A 1446 15.04 2.17 17.55
N GLY A 1447 15.93 1.18 17.50
CA GLY A 1447 15.51 -0.17 17.19
C GLY A 1447 15.27 -0.44 15.73
N SER A 1448 15.30 0.59 14.88
CA SER A 1448 15.09 0.39 13.46
C SER A 1448 16.10 1.14 12.62
N ALA A 1449 16.67 2.22 13.16
CA ALA A 1449 17.58 3.04 12.37
C ALA A 1449 18.90 3.34 13.08
N ILE A 1450 18.87 3.39 14.41
CA ILE A 1450 20.03 3.84 15.18
C ILE A 1450 20.95 2.68 15.55
N TYR A 1451 20.42 1.47 15.70
CA TYR A 1451 21.21 0.33 16.12
C TYR A 1451 21.92 -0.35 14.98
N MET A 1452 21.19 -0.80 13.96
CA MET A 1452 21.84 -1.38 12.80
C MET A 1452 22.83 -0.41 12.17
N GLY A 1453 22.53 0.89 12.22
CA GLY A 1453 23.49 1.87 11.75
C GLY A 1453 24.75 1.91 12.59
N ALA A 1454 24.60 1.69 13.90
CA ALA A 1454 25.75 1.74 14.79
C ALA A 1454 26.73 0.61 14.50
N ARG A 1455 26.24 -0.62 14.42
CA ARG A 1455 27.11 -1.76 14.15
C ARG A 1455 27.78 -1.64 12.79
N SER A 1456 26.99 -1.31 11.76
CA SER A 1456 27.54 -1.16 10.43
C SER A 1456 28.58 -0.06 10.38
N MET A 1457 28.46 0.93 11.28
CA MET A 1457 29.46 1.98 11.37
C MET A 1457 30.81 1.41 11.78
N LEU A 1458 30.79 0.45 12.70
CA LEU A 1458 32.04 -0.13 13.21
C LEU A 1458 32.73 -0.98 12.14
N MET A 1459 31.98 -1.83 11.46
CA MET A 1459 32.58 -2.73 10.47
C MET A 1459 33.22 -1.92 9.35
N LEU A 1460 32.55 -0.87 8.88
CA LEU A 1460 33.14 -0.01 7.87
C LEU A 1460 34.44 0.59 8.37
N LEU A 1461 34.50 0.95 9.66
CA LEU A 1461 35.70 1.54 10.21
C LEU A 1461 36.87 0.55 10.14
N PHE A 1462 36.60 -0.73 10.42
CA PHE A 1462 37.67 -1.71 10.35
C PHE A 1462 38.22 -1.82 8.94
N GLY A 1463 37.35 -1.80 7.94
CA GLY A 1463 37.81 -1.86 6.58
C GLY A 1463 38.60 -0.65 6.15
N THR A 1464 38.13 0.55 6.50
CA THR A 1464 38.77 1.77 6.02
C THR A 1464 40.15 1.99 6.64
N VAL A 1465 40.48 1.28 7.71
CA VAL A 1465 41.81 1.37 8.29
C VAL A 1465 42.76 0.34 7.71
N ALA A 1466 42.28 -0.87 7.42
CA ALA A 1466 43.15 -1.96 6.97
C ALA A 1466 43.69 -1.74 5.55
N HIS A 1467 42.84 -1.37 4.62
CA HIS A 1467 43.29 -1.25 3.23
C HIS A 1467 42.97 0.08 2.58
N TRP A 1468 41.86 0.72 2.92
CA TRP A 1468 41.51 2.02 2.36
C TRP A 1468 41.39 1.99 0.84
N GLN A 1469 40.35 1.34 0.32
CA GLN A 1469 40.00 1.54 -1.08
C GLN A 1469 39.57 2.99 -1.29
N ALA A 1470 39.82 3.49 -2.49
CA ALA A 1470 39.55 4.89 -2.78
C ALA A 1470 38.07 5.25 -2.65
N PRO A 1471 37.13 4.57 -3.36
CA PRO A 1471 35.73 5.00 -3.34
C PRO A 1471 34.94 4.42 -2.17
N LEU A 1472 35.52 4.49 -0.98
CA LEU A 1472 34.88 3.95 0.21
C LEU A 1472 34.19 5.00 1.06
N LEU A 1473 34.66 6.25 1.02
CA LEU A 1473 34.03 7.34 1.73
C LEU A 1473 32.60 7.59 1.27
N TRP A 1474 32.23 7.10 0.10
CA TRP A 1474 30.86 7.23 -0.39
C TRP A 1474 29.87 6.71 0.64
N PHE A 1475 30.24 5.65 1.36
CA PHE A 1475 29.39 5.15 2.45
C PHE A 1475 29.50 6.03 3.68
N TRP A 1476 30.66 6.64 3.92
CA TRP A 1476 30.84 7.47 5.10
C TRP A 1476 29.83 8.60 5.13
N ALA A 1477 29.59 9.23 3.97
CA ALA A 1477 28.58 10.28 3.89
C ALA A 1477 27.20 9.72 4.18
N SER A 1478 26.84 8.62 3.54
CA SER A 1478 25.49 8.09 3.64
C SER A 1478 25.20 7.55 5.05
N LEU A 1479 26.11 6.73 5.58
CA LEU A 1479 25.88 6.14 6.89
C LEU A 1479 25.82 7.21 7.98
N SER A 1480 26.65 8.23 7.86
CA SER A 1480 26.57 9.36 8.80
C SER A 1480 25.22 10.04 8.68
N SER A 1481 24.77 10.27 7.44
CA SER A 1481 23.51 10.98 7.22
C SER A 1481 22.32 10.23 7.81
N LEU A 1482 22.44 8.91 7.93
CA LEU A 1482 21.34 8.12 8.48
C LEU A 1482 21.07 8.45 9.93
N ILE A 1483 22.12 8.63 10.72
CA ILE A 1483 21.95 8.78 12.17
C ILE A 1483 22.43 10.13 12.64
N PHE A 1484 22.40 11.13 11.76
CA PHE A 1484 22.85 12.46 12.13
C PHE A 1484 21.87 13.48 11.59
N ALA A 1485 20.89 13.01 10.83
CA ALA A 1485 19.84 13.86 10.24
C ALA A 1485 18.72 14.22 11.22
N PRO A 1486 18.15 13.25 11.96
CA PRO A 1486 17.03 13.62 12.85
C PRO A 1486 17.40 14.65 13.90
N PHE A 1487 18.70 14.81 14.19
CA PHE A 1487 19.16 15.76 15.18
C PHE A 1487 19.75 17.01 14.54
N VAL A 1488 19.35 17.33 13.31
CA VAL A 1488 19.72 18.61 12.72
C VAL A 1488 18.47 19.24 12.13
N PHE A 1489 17.40 18.44 11.99
CA PHE A 1489 16.13 18.93 11.50
C PHE A 1489 15.09 19.07 12.60
N ASN A 1490 15.52 19.49 13.79
CA ASN A 1490 14.65 19.71 14.93
C ASN A 1490 14.37 21.20 15.05
N PRO A 1491 13.28 21.60 15.71
CA PRO A 1491 13.05 23.03 15.95
C PRO A 1491 14.03 23.61 16.95
N HIS A 1492 13.76 24.84 17.41
CA HIS A 1492 14.74 25.61 18.17
C HIS A 1492 15.02 24.91 19.50
N GLN A 1493 16.09 24.11 19.47
CA GLN A 1493 16.52 23.29 20.59
C GLN A 1493 18.04 23.23 20.71
N PHE A 1494 18.76 24.19 20.13
CA PHE A 1494 20.20 24.08 19.94
C PHE A 1494 20.99 25.28 20.45
N ALA A 1495 20.38 26.17 21.23
CA ALA A 1495 21.08 27.44 21.39
C ALA A 1495 22.20 27.38 22.43
N TRP A 1496 21.88 27.41 23.73
CA TRP A 1496 22.91 27.12 24.72
C TRP A 1496 22.43 26.18 25.80
N GLU A 1497 21.30 26.52 26.43
CA GLU A 1497 20.92 25.88 27.68
C GLU A 1497 19.78 24.90 27.49
N ASP A 1498 18.90 25.18 26.53
CA ASP A 1498 17.94 24.18 26.09
C ASP A 1498 18.65 22.88 25.72
N PHE A 1499 19.82 23.00 25.09
CA PHE A 1499 20.70 21.84 24.93
C PHE A 1499 21.07 21.24 26.28
N PHE A 1500 21.49 22.08 27.22
CA PHE A 1500 21.92 21.58 28.53
C PHE A 1500 20.73 21.16 29.37
N LEU A 1501 19.60 21.85 29.26
CA LEU A 1501 18.42 21.44 30.03
C LEU A 1501 17.83 20.16 29.46
N ASP A 1502 17.99 19.95 28.15
CA ASP A 1502 17.68 18.65 27.57
C ASP A 1502 18.58 17.57 28.18
N TYR A 1503 19.75 17.98 28.67
CA TYR A 1503 20.65 17.03 29.32
C TYR A 1503 20.19 16.77 30.76
N ARG A 1504 19.43 17.70 31.34
CA ARG A 1504 18.81 17.47 32.64
C ARG A 1504 17.94 16.23 32.63
N ASP A 1505 16.84 16.27 31.87
CA ASP A 1505 15.84 15.22 31.94
C ASP A 1505 16.33 13.93 31.33
N TYR A 1506 17.26 14.00 30.38
CA TYR A 1506 17.82 12.78 29.80
C TYR A 1506 18.39 11.87 30.88
N ILE A 1507 19.27 12.41 31.73
CA ILE A 1507 19.80 11.62 32.84
C ILE A 1507 18.67 11.24 33.79
N ARG A 1508 17.79 12.19 34.11
CA ARG A 1508 16.68 11.89 35.00
C ARG A 1508 15.78 10.82 34.42
N TRP A 1509 15.49 10.90 33.12
CA TRP A 1509 14.79 9.79 32.47
C TRP A 1509 15.64 8.53 32.47
N LEU A 1510 16.95 8.67 32.26
CA LEU A 1510 17.83 7.52 32.33
C LEU A 1510 17.83 6.93 33.73
N SER A 1511 17.78 7.77 34.76
CA SER A 1511 17.66 7.28 36.12
C SER A 1511 16.35 6.53 36.34
N ARG A 1512 15.30 6.89 35.62
CA ARG A 1512 13.98 6.29 35.77
C ARG A 1512 13.43 5.82 34.44
N GLY A 1513 14.26 5.16 33.64
CA GLY A 1513 13.81 4.60 32.38
C GLY A 1513 12.96 3.37 32.58
N ASN A 1514 13.55 2.36 33.23
CA ASN A 1514 12.85 1.11 33.56
C ASN A 1514 12.22 0.47 32.32
N ASN A 1515 12.96 0.53 31.21
CA ASN A 1515 12.51 -0.02 29.93
C ASN A 1515 11.17 0.58 29.51
N ALA A 1555 4.43 -30.82 12.54
CA ALA A 1555 5.32 -29.67 12.57
C ALA A 1555 4.52 -28.39 12.73
N HIS A 1556 4.47 -27.88 13.97
CA HIS A 1556 3.75 -26.65 14.27
C HIS A 1556 4.61 -25.70 15.10
N ARG A 1557 5.62 -26.25 15.77
CA ARG A 1557 6.51 -25.45 16.60
C ARG A 1557 7.92 -25.36 16.02
N THR A 1558 8.19 -26.06 14.91
CA THR A 1558 9.51 -26.11 14.31
C THR A 1558 9.65 -25.08 13.19
N ASN A 1559 8.82 -24.03 13.21
CA ASN A 1559 8.91 -22.94 12.26
C ASN A 1559 9.28 -21.62 12.91
N LEU A 1560 8.75 -21.34 14.10
CA LEU A 1560 9.10 -20.11 14.79
C LEU A 1560 10.52 -20.12 15.30
N ILE A 1561 11.00 -21.28 15.77
CA ILE A 1561 12.36 -21.37 16.28
C ILE A 1561 13.40 -21.45 15.18
N MET A 1562 12.99 -21.76 13.95
CA MET A 1562 13.92 -21.82 12.83
C MET A 1562 14.06 -20.48 12.12
N ALA A 1563 13.04 -19.65 12.14
CA ALA A 1563 13.07 -18.37 11.43
C ALA A 1563 13.92 -17.32 12.11
N GLU A 1564 14.17 -17.45 13.42
CA GLU A 1564 14.88 -16.43 14.18
C GLU A 1564 16.17 -16.98 14.78
N ILE A 1565 16.75 -17.99 14.13
CA ILE A 1565 18.03 -18.53 14.56
C ILE A 1565 19.01 -18.54 13.39
N ILE A 1566 18.59 -19.12 12.26
CA ILE A 1566 19.50 -19.28 11.13
C ILE A 1566 20.09 -17.96 10.66
N PRO A 1567 19.30 -16.91 10.31
CA PRO A 1567 19.89 -15.64 9.88
C PRO A 1567 20.21 -14.70 11.04
N CYS A 1568 20.74 -15.25 12.12
CA CYS A 1568 21.24 -14.41 13.21
C CYS A 1568 22.56 -14.97 13.70
N ALA A 1569 22.88 -16.19 13.28
CA ALA A 1569 24.14 -16.83 13.61
C ALA A 1569 25.13 -16.86 12.45
N ILE A 1570 24.63 -16.95 11.21
CA ILE A 1570 25.51 -16.88 10.05
C ILE A 1570 26.31 -15.58 10.07
N TYR A 1571 25.63 -14.48 10.36
CA TYR A 1571 26.31 -13.19 10.43
C TYR A 1571 27.37 -13.18 11.53
N ALA A 1572 27.13 -13.94 12.60
CA ALA A 1572 28.10 -14.01 13.69
C ALA A 1572 29.33 -14.80 13.27
N ALA A 1573 29.12 -15.95 12.64
CA ALA A 1573 30.25 -16.80 12.26
C ALA A 1573 31.15 -16.11 11.24
N GLY A 1574 30.56 -15.41 10.28
CA GLY A 1574 31.34 -14.75 9.27
C GLY A 1574 32.32 -13.75 9.85
N CYS A 1575 31.88 -13.01 10.87
CA CYS A 1575 32.80 -12.14 11.59
C CYS A 1575 33.87 -12.94 12.31
N PHE A 1576 33.47 -14.06 12.92
CA PHE A 1576 34.40 -14.87 13.71
C PHE A 1576 35.53 -15.42 12.85
N ILE A 1577 35.21 -15.83 11.63
CA ILE A 1577 36.23 -16.38 10.73
C ILE A 1577 37.31 -15.33 10.48
N ALA A 1578 36.89 -14.08 10.29
CA ALA A 1578 37.84 -13.02 9.99
C ALA A 1578 38.84 -12.84 11.11
N PHE A 1579 38.38 -12.88 12.36
CA PHE A 1579 39.26 -12.69 13.50
C PHE A 1579 40.35 -13.76 13.53
N THR A 1580 39.97 -15.01 13.30
CA THR A 1580 40.95 -16.08 13.32
C THR A 1580 42.05 -15.86 12.28
N PHE A 1581 41.66 -15.47 11.06
CA PHE A 1581 42.65 -15.28 10.02
C PHE A 1581 43.62 -14.15 10.32
N ILE A 1582 43.13 -13.03 10.86
CA ILE A 1582 44.02 -11.89 11.07
C ILE A 1582 45.07 -12.17 12.13
N ASN A 1583 44.81 -13.11 13.04
CA ASN A 1583 45.82 -13.45 14.05
C ASN A 1583 46.84 -14.45 13.53
N ALA A 1584 46.39 -15.43 12.74
CA ALA A 1584 47.32 -16.43 12.25
C ALA A 1584 48.30 -15.78 11.29
N GLN A 1585 49.53 -15.57 11.75
CA GLN A 1585 50.52 -14.85 10.96
C GLN A 1585 50.93 -15.66 9.74
N THR A 1586 50.93 -15.02 8.58
CA THR A 1586 51.31 -15.69 7.34
C THR A 1586 52.63 -15.14 6.84
N GLY A 1587 53.43 -16.03 6.23
CA GLY A 1587 54.76 -15.65 5.82
C GLY A 1587 55.60 -15.23 7.00
N VAL A 1588 55.86 -16.16 7.91
CA VAL A 1588 56.53 -15.85 9.17
C VAL A 1588 57.68 -16.82 9.40
N LYS A 1589 57.71 -17.89 8.60
CA LYS A 1589 58.71 -18.96 8.67
C LYS A 1589 59.04 -19.38 10.09
N THR A 1590 58.05 -19.88 10.82
CA THR A 1590 58.24 -20.44 12.15
C THR A 1590 57.94 -21.95 12.09
N THR A 1591 57.96 -22.58 13.25
CA THR A 1591 57.84 -24.03 13.36
C THR A 1591 56.43 -24.42 13.76
N ASP A 1592 56.24 -25.73 13.91
CA ASP A 1592 54.93 -26.26 14.29
C ASP A 1592 54.51 -25.79 15.68
N ASP A 1593 55.45 -25.77 16.61
CA ASP A 1593 55.15 -25.50 18.01
C ASP A 1593 55.14 -23.99 18.27
N ASP A 1594 54.39 -23.27 17.44
CA ASP A 1594 54.25 -21.84 17.74
C ASP A 1594 52.80 -21.49 18.07
N ARG A 1595 51.90 -21.69 17.12
CA ARG A 1595 50.45 -21.47 17.21
C ARG A 1595 50.13 -20.12 17.86
N VAL A 1596 48.85 -19.80 18.02
CA VAL A 1596 48.48 -18.58 18.75
C VAL A 1596 47.41 -18.88 19.79
N ASN A 1597 46.59 -19.90 19.54
CA ASN A 1597 45.42 -20.19 20.36
C ASN A 1597 44.58 -18.93 20.58
N SER A 1598 44.04 -18.41 19.47
CA SER A 1598 43.28 -17.18 19.51
C SER A 1598 41.80 -17.38 19.85
N VAL A 1599 41.30 -18.61 19.77
CA VAL A 1599 39.89 -18.86 20.09
C VAL A 1599 39.59 -18.44 21.52
N LEU A 1600 40.52 -18.72 22.44
CA LEU A 1600 40.33 -18.39 23.84
C LEU A 1600 40.09 -16.89 24.04
N ARG A 1601 40.77 -16.04 23.27
CA ARG A 1601 40.66 -14.60 23.51
C ARG A 1601 39.22 -14.12 23.33
N ILE A 1602 38.43 -14.81 22.50
CA ILE A 1602 37.00 -14.53 22.46
C ILE A 1602 36.32 -14.94 23.75
N ILE A 1603 36.58 -16.17 24.22
CA ILE A 1603 35.89 -16.67 25.41
C ILE A 1603 36.20 -15.86 26.66
N ILE A 1604 37.45 -15.49 26.88
CA ILE A 1604 37.87 -14.80 28.09
C ILE A 1604 37.21 -13.43 28.14
N CYS A 1605 36.78 -12.92 26.98
CA CYS A 1605 36.18 -11.59 26.93
C CYS A 1605 34.69 -11.60 26.62
N THR A 1606 34.13 -12.67 26.07
CA THR A 1606 32.72 -12.69 25.77
C THR A 1606 31.85 -13.03 26.98
N LEU A 1607 32.18 -14.10 27.71
CA LEU A 1607 31.36 -14.54 28.82
C LEU A 1607 31.77 -13.96 30.17
N ALA A 1608 32.99 -13.48 30.30
CA ALA A 1608 33.44 -12.87 31.55
C ALA A 1608 32.55 -11.71 32.01
N PRO A 1609 32.19 -10.76 31.13
CA PRO A 1609 31.32 -9.66 31.64
C PRO A 1609 29.95 -10.16 32.04
N ILE A 1610 29.47 -11.23 31.42
CA ILE A 1610 28.19 -11.81 31.81
C ILE A 1610 28.29 -12.41 33.20
N ALA A 1611 29.44 -13.03 33.52
CA ALA A 1611 29.63 -13.60 34.85
C ALA A 1611 29.65 -12.51 35.91
N VAL A 1612 30.27 -11.37 35.62
CA VAL A 1612 30.29 -10.26 36.55
C VAL A 1612 28.88 -9.79 36.86
N ASN A 1613 27.96 -9.91 35.90
CA ASN A 1613 26.57 -9.53 36.13
C ASN A 1613 25.95 -10.35 37.25
N LEU A 1614 25.90 -11.68 37.08
CA LEU A 1614 25.21 -12.53 38.03
C LEU A 1614 25.83 -12.46 39.42
N GLY A 1615 27.16 -12.44 39.48
CA GLY A 1615 27.83 -12.41 40.78
C GLY A 1615 27.43 -11.20 41.62
N VAL A 1616 27.38 -10.03 41.00
CA VAL A 1616 26.91 -8.85 41.70
C VAL A 1616 25.41 -8.96 41.97
N LEU A 1617 24.67 -9.53 41.01
CA LEU A 1617 23.23 -9.70 41.19
C LEU A 1617 22.93 -10.59 42.38
N PHE A 1618 23.65 -11.71 42.51
CA PHE A 1618 23.48 -12.56 43.68
C PHE A 1618 23.92 -11.84 44.95
N PHE A 1619 25.03 -11.10 44.87
CA PHE A 1619 25.50 -10.34 46.03
C PHE A 1619 24.53 -9.21 46.36
N CYS A 1620 23.84 -8.69 45.34
CA CYS A 1620 22.75 -7.75 45.59
C CYS A 1620 21.65 -8.41 46.41
N MET A 1621 21.29 -9.65 46.06
CA MET A 1621 20.30 -10.39 46.81
C MET A 1621 20.78 -10.66 48.23
N GLY A 1622 22.04 -11.06 48.38
CA GLY A 1622 22.55 -11.42 49.69
C GLY A 1622 22.63 -10.26 50.65
N MET A 1623 23.12 -9.11 50.18
CA MET A 1623 23.34 -7.98 51.06
C MET A 1623 22.03 -7.51 51.71
N SER A 1624 20.96 -7.41 50.91
CA SER A 1624 19.66 -7.10 51.49
C SER A 1624 19.19 -8.20 52.42
N CYS A 1625 19.42 -9.45 52.06
CA CYS A 1625 19.04 -10.57 52.91
C CYS A 1625 19.86 -10.60 54.19
N CYS A 1626 21.16 -10.35 54.09
CA CYS A 1626 22.02 -10.35 55.27
C CYS A 1626 22.59 -8.96 55.54
N THR A 1638 15.78 2.54 49.15
CA THR A 1638 17.10 1.99 48.93
C THR A 1638 17.18 1.34 47.55
N GLY A 1639 16.02 1.00 46.99
CA GLY A 1639 15.95 0.40 45.68
C GLY A 1639 16.55 1.27 44.60
N SER A 1640 16.23 2.56 44.63
CA SER A 1640 16.83 3.50 43.68
C SER A 1640 18.34 3.57 43.87
N VAL A 1641 18.80 3.61 45.12
CA VAL A 1641 20.23 3.60 45.39
C VAL A 1641 20.86 2.31 44.90
N MET A 1642 20.19 1.18 45.12
CA MET A 1642 20.74 -0.11 44.71
C MET A 1642 20.84 -0.19 43.19
N ALA A 1643 19.91 0.44 42.48
CA ALA A 1643 20.02 0.51 41.02
C ALA A 1643 21.24 1.30 40.60
N GLY A 1644 21.53 2.40 41.30
CA GLY A 1644 22.66 3.25 40.92
C GLY A 1644 23.98 2.53 41.00
N ILE A 1645 24.22 1.82 42.10
CA ILE A 1645 25.47 1.07 42.24
C ILE A 1645 25.50 -0.09 41.25
N ALA A 1646 24.36 -0.73 41.00
CA ALA A 1646 24.31 -1.82 40.04
C ALA A 1646 24.66 -1.34 38.64
N HIS A 1647 23.98 -0.28 38.19
CA HIS A 1647 24.25 0.26 36.86
C HIS A 1647 25.61 0.95 36.82
N GLY A 1648 26.10 1.41 37.97
CA GLY A 1648 27.39 2.08 38.00
C GLY A 1648 28.53 1.18 37.58
N VAL A 1649 28.46 -0.10 37.96
CA VAL A 1649 29.52 -1.03 37.60
C VAL A 1649 29.21 -1.80 36.32
N ALA A 1650 27.92 -1.95 35.98
CA ALA A 1650 27.56 -2.62 34.73
C ALA A 1650 28.09 -1.90 33.51
N VAL A 1651 28.36 -0.60 33.63
CA VAL A 1651 28.97 0.14 32.52
C VAL A 1651 30.48 0.00 32.52
N ILE A 1652 31.12 0.15 33.69
CA ILE A 1652 32.58 0.13 33.73
C ILE A 1652 33.14 -1.24 33.36
N VAL A 1653 32.36 -2.31 33.56
CA VAL A 1653 32.87 -3.65 33.29
C VAL A 1653 33.14 -3.83 31.79
N HIS A 1654 32.22 -3.33 30.96
CA HIS A 1654 32.42 -3.41 29.52
C HIS A 1654 33.58 -2.53 29.08
N ILE A 1655 33.67 -1.33 29.64
CA ILE A 1655 34.74 -0.41 29.26
C ILE A 1655 36.10 -1.00 29.61
N ALA A 1656 36.20 -1.67 30.75
CA ALA A 1656 37.44 -2.33 31.11
C ALA A 1656 37.78 -3.45 30.14
N PHE A 1657 36.80 -4.28 29.78
CA PHE A 1657 37.06 -5.39 28.87
C PHE A 1657 37.39 -4.95 27.46
N PHE A 1658 36.94 -3.77 27.05
CA PHE A 1658 37.48 -3.13 25.86
C PHE A 1658 38.99 -2.91 25.97
N ILE A 1659 39.50 -2.70 27.17
CA ILE A 1659 40.92 -2.43 27.34
C ILE A 1659 41.73 -3.73 27.32
N VAL A 1660 41.21 -4.78 27.94
CA VAL A 1660 41.97 -6.03 28.02
C VAL A 1660 42.16 -6.62 26.63
N MET A 1661 41.16 -6.49 25.76
CA MET A 1661 41.29 -6.99 24.39
C MET A 1661 42.40 -6.24 23.64
N TRP A 1662 42.46 -4.92 23.84
CA TRP A 1662 43.51 -4.14 23.18
C TRP A 1662 44.89 -4.60 23.63
N VAL A 1663 45.06 -4.83 24.93
CA VAL A 1663 46.34 -5.29 25.44
C VAL A 1663 46.72 -6.66 24.88
N LEU A 1664 45.75 -7.58 24.78
CA LEU A 1664 46.05 -8.94 24.36
C LEU A 1664 46.74 -8.98 23.01
N GLU A 1665 46.39 -8.08 22.10
CA GLU A 1665 46.96 -8.05 20.75
C GLU A 1665 48.21 -7.17 20.68
N SER A 1666 48.91 -7.03 21.80
CA SER A 1666 50.20 -6.33 21.84
C SER A 1666 50.09 -4.91 21.30
N PHE A 1667 48.98 -4.25 21.66
CA PHE A 1667 48.79 -2.82 21.41
C PHE A 1667 48.77 -2.50 19.92
N ASN A 1668 48.04 -3.33 19.17
CA ASN A 1668 47.88 -3.13 17.72
C ASN A 1668 46.42 -2.80 17.46
N PHE A 1669 46.18 -1.56 17.05
CA PHE A 1669 44.82 -1.07 16.89
C PHE A 1669 44.08 -1.80 15.78
N VAL A 1670 44.76 -2.06 14.66
CA VAL A 1670 44.08 -2.59 13.48
C VAL A 1670 43.47 -3.95 13.77
N ARG A 1671 44.26 -4.86 14.34
CA ARG A 1671 43.78 -6.20 14.65
C ARG A 1671 43.07 -6.27 15.99
N MET A 1672 42.71 -5.12 16.55
CA MET A 1672 41.89 -5.06 17.77
C MET A 1672 40.43 -4.80 17.47
N LEU A 1673 40.14 -3.91 16.51
CA LEU A 1673 38.76 -3.58 16.18
C LEU A 1673 37.95 -4.82 15.84
N ILE A 1674 38.48 -5.67 14.97
CA ILE A 1674 37.74 -6.84 14.54
C ILE A 1674 37.47 -7.76 15.72
N GLY A 1675 38.30 -7.70 16.75
CA GLY A 1675 38.03 -8.46 17.96
C GLY A 1675 36.78 -7.98 18.68
N VAL A 1676 36.60 -6.67 18.73
CA VAL A 1676 35.43 -6.12 19.42
C VAL A 1676 34.15 -6.46 18.67
N VAL A 1677 34.17 -6.30 17.35
CA VAL A 1677 32.97 -6.52 16.54
C VAL A 1677 32.46 -7.94 16.73
N THR A 1678 33.38 -8.91 16.76
CA THR A 1678 32.98 -10.31 16.93
C THR A 1678 32.31 -10.52 18.27
N CYS A 1679 32.86 -9.93 19.33
CA CYS A 1679 32.31 -10.14 20.66
C CYS A 1679 30.87 -9.65 20.76
N ILE A 1680 30.58 -8.48 20.19
CA ILE A 1680 29.23 -7.91 20.25
C ILE A 1680 28.25 -8.85 19.57
N GLN A 1681 28.61 -9.33 18.38
CA GLN A 1681 27.73 -10.26 17.67
C GLN A 1681 27.51 -11.54 18.47
N CYS A 1682 28.59 -12.05 19.08
CA CYS A 1682 28.45 -13.25 19.89
C CYS A 1682 27.53 -13.02 21.08
N GLN A 1683 27.64 -11.86 21.73
CA GLN A 1683 26.81 -11.58 22.90
C GLN A 1683 25.33 -11.63 22.55
N ARG A 1684 24.93 -10.90 21.50
CA ARG A 1684 23.50 -10.80 21.20
C ARG A 1684 22.94 -12.10 20.69
N LEU A 1685 23.78 -13.00 20.17
CA LEU A 1685 23.30 -14.32 19.76
C LEU A 1685 22.80 -15.11 20.96
N ILE A 1686 23.52 -15.03 22.07
CA ILE A 1686 23.10 -15.73 23.29
C ILE A 1686 21.73 -15.21 23.73
N PHE A 1687 21.60 -13.88 23.81
CA PHE A 1687 20.34 -13.29 24.25
C PHE A 1687 19.22 -13.58 23.26
N HIS A 1688 19.55 -13.61 21.97
CA HIS A 1688 18.53 -13.76 20.93
C HIS A 1688 17.86 -15.12 21.04
N CYS A 1689 18.62 -16.16 21.39
CA CYS A 1689 18.06 -17.50 21.42
C CYS A 1689 17.56 -17.89 22.81
N MET A 1690 18.29 -17.50 23.85
CA MET A 1690 17.96 -17.92 25.21
C MET A 1690 16.58 -17.40 25.62
N THR A 1691 16.29 -16.14 25.31
CA THR A 1691 15.02 -15.56 25.71
C THR A 1691 13.86 -16.20 24.97
N ALA A 1692 13.99 -16.37 23.65
CA ALA A 1692 12.90 -16.91 22.84
C ALA A 1692 12.54 -18.33 23.27
N LEU A 1693 13.55 -19.15 23.56
CA LEU A 1693 13.29 -20.52 24.01
C LEU A 1693 12.61 -20.53 25.36
N MET A 1694 13.01 -19.63 26.26
CA MET A 1694 12.36 -19.53 27.56
C MET A 1694 10.90 -19.15 27.41
N LEU A 1695 10.61 -18.22 26.50
CA LEU A 1695 9.22 -17.88 26.18
C LEU A 1695 8.50 -19.10 25.60
N THR A 1696 9.18 -19.85 24.74
CA THR A 1696 8.61 -21.08 24.20
C THR A 1696 8.32 -22.08 25.32
N ARG A 1697 9.26 -22.24 26.24
CA ARG A 1697 9.12 -23.19 27.35
C ARG A 1697 8.36 -22.56 28.52
N THR A 1724 10.18 -23.17 37.00
CA THR A 1724 10.64 -22.41 35.84
C THR A 1724 10.65 -20.91 36.13
N GLN A 1725 9.74 -20.48 37.00
CA GLN A 1725 9.61 -19.07 37.35
C GLN A 1725 10.91 -18.52 37.94
N PRO A 1726 11.58 -19.20 38.89
CA PRO A 1726 12.89 -18.70 39.32
C PRO A 1726 13.89 -18.60 38.19
N SER A 1727 13.83 -19.54 37.23
CA SER A 1727 14.71 -19.46 36.07
C SER A 1727 14.38 -18.25 35.21
N ARG A 1728 13.09 -18.07 34.89
CA ARG A 1728 12.71 -17.00 33.97
C ARG A 1728 12.95 -15.62 34.56
N GLU A 1729 12.67 -15.46 35.86
CA GLU A 1729 12.74 -14.13 36.46
C GLU A 1729 14.16 -13.59 36.41
N LEU A 1730 15.16 -14.46 36.48
CA LEU A 1730 16.54 -14.01 36.35
C LEU A 1730 16.86 -13.63 34.91
N THR A 1731 16.25 -14.31 33.95
CA THR A 1731 16.58 -14.10 32.54
C THR A 1731 16.37 -12.65 32.13
N ALA A 1732 15.19 -12.10 32.44
CA ALA A 1732 14.87 -10.73 32.04
C ALA A 1732 15.80 -9.74 32.73
N LYS A 1733 16.16 -9.99 33.98
CA LYS A 1733 17.00 -9.06 34.72
C LYS A 1733 18.43 -9.05 34.15
N VAL A 1734 18.92 -10.20 33.70
CA VAL A 1734 20.27 -10.26 33.14
C VAL A 1734 20.34 -9.46 31.84
N ILE A 1735 19.40 -9.71 30.93
CA ILE A 1735 19.44 -9.08 29.62
C ILE A 1735 19.22 -7.58 29.74
N GLU A 1736 18.39 -7.17 30.70
CA GLU A 1736 18.01 -5.76 30.78
C GLU A 1736 19.19 -4.88 31.14
N LEU A 1737 19.93 -5.23 32.20
CA LEU A 1737 20.98 -4.34 32.69
C LEU A 1737 22.18 -4.36 31.76
N SER A 1738 22.47 -5.49 31.12
CA SER A 1738 23.54 -5.53 30.15
C SER A 1738 23.20 -4.67 28.94
N GLU A 1739 21.97 -4.77 28.45
CA GLU A 1739 21.52 -3.91 27.36
C GLU A 1739 21.60 -2.44 27.76
N PHE A 1740 21.40 -2.16 29.05
CA PHE A 1740 21.45 -0.80 29.54
C PHE A 1740 22.78 -0.11 29.22
N ALA A 1741 23.89 -0.76 29.58
CA ALA A 1741 25.20 -0.14 29.38
C ALA A 1741 25.44 0.17 27.90
N ALA A 1742 24.94 -0.69 27.02
CA ALA A 1742 25.04 -0.44 25.59
C ALA A 1742 24.29 0.81 25.16
N ASP A 1743 23.09 1.04 25.68
CA ASP A 1743 22.33 2.21 25.26
C ASP A 1743 22.93 3.49 25.82
N PHE A 1744 23.53 3.42 26.99
CA PHE A 1744 24.14 4.61 27.59
C PHE A 1744 25.26 5.16 26.71
N VAL A 1745 26.21 4.28 26.33
CA VAL A 1745 27.38 4.75 25.60
C VAL A 1745 26.97 5.25 24.22
N LEU A 1746 26.12 4.48 23.53
CA LEU A 1746 25.67 4.90 22.21
C LEU A 1746 24.90 6.21 22.27
N GLY A 1747 24.03 6.34 23.27
CA GLY A 1747 23.29 7.57 23.44
C GLY A 1747 24.20 8.74 23.74
N HIS A 1748 25.19 8.52 24.60
CA HIS A 1748 26.03 9.61 25.07
C HIS A 1748 26.90 10.17 23.94
N VAL A 1749 27.45 9.28 23.11
CA VAL A 1749 28.37 9.73 22.07
C VAL A 1749 27.64 10.57 21.03
N ILE A 1750 26.33 10.36 20.90
CA ILE A 1750 25.56 11.09 19.90
C ILE A 1750 25.62 12.59 20.17
N LEU A 1751 25.40 12.99 21.41
CA LEU A 1751 25.40 14.40 21.76
C LEU A 1751 26.78 14.89 22.20
N ILE A 1752 27.83 14.20 21.75
CA ILE A 1752 29.20 14.66 21.93
C ILE A 1752 29.78 15.23 20.65
N CYS A 1753 29.33 14.76 19.48
CA CYS A 1753 29.85 15.18 18.19
C CYS A 1753 29.23 16.47 17.68
N GLN A 1754 28.67 17.29 18.58
CA GLN A 1754 28.13 18.59 18.21
C GLN A 1754 28.88 19.73 18.87
N LEU A 1755 29.94 19.44 19.62
CA LEU A 1755 30.75 20.51 20.22
C LEU A 1755 31.24 21.52 19.18
N PRO A 1756 31.78 21.12 18.02
CA PRO A 1756 32.19 22.13 17.03
C PRO A 1756 31.02 22.60 16.17
N LEU A 1757 29.87 22.82 16.81
CA LEU A 1757 28.73 23.45 16.18
C LEU A 1757 28.15 24.49 17.12
N ILE A 1758 28.41 24.32 18.42
CA ILE A 1758 27.94 25.27 19.42
C ILE A 1758 28.90 26.43 19.59
N ILE A 1759 30.15 26.28 19.13
CA ILE A 1759 31.14 27.35 19.30
C ILE A 1759 30.75 28.57 18.49
N ILE A 1760 30.04 28.37 17.39
CA ILE A 1760 29.66 29.51 16.53
C ILE A 1760 28.68 30.40 17.29
N PRO A 1761 28.90 31.72 17.36
CA PRO A 1761 27.97 32.58 18.11
C PRO A 1761 26.56 32.60 17.54
N LYS A 1762 26.44 32.90 16.25
CA LYS A 1762 25.13 32.96 15.59
C LYS A 1762 24.91 31.61 14.90
N ILE A 1763 23.98 30.83 15.44
CA ILE A 1763 23.73 29.47 14.96
C ILE A 1763 22.28 29.26 14.53
N ASP A 1764 21.33 29.46 15.44
CA ASP A 1764 19.95 29.13 15.12
C ASP A 1764 19.36 30.12 14.11
N LYS A 1765 20.01 31.26 13.91
CA LYS A 1765 19.53 32.22 12.93
C LYS A 1765 19.51 31.62 11.53
N PHE A 1766 20.62 30.99 11.12
CA PHE A 1766 20.58 30.19 9.91
C PHE A 1766 19.63 29.01 10.05
N HIS A 1767 19.67 28.33 11.20
CA HIS A 1767 18.79 27.20 11.44
C HIS A 1767 17.32 27.60 11.26
N SER A 1768 16.97 28.80 11.73
CA SER A 1768 15.62 29.30 11.52
C SER A 1768 15.31 29.47 10.03
N ILE A 1769 16.27 29.99 9.28
CA ILE A 1769 16.05 30.25 7.85
C ILE A 1769 15.86 28.94 7.09
N MET A 1770 16.70 27.94 7.39
CA MET A 1770 16.56 26.65 6.72
C MET A 1770 15.18 26.04 6.94
N LEU A 1771 14.75 25.94 8.19
CA LEU A 1771 13.57 25.13 8.48
C LEU A 1771 12.29 25.83 8.04
N PHE A 1772 12.25 27.16 8.11
CA PHE A 1772 11.04 27.88 7.75
C PHE A 1772 10.80 27.78 6.25
N TRP A 1773 11.87 27.70 5.47
CA TRP A 1773 11.78 27.40 4.04
C TRP A 1773 11.01 26.11 3.83
N LEU A 1774 11.30 25.10 4.65
CA LEU A 1774 10.69 23.77 4.48
C LEU A 1774 9.18 23.86 4.66
N LYS A 1775 8.74 24.44 5.78
CA LYS A 1775 7.31 24.57 6.04
C LYS A 1775 7.05 25.54 7.18
N PRO A 1776 5.98 26.33 7.11
CA PRO A 1776 5.57 27.15 8.26
C PRO A 1776 4.60 26.39 9.15
N SER A 1777 4.73 26.55 10.47
CA SER A 1777 3.89 25.78 11.39
C SER A 1777 3.30 26.67 12.48
N ARG A 1778 3.05 27.95 12.16
CA ARG A 1778 2.43 28.88 13.09
C ARG A 1778 3.26 28.98 14.38
N GLN A 1779 4.48 29.49 14.22
CA GLN A 1779 5.46 29.52 15.29
C GLN A 1779 5.01 30.39 16.46
N ILE A 1780 5.53 30.10 17.65
CA ILE A 1780 5.21 30.85 18.86
C ILE A 1780 6.46 30.96 19.71
N ARG A 1781 6.67 32.13 20.29
CA ARG A 1781 7.86 32.41 21.11
C ARG A 1781 7.44 32.97 22.46
N PRO A 1782 7.58 32.21 23.54
CA PRO A 1782 7.11 32.67 24.84
C PRO A 1782 8.17 33.48 25.57
N PRO A 1783 7.86 34.73 25.91
CA PRO A 1783 8.78 35.51 26.76
C PRO A 1783 8.48 35.36 28.25
N ILE A 1784 8.60 34.15 28.78
CA ILE A 1784 8.21 33.86 30.15
C ILE A 1784 9.48 33.52 30.93
N TYR A 1785 10.06 34.53 31.56
CA TYR A 1785 11.31 34.39 32.33
C TYR A 1785 11.22 35.28 33.56
N SER A 1786 10.76 34.71 34.67
CA SER A 1786 10.70 35.47 35.92
C SER A 1786 12.10 35.66 36.49
N LEU A 1787 12.22 36.65 37.38
CA LEU A 1787 13.53 36.98 37.94
C LEU A 1787 14.13 35.80 38.70
N LYS A 1788 13.30 35.09 39.47
CA LYS A 1788 13.80 33.94 40.21
C LYS A 1788 14.04 32.76 39.30
N GLN A 1789 13.26 32.63 38.22
CA GLN A 1789 13.54 31.58 37.25
C GLN A 1789 14.86 31.82 36.55
N THR A 1790 15.15 33.08 36.21
CA THR A 1790 16.36 33.39 35.45
C THR A 1790 17.62 33.00 36.20
N ARG A 1791 17.71 33.37 37.48
CA ARG A 1791 18.90 33.06 38.25
C ARG A 1791 19.10 31.56 38.40
N LEU A 1792 18.02 30.84 38.72
CA LEU A 1792 18.12 29.39 38.88
C LEU A 1792 18.43 28.72 37.56
N ARG A 1793 17.80 29.18 36.48
CA ARG A 1793 18.06 28.63 35.15
C ARG A 1793 19.54 28.71 34.82
N LYS A 1794 20.14 29.89 34.98
CA LYS A 1794 21.57 30.03 34.77
C LYS A 1794 22.35 29.24 35.81
N ARG A 1795 21.84 29.19 37.04
CA ARG A 1795 22.52 28.46 38.11
C ARG A 1795 22.61 26.98 37.79
N MET A 1796 21.47 26.37 37.46
CA MET A 1796 21.43 24.91 37.35
C MET A 1796 22.05 24.43 36.03
N VAL A 1797 21.97 25.27 34.99
CA VAL A 1797 22.56 24.90 33.70
C VAL A 1797 24.07 24.74 33.84
N LYS A 1798 24.72 25.68 34.53
CA LYS A 1798 26.16 25.60 34.69
C LYS A 1798 26.56 24.43 35.58
N LYS A 1799 25.59 23.85 36.30
CA LYS A 1799 25.89 22.69 37.14
C LYS A 1799 26.30 21.49 36.29
N TYR A 1800 25.51 21.17 35.27
CA TYR A 1800 25.82 20.00 34.45
C TYR A 1800 26.77 20.35 33.31
N CYS A 1801 26.85 21.63 32.93
CA CYS A 1801 27.78 22.01 31.88
C CYS A 1801 29.21 21.65 32.27
N SER A 1802 29.53 21.71 33.57
CA SER A 1802 30.80 21.18 34.05
C SER A 1802 30.78 19.66 34.06
N LEU A 1803 29.66 19.07 34.50
CA LEU A 1803 29.55 17.62 34.58
C LEU A 1803 29.66 16.98 33.20
N TYR A 1804 29.06 17.63 32.19
CA TYR A 1804 29.12 17.11 30.84
C TYR A 1804 30.55 17.01 30.34
N PHE A 1805 31.37 18.01 30.61
CA PHE A 1805 32.76 17.98 30.17
C PHE A 1805 33.54 16.88 30.88
N LEU A 1806 33.17 16.59 32.14
CA LEU A 1806 33.92 15.60 32.90
C LEU A 1806 33.81 14.22 32.27
N VAL A 1807 32.59 13.79 31.97
CA VAL A 1807 32.40 12.46 31.38
C VAL A 1807 33.02 12.40 29.98
N LEU A 1808 33.10 13.56 29.31
CA LEU A 1808 33.81 13.62 28.04
C LEU A 1808 35.30 13.33 28.24
N ALA A 1809 35.88 13.88 29.30
CA ALA A 1809 37.31 13.72 29.53
C ALA A 1809 37.67 12.27 29.84
N ILE A 1810 36.86 11.61 30.66
CA ILE A 1810 37.17 10.23 31.05
C ILE A 1810 37.10 9.28 29.85
N PHE A 1811 36.18 9.51 28.92
CA PHE A 1811 36.06 8.64 27.75
C PHE A 1811 37.32 8.72 26.90
N ALA A 1812 37.79 9.94 26.63
CA ALA A 1812 39.01 10.14 25.86
C ALA A 1812 40.21 9.58 26.60
N GLY A 1813 40.20 9.73 27.93
CA GLY A 1813 41.30 9.19 28.73
C GLY A 1813 41.44 7.69 28.57
N CYS A 1814 40.32 6.98 28.47
CA CYS A 1814 40.33 5.53 28.27
C CYS A 1814 41.03 5.17 26.97
N ILE A 1815 40.93 6.03 25.95
CA ILE A 1815 41.57 5.80 24.68
C ILE A 1815 43.07 6.07 24.81
N ILE A 1816 43.43 7.23 25.34
CA ILE A 1816 44.82 7.69 25.35
C ILE A 1816 45.66 6.83 26.28
N GLY A 1817 45.01 6.16 27.24
CA GLY A 1817 45.71 5.34 28.20
C GLY A 1817 46.60 4.31 27.54
N PRO A 1818 45.99 3.31 26.91
CA PRO A 1818 46.76 2.32 26.14
C PRO A 1818 47.52 2.90 24.95
N ALA A 1819 47.12 4.06 24.45
CA ALA A 1819 47.82 4.63 23.29
C ALA A 1819 49.21 5.14 23.68
N VAL A 1820 49.35 5.74 24.86
CA VAL A 1820 50.65 6.22 25.32
C VAL A 1820 51.48 5.12 25.97
N ALA A 1821 50.85 4.05 26.43
CA ALA A 1821 51.56 2.90 26.99
C ALA A 1821 52.03 1.93 25.91
N SER A 1822 51.93 2.34 24.65
CA SER A 1822 52.37 1.51 23.53
C SER A 1822 53.87 1.64 23.27
N ALA A 1823 54.56 2.52 24.00
CA ALA A 1823 56.00 2.65 23.89
C ALA A 1823 56.72 2.32 25.19
N LYS A 1824 56.04 1.76 26.18
CA LYS A 1824 56.66 1.46 27.46
C LYS A 1824 57.02 -0.02 27.60
N ILE A 1825 56.30 -0.90 26.93
CA ILE A 1825 56.53 -2.34 27.00
C ILE A 1825 57.23 -2.75 25.72
N HIS A 1826 58.40 -3.37 25.85
CA HIS A 1826 59.23 -3.71 24.70
C HIS A 1826 59.65 -5.18 24.67
N LYS A 1827 59.65 -5.85 25.83
CA LYS A 1827 60.13 -7.23 25.86
C LYS A 1827 59.05 -8.21 25.39
N HIS A 1828 57.99 -8.34 26.18
CA HIS A 1828 56.84 -9.16 25.83
C HIS A 1828 55.77 -8.93 26.88
N ILE A 1829 54.66 -9.69 26.80
CA ILE A 1829 53.60 -9.53 27.78
C ILE A 1829 53.17 -10.87 28.37
N GLY A 1830 53.73 -11.97 27.87
CA GLY A 1830 53.43 -13.27 28.43
C GLY A 1830 54.35 -14.34 27.88
N ASP A 1831 54.64 -15.35 28.73
CA ASP A 1831 55.50 -16.45 28.30
C ASP A 1831 55.03 -17.82 28.79
N SER A 1832 53.74 -18.02 29.00
CA SER A 1832 53.21 -19.27 29.53
C SER A 1832 53.13 -20.34 28.44
N LEU A 1833 52.96 -21.59 28.86
CA LEU A 1833 52.90 -22.70 27.92
C LEU A 1833 51.81 -23.71 28.27
N ASP A 1834 51.84 -24.87 27.62
CA ASP A 1834 50.98 -26.01 27.93
C ASP A 1834 49.49 -25.66 27.75
N GLY A 1835 49.14 -25.39 26.50
CA GLY A 1835 47.74 -25.17 26.15
C GLY A 1835 47.40 -23.70 26.08
N VAL A 1836 47.97 -22.93 27.01
CA VAL A 1836 47.89 -21.48 26.97
C VAL A 1836 49.17 -20.90 26.37
N VAL A 1837 49.90 -21.70 25.59
CA VAL A 1837 51.21 -21.31 25.10
C VAL A 1837 51.08 -20.12 24.16
N HIS A 1838 51.91 -19.11 24.38
CA HIS A 1838 51.98 -17.92 23.52
C HIS A 1838 50.59 -17.32 23.35
N ASN A 1839 49.84 -17.32 24.45
CA ASN A 1839 48.43 -16.96 24.41
C ASN A 1839 48.19 -15.52 23.99
N LEU A 1840 48.95 -14.56 24.51
CA LEU A 1840 48.49 -13.18 24.39
C LEU A 1840 48.60 -12.71 22.95
N PHE A 1841 49.82 -12.52 22.44
CA PHE A 1841 50.05 -12.68 21.00
C PHE A 1841 51.54 -12.83 20.70
N GLN A 1842 52.01 -14.08 20.60
CA GLN A 1842 53.29 -14.53 20.07
C GLN A 1842 54.17 -13.35 19.65
N PRO A 1843 54.07 -12.83 18.39
CA PRO A 1843 55.18 -12.02 17.87
C PRO A 1843 55.30 -10.69 18.59
N ILE A 1844 56.45 -10.05 18.48
CA ILE A 1844 56.53 -8.61 18.72
C ILE A 1844 57.31 -7.98 17.57
N ASN A 1845 58.00 -8.81 16.78
CA ASN A 1845 58.82 -8.32 15.69
C ASN A 1845 59.01 -9.45 14.68
N THR A 1846 58.28 -9.38 13.56
CA THR A 1846 58.41 -10.36 12.49
C THR A 1846 58.44 -9.60 11.16
N THR A 1847 58.37 -10.34 10.06
CA THR A 1847 58.39 -9.78 8.73
C THR A 1847 57.40 -10.53 7.84
N ASN A 1848 56.96 -9.86 6.77
CA ASN A 1848 55.96 -10.44 5.88
C ASN A 1848 56.27 -10.20 4.42
N ASN A 1849 57.54 -10.33 4.04
CA ASN A 1849 57.93 -10.09 2.65
C ASN A 1849 58.90 -11.14 2.14
N ASP A 1850 58.58 -12.40 2.38
CA ASP A 1850 59.45 -13.49 1.92
C ASP A 1850 59.13 -13.80 0.45
N THR A 1851 59.67 -12.97 -0.43
CA THR A 1851 59.48 -13.10 -1.86
C THR A 1851 60.79 -12.76 -2.55
N GLY A 1852 60.74 -12.60 -3.88
CA GLY A 1852 61.89 -12.13 -4.63
C GLY A 1852 62.93 -13.19 -4.93
N SER A 1853 64.11 -13.05 -4.31
CA SER A 1853 65.22 -13.94 -4.61
C SER A 1853 64.91 -15.38 -4.20
N GLN A 1854 64.23 -15.56 -3.07
CA GLN A 1854 63.95 -16.90 -2.56
C GLN A 1854 63.16 -17.71 -3.57
N MET A 1855 63.68 -18.89 -3.90
CA MET A 1855 63.08 -19.75 -4.91
C MET A 1855 62.04 -20.69 -4.31
N SER A 1856 62.43 -21.49 -3.32
CA SER A 1856 61.54 -22.51 -2.76
C SER A 1856 61.87 -22.75 -1.29
N THR A 1857 61.09 -22.14 -0.39
CA THR A 1857 61.08 -22.52 1.01
C THR A 1857 59.66 -22.94 1.41
N TYR A 1858 59.47 -23.33 2.66
CA TYR A 1858 58.20 -23.95 3.05
C TYR A 1858 57.43 -23.07 4.03
N GLN A 1859 58.12 -22.53 5.04
CA GLN A 1859 57.54 -21.67 6.08
C GLN A 1859 56.16 -22.15 6.53
N SER A 1860 56.12 -23.40 6.98
CA SER A 1860 54.87 -23.99 7.42
C SER A 1860 54.49 -23.50 8.81
#